data_2KP7
#
_entry.id   2KP7
#
_cell.length_a   1.000
_cell.length_b   1.000
_cell.length_c   1.000
_cell.angle_alpha   90.00
_cell.angle_beta   90.00
_cell.angle_gamma   90.00
#
_symmetry.space_group_name_H-M   'P 1'
#
_entity_poly.entity_id   1
_entity_poly.type   'polypeptide(L)'
_entity_poly.pdbx_seq_one_letter_code
;GSRRASVRPLPVCPNPLFVRWLTEWRDEAASRGRHTRFVFQKALRSLQRYPLPLRSGKEAKILQHFGDRLCRMLDEKLKQ
HLASGGD
;
_entity_poly.pdbx_strand_id   A
#
# COMPACT_ATOMS: atom_id res chain seq x y z
N ARG A 8 4.78 14.57 -3.35
CA ARG A 8 5.14 15.96 -3.03
C ARG A 8 5.58 16.09 -1.56
N PRO A 9 6.48 17.07 -1.21
CA PRO A 9 6.99 17.27 0.18
C PRO A 9 5.92 17.87 1.13
N LEU A 10 4.75 18.24 0.57
CA LEU A 10 3.59 18.70 1.33
C LEU A 10 2.98 17.51 2.09
N PRO A 11 2.99 17.52 3.47
CA PRO A 11 2.42 16.43 4.30
C PRO A 11 0.87 16.55 4.45
N VAL A 12 0.24 17.27 3.51
CA VAL A 12 -1.22 17.42 3.46
C VAL A 12 -1.85 16.06 3.12
N CYS A 13 -2.78 15.61 3.99
CA CYS A 13 -3.35 14.24 4.01
C CYS A 13 -2.27 13.23 4.48
N PRO A 14 -2.38 12.71 5.76
CA PRO A 14 -1.53 11.58 6.23
C PRO A 14 -1.67 10.35 5.32
N ASN A 15 -0.80 10.29 4.30
CA ASN A 15 -0.77 9.18 3.36
C ASN A 15 0.21 8.12 3.90
N PRO A 16 -0.29 6.88 4.24
CA PRO A 16 0.54 5.73 4.70
C PRO A 16 1.81 5.49 3.86
N LEU A 17 2.77 4.79 4.48
CA LEU A 17 3.96 4.27 3.81
C LEU A 17 3.53 3.18 2.77
N PHE A 18 2.32 2.64 3.00
CA PHE A 18 1.63 1.71 2.10
C PHE A 18 1.31 2.37 0.74
N VAL A 19 1.00 3.69 0.76
CA VAL A 19 0.63 4.45 -0.47
C VAL A 19 1.78 4.41 -1.48
N ARG A 20 2.99 4.84 -1.03
CA ARG A 20 4.18 4.88 -1.90
C ARG A 20 4.57 3.46 -2.37
N TRP A 21 4.37 2.43 -1.51
CA TRP A 21 4.65 1.03 -1.88
C TRP A 21 3.70 0.54 -3.00
N LEU A 22 2.38 0.82 -2.85
CA LEU A 22 1.38 0.43 -3.86
C LEU A 22 1.58 1.20 -5.18
N THR A 23 2.11 2.43 -5.07
CA THR A 23 2.43 3.28 -6.22
C THR A 23 3.66 2.73 -6.98
N GLU A 24 4.75 2.43 -6.23
CA GLU A 24 6.04 2.00 -6.84
C GLU A 24 5.95 0.58 -7.40
N TRP A 25 5.19 -0.31 -6.73
CA TRP A 25 5.00 -1.70 -7.17
C TRP A 25 4.16 -1.74 -8.46
N ARG A 26 3.08 -0.94 -8.50
CA ARG A 26 2.22 -0.82 -9.69
C ARG A 26 2.98 -0.17 -10.87
N ASP A 27 3.85 0.80 -10.55
CA ASP A 27 4.67 1.53 -11.55
C ASP A 27 5.69 0.57 -12.20
N GLU A 28 6.41 -0.18 -11.33
CA GLU A 28 7.31 -1.25 -11.77
C GLU A 28 6.52 -2.30 -12.56
N ALA A 29 5.31 -2.63 -12.09
CA ALA A 29 4.43 -3.65 -12.72
C ALA A 29 3.95 -3.21 -14.10
N ALA A 30 3.86 -1.89 -14.32
CA ALA A 30 3.47 -1.31 -15.61
C ALA A 30 4.63 -1.38 -16.62
N SER A 31 5.87 -1.31 -16.08
CA SER A 31 7.11 -1.38 -16.88
C SER A 31 7.53 -2.86 -17.13
N ARG A 32 7.29 -3.75 -16.16
CA ARG A 32 7.75 -5.16 -16.17
C ARG A 32 6.69 -6.10 -16.77
N GLY A 33 5.42 -5.67 -16.69
CA GLY A 33 4.29 -6.49 -17.16
C GLY A 33 3.79 -7.48 -16.12
N ARG A 34 3.87 -7.07 -14.84
CA ARG A 34 3.40 -7.90 -13.71
C ARG A 34 1.86 -7.81 -13.62
N HIS A 35 1.19 -8.97 -13.44
CA HIS A 35 -0.29 -9.06 -13.41
C HIS A 35 -0.86 -8.53 -12.08
N THR A 36 0.02 -8.37 -11.08
CA THR A 36 -0.34 -7.84 -9.75
C THR A 36 -0.59 -6.32 -9.78
N ARG A 37 -0.29 -5.68 -10.93
CA ARG A 37 -0.53 -4.25 -11.19
C ARG A 37 -1.98 -3.82 -10.88
N PHE A 38 -2.91 -4.74 -11.17
CA PHE A 38 -4.36 -4.53 -11.03
C PHE A 38 -4.78 -4.57 -9.54
N VAL A 39 -4.20 -5.50 -8.74
CA VAL A 39 -4.54 -5.65 -7.32
C VAL A 39 -3.93 -4.50 -6.49
N PHE A 40 -2.75 -4.01 -6.93
CA PHE A 40 -2.09 -2.84 -6.33
C PHE A 40 -2.87 -1.56 -6.65
N GLN A 41 -3.54 -1.54 -7.83
CA GLN A 41 -4.38 -0.40 -8.25
C GLN A 41 -5.63 -0.26 -7.36
N LYS A 42 -6.45 -1.33 -7.30
CA LYS A 42 -7.74 -1.31 -6.55
C LYS A 42 -7.52 -1.07 -5.04
N ALA A 43 -6.34 -1.52 -4.55
CA ALA A 43 -5.90 -1.26 -3.17
C ALA A 43 -5.56 0.24 -2.98
N LEU A 44 -4.74 0.77 -3.91
CA LEU A 44 -4.26 2.16 -3.87
C LEU A 44 -5.44 3.15 -3.98
N ARG A 45 -6.38 2.86 -4.88
CA ARG A 45 -7.56 3.72 -5.16
C ARG A 45 -8.48 3.74 -3.93
N SER A 46 -8.62 2.56 -3.30
CA SER A 46 -9.39 2.39 -2.06
C SER A 46 -8.81 3.26 -0.94
N LEU A 47 -7.48 3.27 -0.84
CA LEU A 47 -6.73 4.02 0.19
C LEU A 47 -6.87 5.54 -0.05
N GLN A 48 -6.83 5.95 -1.34
CA GLN A 48 -6.95 7.36 -1.75
C GLN A 48 -8.35 7.92 -1.45
N ARG A 49 -9.38 7.06 -1.48
CA ARG A 49 -10.78 7.47 -1.19
C ARG A 49 -11.14 7.22 0.30
N TYR A 50 -10.26 6.48 1.03
CA TYR A 50 -10.46 6.18 2.45
C TYR A 50 -9.72 7.22 3.32
N PRO A 51 -10.43 8.00 4.20
CA PRO A 51 -9.81 9.13 4.97
C PRO A 51 -9.06 8.69 6.25
N LEU A 52 -8.67 7.41 6.31
CA LEU A 52 -7.98 6.82 7.46
C LEU A 52 -6.54 6.42 7.03
N PRO A 53 -5.47 6.95 7.71
CA PRO A 53 -4.08 6.51 7.45
C PRO A 53 -3.82 5.09 8.02
N LEU A 54 -3.87 4.09 7.12
CA LEU A 54 -3.59 2.68 7.45
C LEU A 54 -2.13 2.53 7.93
N ARG A 55 -1.95 2.22 9.21
CA ARG A 55 -0.63 2.04 9.82
C ARG A 55 -0.27 0.53 9.86
N SER A 56 -1.32 -0.31 9.91
CA SER A 56 -1.20 -1.77 10.00
C SER A 56 -2.01 -2.44 8.87
N GLY A 57 -1.63 -3.68 8.54
CA GLY A 57 -2.38 -4.53 7.63
C GLY A 57 -3.73 -4.97 8.23
N LYS A 58 -3.82 -4.93 9.57
CA LYS A 58 -5.08 -5.15 10.32
C LYS A 58 -6.14 -4.09 9.91
N GLU A 59 -5.67 -2.84 9.75
CA GLU A 59 -6.52 -1.71 9.34
C GLU A 59 -6.86 -1.79 7.83
N ALA A 60 -5.96 -2.42 7.06
CA ALA A 60 -6.16 -2.66 5.61
C ALA A 60 -7.07 -3.89 5.37
N LYS A 61 -7.20 -4.75 6.41
CA LYS A 61 -7.97 -6.02 6.35
C LYS A 61 -9.48 -5.75 6.14
N ILE A 62 -9.99 -4.67 6.78
CA ILE A 62 -11.41 -4.27 6.69
C ILE A 62 -11.78 -3.85 5.25
N LEU A 63 -10.76 -3.41 4.48
CA LEU A 63 -10.90 -2.99 3.08
C LEU A 63 -10.73 -4.21 2.17
N GLN A 64 -11.88 -4.70 1.67
CA GLN A 64 -11.95 -5.88 0.79
C GLN A 64 -11.35 -5.60 -0.60
N HIS A 65 -11.23 -4.29 -0.95
CA HIS A 65 -10.60 -3.82 -2.20
C HIS A 65 -9.12 -4.22 -2.23
N PHE A 66 -8.46 -4.18 -1.06
CA PHE A 66 -7.11 -4.70 -0.86
C PHE A 66 -7.12 -6.23 -0.99
N GLY A 67 -7.79 -6.89 -0.03
CA GLY A 67 -7.75 -8.35 0.11
C GLY A 67 -6.64 -8.78 1.07
N ASP A 68 -6.79 -9.96 1.68
CA ASP A 68 -5.92 -10.45 2.77
C ASP A 68 -4.43 -10.59 2.34
N ARG A 69 -4.21 -10.97 1.07
CA ARG A 69 -2.84 -11.10 0.49
C ARG A 69 -2.13 -9.75 0.51
N LEU A 70 -2.89 -8.73 0.07
CA LEU A 70 -2.44 -7.33 -0.07
C LEU A 70 -2.10 -6.76 1.34
N CYS A 71 -3.06 -6.95 2.27
CA CYS A 71 -2.95 -6.49 3.67
C CYS A 71 -1.73 -7.10 4.36
N ARG A 72 -1.49 -8.39 4.07
CA ARG A 72 -0.35 -9.17 4.61
C ARG A 72 0.99 -8.60 4.12
N MET A 73 1.06 -8.32 2.80
CA MET A 73 2.29 -7.79 2.15
C MET A 73 2.67 -6.43 2.74
N LEU A 74 1.68 -5.54 2.83
CA LEU A 74 1.83 -4.18 3.41
C LEU A 74 2.37 -4.21 4.84
N ASP A 75 1.82 -5.10 5.67
CA ASP A 75 2.16 -5.20 7.10
C ASP A 75 3.58 -5.80 7.27
N GLU A 76 3.91 -6.79 6.41
CA GLU A 76 5.26 -7.39 6.35
C GLU A 76 6.31 -6.36 5.95
N LYS A 77 5.98 -5.52 4.95
CA LYS A 77 6.86 -4.45 4.46
C LYS A 77 7.06 -3.38 5.54
N LEU A 78 5.97 -3.02 6.24
CA LEU A 78 6.00 -2.00 7.32
C LEU A 78 7.01 -2.44 8.40
N LYS A 79 6.98 -3.75 8.71
CA LYS A 79 7.93 -4.41 9.62
C LYS A 79 9.39 -4.29 9.09
N GLN A 80 9.59 -4.62 7.79
CA GLN A 80 10.94 -4.69 7.17
C GLN A 80 11.61 -3.29 7.14
N HIS A 81 10.79 -2.28 6.79
CA HIS A 81 11.24 -0.88 6.63
C HIS A 81 11.78 -0.34 7.94
N LEU A 82 10.98 -0.49 9.01
CA LEU A 82 11.35 0.02 10.36
C LEU A 82 12.59 -0.70 10.90
N ALA A 83 12.73 -1.99 10.52
CA ALA A 83 13.85 -2.85 10.95
C ALA A 83 15.16 -2.51 10.20
N SER A 84 15.04 -2.14 8.91
CA SER A 84 16.20 -1.94 8.02
C SER A 84 16.53 -0.45 7.80
N GLY A 85 15.62 0.45 8.23
CA GLY A 85 15.75 1.89 7.98
C GLY A 85 15.09 2.30 6.66
N GLY A 86 15.57 1.69 5.54
CA GLY A 86 15.03 1.94 4.20
C GLY A 86 14.13 0.81 3.71
N ASP A 87 14.08 0.64 2.36
CA ASP A 87 13.25 -0.38 1.66
C ASP A 87 11.72 -0.07 1.82
N ARG A 8 -3.95 27.10 7.16
CA ARG A 8 -2.64 27.59 7.65
C ARG A 8 -1.52 26.73 7.01
N PRO A 9 -0.62 27.33 6.16
CA PRO A 9 0.50 26.59 5.52
C PRO A 9 1.57 26.20 6.55
N LEU A 10 1.86 24.89 6.66
CA LEU A 10 2.87 24.35 7.60
C LEU A 10 3.50 23.05 7.01
N PRO A 11 4.78 22.72 7.38
CA PRO A 11 5.43 21.46 6.94
C PRO A 11 4.82 20.22 7.66
N VAL A 12 3.84 19.60 7.00
CA VAL A 12 3.17 18.38 7.48
C VAL A 12 3.90 17.10 6.98
N CYS A 13 4.70 17.28 5.90
CA CYS A 13 5.40 16.19 5.18
C CYS A 13 4.38 15.19 4.58
N PRO A 14 3.75 15.51 3.41
CA PRO A 14 2.72 14.65 2.78
C PRO A 14 3.37 13.50 1.96
N ASN A 15 4.02 12.57 2.68
CA ASN A 15 4.72 11.42 2.11
C ASN A 15 4.25 10.13 2.82
N PRO A 16 3.04 9.58 2.46
CA PRO A 16 2.50 8.35 3.08
C PRO A 16 3.18 7.08 2.50
N LEU A 17 3.71 6.24 3.40
CA LEU A 17 4.60 5.10 3.05
C LEU A 17 3.84 4.00 2.26
N PHE A 18 2.60 3.75 2.68
CA PHE A 18 1.71 2.78 2.01
C PHE A 18 1.26 3.26 0.64
N VAL A 19 1.03 4.58 0.51
CA VAL A 19 0.55 5.19 -0.75
C VAL A 19 1.64 5.10 -1.84
N ARG A 20 2.87 5.57 -1.51
CA ARG A 20 4.01 5.51 -2.46
C ARG A 20 4.30 4.06 -2.86
N TRP A 21 4.22 3.11 -1.90
CA TRP A 21 4.48 1.69 -2.15
C TRP A 21 3.45 1.09 -3.13
N LEU A 22 2.15 1.32 -2.90
CA LEU A 22 1.08 0.82 -3.79
C LEU A 22 1.15 1.47 -5.19
N THR A 23 1.67 2.72 -5.24
CA THR A 23 1.87 3.47 -6.49
C THR A 23 3.00 2.85 -7.34
N GLU A 24 4.17 2.65 -6.70
CA GLU A 24 5.39 2.22 -7.40
C GLU A 24 5.29 0.74 -7.79
N TRP A 25 4.75 -0.11 -6.89
CA TRP A 25 4.59 -1.56 -7.12
C TRP A 25 3.57 -1.80 -8.26
N ARG A 26 2.54 -0.94 -8.33
CA ARG A 26 1.57 -0.92 -9.46
C ARG A 26 2.29 -0.61 -10.79
N ASP A 27 3.20 0.38 -10.72
CA ASP A 27 3.96 0.90 -11.89
C ASP A 27 5.07 -0.09 -12.33
N GLU A 28 5.60 -0.84 -11.35
CA GLU A 28 6.62 -1.89 -11.58
C GLU A 28 5.94 -3.14 -12.16
N ALA A 29 4.72 -3.41 -11.69
CA ALA A 29 3.87 -4.51 -12.20
C ALA A 29 3.26 -4.14 -13.56
N ALA A 30 3.18 -2.85 -13.87
CA ALA A 30 2.82 -2.37 -15.21
C ALA A 30 3.98 -2.62 -16.18
N SER A 31 5.19 -2.31 -15.70
CA SER A 31 6.44 -2.45 -16.48
C SER A 31 6.79 -3.94 -16.70
N ARG A 32 6.44 -4.79 -15.71
CA ARG A 32 6.71 -6.26 -15.75
C ARG A 32 5.49 -7.02 -16.33
N GLY A 33 4.37 -6.30 -16.60
CA GLY A 33 3.17 -6.89 -17.18
C GLY A 33 2.46 -7.90 -16.27
N ARG A 34 2.61 -7.71 -14.95
CA ARG A 34 2.01 -8.57 -13.92
C ARG A 34 0.51 -8.28 -13.72
N HIS A 35 -0.23 -9.33 -13.31
CA HIS A 35 -1.68 -9.24 -13.00
C HIS A 35 -1.91 -8.45 -11.70
N THR A 36 -0.86 -8.36 -10.87
CA THR A 36 -0.91 -7.66 -9.57
C THR A 36 -1.01 -6.14 -9.72
N ARG A 37 -0.76 -5.60 -10.95
CA ARG A 37 -0.94 -4.15 -11.23
C ARG A 37 -2.37 -3.70 -10.85
N PHE A 38 -3.34 -4.57 -11.17
CA PHE A 38 -4.77 -4.35 -10.89
C PHE A 38 -5.03 -4.25 -9.37
N VAL A 39 -4.45 -5.19 -8.59
CA VAL A 39 -4.71 -5.28 -7.14
C VAL A 39 -4.00 -4.14 -6.38
N PHE A 40 -2.82 -3.69 -6.88
CA PHE A 40 -2.11 -2.51 -6.34
C PHE A 40 -2.88 -1.21 -6.68
N GLN A 41 -3.54 -1.20 -7.86
CA GLN A 41 -4.30 -0.03 -8.36
C GLN A 41 -5.53 0.23 -7.49
N LYS A 42 -6.36 -0.81 -7.34
CA LYS A 42 -7.63 -0.74 -6.61
C LYS A 42 -7.38 -0.56 -5.09
N ALA A 43 -6.27 -1.13 -4.59
CA ALA A 43 -5.84 -0.97 -3.19
C ALA A 43 -5.44 0.48 -2.92
N LEU A 44 -4.66 1.06 -3.86
CA LEU A 44 -4.17 2.44 -3.77
C LEU A 44 -5.33 3.45 -3.71
N ARG A 45 -6.23 3.35 -4.71
CA ARG A 45 -7.37 4.27 -4.87
C ARG A 45 -8.39 4.10 -3.73
N SER A 46 -8.48 2.86 -3.20
CA SER A 46 -9.33 2.55 -2.03
C SER A 46 -8.76 3.23 -0.76
N LEU A 47 -7.42 3.25 -0.65
CA LEU A 47 -6.71 3.88 0.49
C LEU A 47 -6.91 5.42 0.44
N GLN A 48 -6.88 5.97 -0.79
CA GLN A 48 -7.07 7.41 -1.05
C GLN A 48 -8.45 7.89 -0.58
N ARG A 49 -9.49 7.08 -0.89
CA ARG A 49 -10.89 7.42 -0.55
C ARG A 49 -11.24 7.09 0.92
N TYR A 50 -10.46 6.15 1.53
CA TYR A 50 -10.77 5.58 2.86
C TYR A 50 -10.49 6.64 3.97
N PRO A 51 -11.48 6.90 4.90
CA PRO A 51 -11.35 7.98 5.93
C PRO A 51 -10.34 7.60 7.06
N LEU A 52 -9.98 6.31 7.15
CA LEU A 52 -9.01 5.82 8.14
C LEU A 52 -7.59 5.81 7.52
N PRO A 53 -6.54 6.35 8.22
CA PRO A 53 -5.15 6.31 7.72
C PRO A 53 -4.53 4.92 8.00
N LEU A 54 -4.51 4.08 6.94
CA LEU A 54 -4.02 2.68 7.04
C LEU A 54 -2.52 2.63 7.33
N ARG A 55 -2.20 2.55 8.63
CA ARG A 55 -0.84 2.53 9.16
C ARG A 55 -0.18 1.16 8.96
N SER A 56 -0.97 0.10 9.22
CA SER A 56 -0.51 -1.30 9.12
C SER A 56 -1.37 -2.08 8.10
N GLY A 57 -0.79 -3.16 7.54
CA GLY A 57 -1.53 -4.07 6.67
C GLY A 57 -2.57 -4.89 7.45
N LYS A 58 -2.40 -4.95 8.78
CA LYS A 58 -3.44 -5.39 9.73
C LYS A 58 -4.74 -4.57 9.55
N GLU A 59 -4.55 -3.25 9.40
CA GLU A 59 -5.64 -2.29 9.19
C GLU A 59 -6.14 -2.32 7.72
N ALA A 60 -5.21 -2.64 6.80
CA ALA A 60 -5.50 -2.63 5.35
C ALA A 60 -6.22 -3.91 4.88
N LYS A 61 -6.06 -5.01 5.65
CA LYS A 61 -6.57 -6.35 5.26
C LYS A 61 -8.10 -6.43 5.32
N ILE A 62 -8.72 -5.54 6.12
CA ILE A 62 -10.20 -5.48 6.26
C ILE A 62 -10.88 -5.04 4.94
N LEU A 63 -10.10 -4.40 4.04
CA LEU A 63 -10.58 -4.02 2.70
C LEU A 63 -10.25 -5.14 1.70
N GLN A 64 -11.25 -5.53 0.90
CA GLN A 64 -11.13 -6.61 -0.10
C GLN A 64 -10.42 -6.11 -1.38
N HIS A 65 -10.40 -4.77 -1.58
CA HIS A 65 -9.65 -4.13 -2.69
C HIS A 65 -8.15 -4.40 -2.53
N PHE A 66 -7.69 -4.43 -1.26
CA PHE A 66 -6.38 -4.93 -0.90
C PHE A 66 -6.42 -6.47 -0.98
N GLY A 67 -7.03 -7.10 0.03
CA GLY A 67 -7.02 -8.55 0.18
C GLY A 67 -5.87 -9.02 1.09
N ASP A 68 -5.87 -10.33 1.36
CA ASP A 68 -4.92 -10.97 2.28
C ASP A 68 -3.45 -10.81 1.83
N ARG A 69 -3.15 -11.27 0.61
CA ARG A 69 -1.77 -11.36 0.07
C ARG A 69 -1.18 -9.97 -0.26
N LEU A 70 -2.07 -9.03 -0.63
CA LEU A 70 -1.69 -7.62 -0.87
C LEU A 70 -1.13 -7.03 0.45
N CYS A 71 -1.94 -7.16 1.51
CA CYS A 71 -1.62 -6.65 2.84
C CYS A 71 -0.44 -7.41 3.47
N ARG A 72 -0.23 -8.65 3.04
CA ARG A 72 0.99 -9.42 3.38
C ARG A 72 2.24 -8.68 2.84
N MET A 73 2.23 -8.30 1.55
CA MET A 73 3.41 -7.66 0.92
C MET A 73 3.64 -6.27 1.54
N LEU A 74 2.54 -5.55 1.72
CA LEU A 74 2.48 -4.18 2.21
C LEU A 74 2.98 -4.06 3.67
N ASP A 75 2.41 -4.92 4.53
CA ASP A 75 2.69 -4.91 5.99
C ASP A 75 4.07 -5.49 6.32
N GLU A 76 4.44 -6.61 5.66
CA GLU A 76 5.76 -7.24 5.89
C GLU A 76 6.89 -6.25 5.55
N LYS A 77 6.72 -5.50 4.45
CA LYS A 77 7.61 -4.39 4.08
C LYS A 77 7.69 -3.34 5.21
N LEU A 78 6.52 -2.87 5.68
CA LEU A 78 6.41 -1.91 6.80
C LEU A 78 7.15 -2.43 8.06
N LYS A 79 6.98 -3.73 8.31
CA LYS A 79 7.51 -4.42 9.48
C LYS A 79 9.04 -4.47 9.43
N GLN A 80 9.58 -4.68 8.21
CA GLN A 80 11.02 -4.73 7.96
C GLN A 80 11.61 -3.32 8.03
N HIS A 81 10.80 -2.34 7.57
CA HIS A 81 11.17 -0.92 7.58
C HIS A 81 11.30 -0.40 9.03
N LEU A 82 10.36 -0.82 9.89
CA LEU A 82 10.30 -0.37 11.30
C LEU A 82 11.33 -1.10 12.17
N ALA A 83 11.42 -2.44 11.99
CA ALA A 83 12.29 -3.31 12.83
C ALA A 83 13.78 -3.03 12.55
N SER A 84 14.13 -2.94 11.26
CA SER A 84 15.51 -2.64 10.83
C SER A 84 15.81 -1.13 11.01
N GLY A 85 14.76 -0.29 10.93
CA GLY A 85 14.92 1.16 11.00
C GLY A 85 15.42 1.74 9.68
N GLY A 86 14.98 1.09 8.58
CA GLY A 86 15.36 1.49 7.24
C GLY A 86 14.84 0.51 6.19
N ASP A 87 15.17 0.78 4.93
CA ASP A 87 14.67 0.03 3.77
C ASP A 87 15.84 -0.19 2.78
N ARG A 8 2.36 20.45 -2.36
CA ARG A 8 2.24 19.40 -1.33
C ARG A 8 1.91 20.04 0.03
N PRO A 9 0.66 19.88 0.56
CA PRO A 9 0.34 20.21 1.97
C PRO A 9 0.78 19.06 2.93
N LEU A 10 1.25 19.43 4.13
CA LEU A 10 1.58 18.46 5.21
C LEU A 10 0.40 18.37 6.21
N PRO A 11 -0.40 17.26 6.16
CA PRO A 11 -1.54 17.05 7.09
C PRO A 11 -1.07 16.49 8.46
N VAL A 12 -2.01 15.90 9.21
CA VAL A 12 -1.71 15.19 10.47
C VAL A 12 -1.51 13.67 10.19
N CYS A 13 -1.41 13.33 8.90
CA CYS A 13 -1.29 11.93 8.42
C CYS A 13 0.02 11.29 8.91
N PRO A 14 0.01 9.96 9.23
CA PRO A 14 1.23 9.20 9.58
C PRO A 14 2.06 8.87 8.32
N ASN A 15 3.16 8.13 8.51
CA ASN A 15 4.00 7.67 7.39
C ASN A 15 4.22 6.13 7.48
N PRO A 16 3.19 5.30 7.09
CA PRO A 16 3.34 3.83 6.96
C PRO A 16 3.85 3.42 5.56
N LEU A 17 3.95 4.41 4.66
CA LEU A 17 4.48 4.24 3.29
C LEU A 17 3.58 3.34 2.40
N PHE A 18 2.34 3.02 2.86
CA PHE A 18 1.43 2.12 2.11
C PHE A 18 1.00 2.73 0.77
N VAL A 19 0.73 4.05 0.79
CA VAL A 19 0.36 4.82 -0.41
C VAL A 19 1.45 4.71 -1.50
N ARG A 20 2.71 4.97 -1.10
CA ARG A 20 3.83 5.02 -2.06
C ARG A 20 4.22 3.61 -2.53
N TRP A 21 4.06 2.60 -1.64
CA TRP A 21 4.36 1.18 -1.98
C TRP A 21 3.36 0.66 -3.02
N LEU A 22 2.07 0.97 -2.84
CA LEU A 22 1.01 0.59 -3.81
C LEU A 22 1.21 1.30 -5.17
N THR A 23 1.77 2.52 -5.14
CA THR A 23 2.07 3.30 -6.35
C THR A 23 3.32 2.74 -7.09
N GLU A 24 4.41 2.49 -6.35
CA GLU A 24 5.70 2.08 -6.93
C GLU A 24 5.65 0.62 -7.41
N TRP A 25 4.85 -0.23 -6.74
CA TRP A 25 4.64 -1.64 -7.14
C TRP A 25 3.66 -1.74 -8.32
N ARG A 26 2.70 -0.78 -8.40
CA ARG A 26 1.87 -0.56 -9.61
C ARG A 26 2.79 -0.21 -10.81
N ASP A 27 3.81 0.62 -10.54
CA ASP A 27 4.82 1.05 -11.53
C ASP A 27 5.72 -0.14 -11.93
N GLU A 28 6.08 -0.97 -10.93
CA GLU A 28 6.83 -2.23 -11.13
C GLU A 28 6.04 -3.21 -12.01
N ALA A 29 4.71 -3.22 -11.82
CA ALA A 29 3.79 -4.07 -12.58
C ALA A 29 3.67 -3.56 -14.02
N ALA A 30 3.70 -2.23 -14.18
CA ALA A 30 3.65 -1.56 -15.50
C ALA A 30 4.98 -1.73 -16.27
N SER A 31 6.07 -1.98 -15.52
CA SER A 31 7.43 -2.14 -16.07
C SER A 31 7.66 -3.59 -16.53
N ARG A 32 7.20 -4.56 -15.71
CA ARG A 32 7.45 -6.01 -15.93
C ARG A 32 6.19 -6.74 -16.45
N GLY A 33 5.13 -5.98 -16.77
CA GLY A 33 3.89 -6.54 -17.30
C GLY A 33 3.18 -7.49 -16.33
N ARG A 34 3.37 -7.23 -15.02
CA ARG A 34 2.81 -8.05 -13.94
C ARG A 34 1.29 -7.84 -13.83
N HIS A 35 0.54 -8.95 -13.71
CA HIS A 35 -0.94 -8.95 -13.65
C HIS A 35 -1.44 -8.21 -12.39
N THR A 36 -0.55 -8.09 -11.39
CA THR A 36 -0.81 -7.41 -10.10
C THR A 36 -1.08 -5.90 -10.25
N ARG A 37 -0.96 -5.35 -11.48
CA ARG A 37 -1.27 -3.95 -11.81
C ARG A 37 -2.66 -3.54 -11.28
N PHE A 38 -3.64 -4.43 -11.52
CA PHE A 38 -5.05 -4.20 -11.20
C PHE A 38 -5.30 -4.26 -9.67
N VAL A 39 -4.63 -5.21 -8.97
CA VAL A 39 -4.83 -5.37 -7.50
C VAL A 39 -4.16 -4.22 -6.73
N PHE A 40 -3.04 -3.68 -7.28
CA PHE A 40 -2.36 -2.51 -6.70
C PHE A 40 -3.15 -1.22 -6.99
N GLN A 41 -3.87 -1.20 -8.14
CA GLN A 41 -4.70 -0.05 -8.52
C GLN A 41 -5.94 0.06 -7.60
N LYS A 42 -6.67 -1.06 -7.43
CA LYS A 42 -7.91 -1.08 -6.63
C LYS A 42 -7.60 -0.87 -5.14
N ALA A 43 -6.40 -1.33 -4.70
CA ALA A 43 -5.92 -1.14 -3.32
C ALA A 43 -5.50 0.33 -3.09
N LEU A 44 -4.77 0.91 -4.08
CA LEU A 44 -4.27 2.29 -4.01
C LEU A 44 -5.45 3.28 -3.97
N ARG A 45 -6.31 3.20 -5.01
CA ARG A 45 -7.47 4.10 -5.20
C ARG A 45 -8.44 4.02 -4.00
N SER A 46 -8.61 2.79 -3.44
CA SER A 46 -9.41 2.57 -2.22
C SER A 46 -8.82 3.39 -1.06
N LEU A 47 -7.50 3.28 -0.88
CA LEU A 47 -6.74 3.98 0.18
C LEU A 47 -6.82 5.53 -0.03
N GLN A 48 -6.84 5.95 -1.31
CA GLN A 48 -6.83 7.39 -1.69
C GLN A 48 -8.14 8.09 -1.29
N ARG A 49 -9.27 7.37 -1.37
CA ARG A 49 -10.59 7.91 -0.95
C ARG A 49 -10.91 7.53 0.51
N TYR A 50 -10.16 6.56 1.07
CA TYR A 50 -10.46 6.01 2.41
C TYR A 50 -9.98 7.00 3.50
N PRO A 51 -10.91 7.51 4.37
CA PRO A 51 -10.59 8.58 5.35
C PRO A 51 -9.80 8.08 6.58
N LEU A 52 -9.54 6.76 6.66
CA LEU A 52 -8.74 6.18 7.75
C LEU A 52 -7.24 6.23 7.40
N PRO A 53 -6.34 6.48 8.40
CA PRO A 53 -4.88 6.67 8.16
C PRO A 53 -4.19 5.38 7.66
N LEU A 54 -4.63 4.23 8.21
CA LEU A 54 -4.08 2.88 7.90
C LEU A 54 -2.54 2.86 8.14
N ARG A 55 -2.13 2.92 9.41
CA ARG A 55 -0.69 2.94 9.77
C ARG A 55 -0.12 1.51 9.84
N SER A 56 -0.95 0.57 10.26
CA SER A 56 -0.59 -0.86 10.38
C SER A 56 -1.17 -1.65 9.20
N GLY A 57 -0.50 -2.76 8.84
CA GLY A 57 -1.03 -3.73 7.87
C GLY A 57 -2.26 -4.45 8.40
N LYS A 58 -2.37 -4.48 9.74
CA LYS A 58 -3.55 -4.92 10.49
C LYS A 58 -4.75 -3.98 10.18
N GLU A 59 -4.47 -2.67 10.04
CA GLU A 59 -5.47 -1.66 9.65
C GLU A 59 -5.83 -1.80 8.15
N ALA A 60 -4.81 -2.08 7.32
CA ALA A 60 -4.99 -2.27 5.85
C ALA A 60 -5.77 -3.57 5.54
N LYS A 61 -5.89 -4.45 6.54
CA LYS A 61 -6.61 -5.74 6.44
C LYS A 61 -8.13 -5.54 6.30
N ILE A 62 -8.68 -4.44 6.89
CA ILE A 62 -10.14 -4.22 6.95
C ILE A 62 -10.74 -3.89 5.56
N LEU A 63 -9.86 -3.68 4.56
CA LEU A 63 -10.28 -3.41 3.16
C LEU A 63 -10.10 -4.68 2.32
N GLN A 64 -11.22 -5.23 1.85
CA GLN A 64 -11.24 -6.41 0.95
C GLN A 64 -10.77 -6.03 -0.47
N HIS A 65 -10.77 -4.71 -0.78
CA HIS A 65 -10.20 -4.15 -2.03
C HIS A 65 -8.70 -4.49 -2.18
N PHE A 66 -8.00 -4.55 -1.04
CA PHE A 66 -6.61 -5.00 -0.99
C PHE A 66 -6.57 -6.53 -1.24
N GLY A 67 -7.05 -7.30 -0.26
CA GLY A 67 -7.01 -8.77 -0.32
C GLY A 67 -6.08 -9.36 0.71
N ASP A 68 -6.11 -10.70 0.84
CA ASP A 68 -5.34 -11.42 1.88
C ASP A 68 -3.83 -11.22 1.70
N ARG A 69 -3.31 -11.65 0.54
CA ARG A 69 -1.87 -11.61 0.21
C ARG A 69 -1.36 -10.17 0.11
N LEU A 70 -2.24 -9.27 -0.35
CA LEU A 70 -1.95 -7.82 -0.51
C LEU A 70 -1.66 -7.20 0.87
N CYS A 71 -2.56 -7.46 1.84
CA CYS A 71 -2.43 -6.94 3.22
C CYS A 71 -1.14 -7.47 3.89
N ARG A 72 -0.74 -8.71 3.50
CA ARG A 72 0.52 -9.33 3.98
C ARG A 72 1.74 -8.61 3.39
N MET A 73 1.67 -8.23 2.10
CA MET A 73 2.79 -7.50 1.42
C MET A 73 3.09 -6.18 2.14
N LEU A 74 2.03 -5.42 2.43
CA LEU A 74 2.11 -4.14 3.15
C LEU A 74 2.52 -4.34 4.63
N ASP A 75 2.01 -5.41 5.26
CA ASP A 75 2.23 -5.68 6.71
C ASP A 75 3.70 -6.05 6.98
N GLU A 76 4.22 -6.99 6.18
CA GLU A 76 5.62 -7.47 6.28
C GLU A 76 6.58 -6.32 5.99
N LYS A 77 6.36 -5.62 4.85
CA LYS A 77 7.19 -4.48 4.41
C LYS A 77 7.26 -3.40 5.49
N LEU A 78 6.10 -3.06 6.08
CA LEU A 78 5.99 -2.05 7.16
C LEU A 78 6.89 -2.46 8.34
N LYS A 79 6.76 -3.73 8.75
CA LYS A 79 7.54 -4.35 9.83
C LYS A 79 9.07 -4.31 9.53
N GLN A 80 9.44 -4.60 8.26
CA GLN A 80 10.84 -4.67 7.83
C GLN A 80 11.43 -3.27 7.69
N HIS A 81 10.55 -2.30 7.37
CA HIS A 81 10.92 -0.89 7.17
C HIS A 81 11.26 -0.24 8.52
N LEU A 82 10.56 -0.67 9.58
CA LEU A 82 10.81 -0.21 10.95
C LEU A 82 12.08 -0.88 11.51
N ALA A 83 12.26 -2.19 11.17
CA ALA A 83 13.37 -3.01 11.68
C ALA A 83 14.72 -2.58 11.07
N SER A 84 14.73 -2.45 9.73
CA SER A 84 15.95 -2.12 8.96
C SER A 84 16.15 -0.60 8.85
N GLY A 85 15.03 0.17 8.90
CA GLY A 85 15.07 1.63 8.85
C GLY A 85 14.95 2.19 7.43
N GLY A 86 15.87 1.74 6.55
CA GLY A 86 15.95 2.25 5.18
C GLY A 86 14.85 1.72 4.27
N ASP A 87 14.86 0.41 4.04
CA ASP A 87 13.88 -0.27 3.15
C ASP A 87 12.88 -1.08 3.97
N ARG A 8 -10.89 17.25 -6.01
CA ARG A 8 -9.51 16.97 -5.57
C ARG A 8 -9.45 17.10 -4.04
N PRO A 9 -9.12 16.00 -3.28
CA PRO A 9 -8.93 16.08 -1.82
C PRO A 9 -7.70 16.95 -1.47
N LEU A 10 -7.82 17.79 -0.43
CA LEU A 10 -6.71 18.61 0.06
C LEU A 10 -5.57 17.69 0.58
N PRO A 11 -4.30 17.83 0.05
CA PRO A 11 -3.14 17.05 0.53
C PRO A 11 -2.74 17.45 1.98
N VAL A 12 -3.49 16.91 2.95
CA VAL A 12 -3.26 17.10 4.39
C VAL A 12 -3.33 15.73 5.08
N CYS A 13 -2.23 14.98 4.91
CA CYS A 13 -2.05 13.63 5.46
C CYS A 13 -0.56 13.42 5.82
N PRO A 14 -0.23 12.55 6.82
CA PRO A 14 1.17 12.21 7.16
C PRO A 14 1.85 11.29 6.11
N ASN A 15 1.12 11.04 4.99
CA ASN A 15 1.57 10.22 3.86
C ASN A 15 1.91 8.79 4.32
N PRO A 16 0.85 7.92 4.52
CA PRO A 16 1.04 6.50 4.91
C PRO A 16 2.00 5.81 3.95
N LEU A 17 2.94 5.02 4.48
CA LEU A 17 3.98 4.37 3.67
C LEU A 17 3.39 3.50 2.55
N PHE A 18 2.15 3.01 2.75
CA PHE A 18 1.47 2.14 1.77
C PHE A 18 0.96 2.91 0.54
N VAL A 19 0.71 4.24 0.67
CA VAL A 19 0.20 5.04 -0.47
C VAL A 19 1.29 5.15 -1.56
N ARG A 20 2.55 5.39 -1.13
CA ARG A 20 3.70 5.50 -2.04
C ARG A 20 4.13 4.12 -2.54
N TRP A 21 4.00 3.09 -1.66
CA TRP A 21 4.38 1.72 -2.00
C TRP A 21 3.41 1.08 -3.02
N LEU A 22 2.09 1.28 -2.83
CA LEU A 22 1.07 0.74 -3.77
C LEU A 22 1.16 1.46 -5.14
N THR A 23 1.49 2.77 -5.13
CA THR A 23 1.73 3.54 -6.37
C THR A 23 2.93 2.98 -7.16
N GLU A 24 4.07 2.79 -6.46
CA GLU A 24 5.34 2.38 -7.11
C GLU A 24 5.23 0.94 -7.64
N TRP A 25 4.74 -0.01 -6.81
CA TRP A 25 4.63 -1.44 -7.18
C TRP A 25 3.69 -1.63 -8.37
N ARG A 26 2.61 -0.83 -8.39
CA ARG A 26 1.66 -0.77 -9.51
C ARG A 26 2.40 -0.44 -10.83
N ASP A 27 3.12 0.68 -10.83
CA ASP A 27 3.74 1.25 -12.05
C ASP A 27 5.00 0.44 -12.47
N GLU A 28 5.68 -0.18 -11.49
CA GLU A 28 6.82 -1.09 -11.74
C GLU A 28 6.31 -2.37 -12.41
N ALA A 29 5.26 -2.95 -11.80
CA ALA A 29 4.63 -4.20 -12.29
C ALA A 29 3.93 -3.98 -13.65
N ALA A 30 3.48 -2.73 -13.89
CA ALA A 30 2.85 -2.33 -15.16
C ALA A 30 3.89 -2.34 -16.30
N SER A 31 5.08 -1.77 -16.02
CA SER A 31 6.19 -1.71 -16.99
C SER A 31 6.90 -3.08 -17.09
N ARG A 32 6.68 -3.94 -16.09
CA ARG A 32 7.24 -5.31 -16.05
C ARG A 32 6.32 -6.30 -16.80
N GLY A 33 5.01 -5.95 -16.87
CA GLY A 33 3.99 -6.84 -17.47
C GLY A 33 3.50 -7.87 -16.46
N ARG A 34 2.84 -7.38 -15.40
CA ARG A 34 2.35 -8.19 -14.28
C ARG A 34 0.88 -7.86 -13.98
N HIS A 35 0.09 -8.91 -13.67
CA HIS A 35 -1.33 -8.76 -13.30
C HIS A 35 -1.48 -8.15 -11.90
N THR A 36 -0.40 -8.23 -11.09
CA THR A 36 -0.37 -7.67 -9.73
C THR A 36 -0.40 -6.14 -9.74
N ARG A 37 -0.11 -5.49 -10.88
CA ARG A 37 -0.21 -4.02 -11.00
C ARG A 37 -1.66 -3.57 -10.77
N PHE A 38 -2.61 -4.48 -11.12
CA PHE A 38 -4.05 -4.26 -10.94
C PHE A 38 -4.43 -4.35 -9.44
N VAL A 39 -3.86 -5.34 -8.69
CA VAL A 39 -4.20 -5.55 -7.27
C VAL A 39 -3.62 -4.41 -6.40
N PHE A 40 -2.42 -3.92 -6.79
CA PHE A 40 -1.76 -2.78 -6.13
C PHE A 40 -2.49 -1.47 -6.49
N GLN A 41 -3.08 -1.42 -7.72
CA GLN A 41 -3.81 -0.25 -8.24
C GLN A 41 -5.15 -0.06 -7.52
N LYS A 42 -5.97 -1.13 -7.48
CA LYS A 42 -7.31 -1.08 -6.87
C LYS A 42 -7.23 -0.83 -5.36
N ALA A 43 -6.21 -1.44 -4.72
CA ALA A 43 -5.93 -1.23 -3.29
C ALA A 43 -5.54 0.23 -3.05
N LEU A 44 -4.71 0.78 -3.96
CA LEU A 44 -4.27 2.19 -3.93
C LEU A 44 -5.47 3.14 -4.00
N ARG A 45 -6.36 2.92 -5.00
CA ARG A 45 -7.52 3.82 -5.25
C ARG A 45 -8.50 3.78 -4.07
N SER A 46 -8.65 2.59 -3.48
CA SER A 46 -9.50 2.37 -2.30
C SER A 46 -8.89 3.08 -1.07
N LEU A 47 -7.55 3.12 -1.01
CA LEU A 47 -6.79 3.76 0.08
C LEU A 47 -6.85 5.30 -0.03
N GLN A 48 -6.82 5.82 -1.27
CA GLN A 48 -6.82 7.29 -1.53
C GLN A 48 -8.22 7.90 -1.33
N ARG A 49 -9.28 7.09 -1.52
CA ARG A 49 -10.66 7.51 -1.27
C ARG A 49 -11.02 7.28 0.22
N TYR A 50 -10.26 6.38 0.90
CA TYR A 50 -10.45 6.08 2.32
C TYR A 50 -9.86 7.24 3.19
N PRO A 51 -10.69 7.93 4.04
CA PRO A 51 -10.25 9.13 4.80
C PRO A 51 -9.59 8.79 6.16
N LEU A 52 -8.94 7.63 6.22
CA LEU A 52 -8.21 7.19 7.43
C LEU A 52 -6.79 6.74 7.00
N PRO A 53 -5.71 7.48 7.42
CA PRO A 53 -4.31 7.10 7.15
C PRO A 53 -3.91 5.75 7.82
N LEU A 54 -3.99 4.67 7.02
CA LEU A 54 -3.65 3.31 7.47
C LEU A 54 -2.11 3.17 7.57
N ARG A 55 -1.58 3.27 8.80
CA ARG A 55 -0.14 3.09 9.10
C ARG A 55 0.20 1.59 9.23
N SER A 56 -0.83 0.77 9.53
CA SER A 56 -0.70 -0.70 9.63
C SER A 56 -1.47 -1.36 8.47
N GLY A 57 -0.83 -2.33 7.80
CA GLY A 57 -1.44 -3.10 6.71
C GLY A 57 -2.56 -4.04 7.20
N LYS A 58 -2.51 -4.35 8.50
CA LYS A 58 -3.56 -5.09 9.23
C LYS A 58 -4.91 -4.33 9.14
N GLU A 59 -4.80 -2.99 9.25
CA GLU A 59 -5.95 -2.07 9.20
C GLU A 59 -6.46 -1.91 7.74
N ALA A 60 -5.60 -2.26 6.78
CA ALA A 60 -5.94 -2.21 5.34
C ALA A 60 -6.74 -3.47 4.91
N LYS A 61 -6.62 -4.54 5.71
CA LYS A 61 -7.22 -5.86 5.41
C LYS A 61 -8.76 -5.82 5.53
N ILE A 62 -9.30 -4.86 6.32
CA ILE A 62 -10.76 -4.71 6.52
C ILE A 62 -11.47 -4.31 5.20
N LEU A 63 -10.69 -3.74 4.26
CA LEU A 63 -11.16 -3.44 2.90
C LEU A 63 -10.79 -4.64 1.99
N GLN A 64 -11.82 -5.27 1.41
CA GLN A 64 -11.67 -6.45 0.53
C GLN A 64 -10.95 -6.09 -0.78
N HIS A 65 -10.86 -4.77 -1.08
CA HIS A 65 -10.14 -4.24 -2.26
C HIS A 65 -8.63 -4.47 -2.16
N PHE A 66 -8.15 -4.63 -0.92
CA PHE A 66 -6.80 -5.11 -0.62
C PHE A 66 -6.86 -6.65 -0.58
N GLY A 67 -7.44 -7.20 0.51
CA GLY A 67 -7.47 -8.65 0.74
C GLY A 67 -6.34 -9.11 1.66
N ASP A 68 -6.33 -10.42 1.96
CA ASP A 68 -5.38 -11.04 2.92
C ASP A 68 -3.92 -11.00 2.41
N ARG A 69 -3.72 -11.46 1.16
CA ARG A 69 -2.37 -11.55 0.53
C ARG A 69 -1.74 -10.16 0.36
N LEU A 70 -2.58 -9.21 -0.11
CA LEU A 70 -2.18 -7.81 -0.30
C LEU A 70 -1.76 -7.21 1.06
N CYS A 71 -2.63 -7.42 2.08
CA CYS A 71 -2.41 -6.97 3.47
C CYS A 71 -1.07 -7.48 4.02
N ARG A 72 -0.76 -8.77 3.73
CA ARG A 72 0.45 -9.42 4.24
C ARG A 72 1.71 -8.86 3.57
N MET A 73 1.62 -8.50 2.27
CA MET A 73 2.73 -7.84 1.54
C MET A 73 3.08 -6.49 2.21
N LEU A 74 2.03 -5.70 2.49
CA LEU A 74 2.14 -4.39 3.18
C LEU A 74 2.61 -4.57 4.64
N ASP A 75 2.18 -5.68 5.27
CA ASP A 75 2.53 -6.01 6.68
C ASP A 75 4.03 -6.30 6.81
N GLU A 76 4.54 -7.16 5.89
CA GLU A 76 5.96 -7.53 5.80
C GLU A 76 6.84 -6.29 5.57
N LYS A 77 6.45 -5.47 4.58
CA LYS A 77 7.19 -4.26 4.17
C LYS A 77 7.29 -3.23 5.30
N LEU A 78 6.15 -2.99 5.98
CA LEU A 78 6.07 -2.04 7.13
C LEU A 78 7.02 -2.52 8.24
N LYS A 79 7.02 -3.85 8.45
CA LYS A 79 7.87 -4.52 9.46
C LYS A 79 9.36 -4.42 9.06
N GLN A 80 9.65 -4.46 7.73
CA GLN A 80 11.04 -4.34 7.22
C GLN A 80 11.53 -2.90 7.43
N HIS A 81 10.63 -1.94 7.20
CA HIS A 81 10.93 -0.52 7.34
C HIS A 81 11.30 -0.19 8.79
N LEU A 82 10.51 -0.70 9.75
CA LEU A 82 10.72 -0.40 11.19
C LEU A 82 11.88 -1.23 11.76
N ALA A 83 11.81 -2.57 11.66
CA ALA A 83 12.81 -3.50 12.25
C ALA A 83 14.20 -3.32 11.63
N SER A 84 14.28 -3.37 10.28
CA SER A 84 15.58 -3.25 9.57
C SER A 84 16.05 -1.77 9.50
N GLY A 85 15.09 -0.80 9.56
CA GLY A 85 15.44 0.63 9.60
C GLY A 85 15.01 1.39 8.35
N GLY A 86 14.78 0.64 7.26
CA GLY A 86 14.31 1.20 5.99
C GLY A 86 15.40 2.00 5.29
N ASP A 87 15.38 3.32 5.50
CA ASP A 87 16.37 4.27 4.96
C ASP A 87 17.16 4.88 6.12
N ARG A 8 2.27 9.39 -14.43
CA ARG A 8 2.92 8.59 -13.37
C ARG A 8 3.17 9.48 -12.12
N PRO A 9 2.30 9.42 -11.08
CA PRO A 9 2.47 10.23 -9.85
C PRO A 9 3.50 9.60 -8.85
N LEU A 10 4.69 10.21 -8.77
CA LEU A 10 5.73 9.84 -7.79
C LEU A 10 5.44 10.60 -6.47
N PRO A 11 5.12 9.90 -5.32
CA PRO A 11 4.91 10.55 -3.99
C PRO A 11 6.17 11.31 -3.50
N VAL A 12 6.13 12.65 -3.61
CA VAL A 12 7.24 13.55 -3.25
C VAL A 12 7.35 13.70 -1.72
N CYS A 13 6.21 13.51 -1.02
CA CYS A 13 6.16 13.41 0.45
C CYS A 13 5.27 12.21 0.83
N PRO A 14 5.83 10.95 0.83
CA PRO A 14 5.09 9.72 1.17
C PRO A 14 4.98 9.49 2.69
N ASN A 15 4.21 10.39 3.36
CA ASN A 15 3.91 10.26 4.81
C ASN A 15 3.23 8.89 5.11
N PRO A 16 2.18 8.45 4.31
CA PRO A 16 1.80 7.03 4.23
C PRO A 16 2.69 6.31 3.20
N LEU A 17 3.67 5.54 3.70
CA LEU A 17 4.61 4.75 2.85
C LEU A 17 3.87 3.68 2.02
N PHE A 18 2.67 3.33 2.48
CA PHE A 18 1.80 2.33 1.84
C PHE A 18 1.38 2.81 0.43
N VAL A 19 1.27 4.14 0.29
CA VAL A 19 0.95 4.80 -0.98
C VAL A 19 2.09 4.61 -1.99
N ARG A 20 3.34 4.94 -1.58
CA ARG A 20 4.52 4.80 -2.48
C ARG A 20 4.77 3.34 -2.85
N TRP A 21 4.50 2.41 -1.90
CA TRP A 21 4.69 0.96 -2.11
C TRP A 21 3.68 0.43 -3.16
N LEU A 22 2.40 0.81 -3.02
CA LEU A 22 1.34 0.38 -3.97
C LEU A 22 1.50 1.03 -5.36
N THR A 23 2.05 2.27 -5.39
CA THR A 23 2.31 3.00 -6.64
C THR A 23 3.48 2.36 -7.40
N GLU A 24 4.60 2.06 -6.68
CA GLU A 24 5.83 1.55 -7.31
C GLU A 24 5.66 0.08 -7.77
N TRP A 25 4.92 -0.72 -6.98
CA TRP A 25 4.62 -2.13 -7.34
C TRP A 25 3.76 -2.18 -8.61
N ARG A 26 2.73 -1.32 -8.62
CA ARG A 26 1.83 -1.14 -9.78
C ARG A 26 2.61 -0.71 -11.03
N ASP A 27 3.59 0.17 -10.82
CA ASP A 27 4.36 0.82 -11.91
C ASP A 27 5.35 -0.17 -12.56
N GLU A 28 6.04 -0.96 -11.71
CA GLU A 28 6.95 -2.03 -12.17
C GLU A 28 6.15 -3.12 -12.90
N ALA A 29 5.00 -3.49 -12.32
CA ALA A 29 4.09 -4.50 -12.87
C ALA A 29 3.48 -4.02 -14.19
N ALA A 30 3.28 -2.70 -14.32
CA ALA A 30 2.76 -2.06 -15.55
C ALA A 30 3.77 -2.18 -16.69
N SER A 31 5.06 -2.01 -16.35
CA SER A 31 6.17 -2.04 -17.32
C SER A 31 6.61 -3.48 -17.66
N ARG A 32 6.36 -4.43 -16.74
CA ARG A 32 6.84 -5.84 -16.86
C ARG A 32 5.73 -6.77 -17.39
N GLY A 33 4.47 -6.27 -17.42
CA GLY A 33 3.34 -7.02 -17.97
C GLY A 33 2.67 -7.91 -16.93
N ARG A 34 2.97 -7.63 -15.66
CA ARG A 34 2.49 -8.38 -14.50
C ARG A 34 1.08 -7.88 -14.10
N HIS A 35 0.13 -8.83 -14.00
CA HIS A 35 -1.32 -8.57 -13.74
C HIS A 35 -1.59 -7.89 -12.39
N THR A 36 -0.64 -8.01 -11.45
CA THR A 36 -0.81 -7.56 -10.06
C THR A 36 -0.96 -6.03 -9.93
N ARG A 37 -0.60 -5.28 -11.00
CA ARG A 37 -0.75 -3.81 -11.05
C ARG A 37 -2.21 -3.38 -10.77
N PHE A 38 -3.17 -4.24 -11.18
CA PHE A 38 -4.62 -4.00 -11.01
C PHE A 38 -5.02 -4.07 -9.52
N VAL A 39 -4.52 -5.09 -8.79
CA VAL A 39 -4.86 -5.28 -7.37
C VAL A 39 -4.17 -4.18 -6.51
N PHE A 40 -2.93 -3.82 -6.89
CA PHE A 40 -2.16 -2.73 -6.25
C PHE A 40 -2.81 -1.37 -6.53
N GLN A 41 -3.48 -1.24 -7.69
CA GLN A 41 -4.18 0.00 -8.10
C GLN A 41 -5.44 0.22 -7.26
N LYS A 42 -6.33 -0.80 -7.22
CA LYS A 42 -7.64 -0.69 -6.53
C LYS A 42 -7.46 -0.57 -5.01
N ALA A 43 -6.35 -1.16 -4.51
CA ALA A 43 -5.93 -1.03 -3.11
C ALA A 43 -5.47 0.41 -2.82
N LEU A 44 -4.68 0.95 -3.75
CA LEU A 44 -4.15 2.33 -3.68
C LEU A 44 -5.28 3.37 -3.70
N ARG A 45 -6.28 3.13 -4.56
CA ARG A 45 -7.44 4.01 -4.74
C ARG A 45 -8.28 4.03 -3.45
N SER A 46 -8.55 2.83 -2.91
CA SER A 46 -9.34 2.64 -1.68
C SER A 46 -8.58 3.19 -0.46
N LEU A 47 -7.24 3.15 -0.50
CA LEU A 47 -6.37 3.62 0.62
C LEU A 47 -6.46 5.15 0.74
N GLN A 48 -6.32 5.83 -0.42
CA GLN A 48 -6.34 7.31 -0.51
C GLN A 48 -7.69 7.89 -0.02
N ARG A 49 -8.80 7.25 -0.42
CA ARG A 49 -10.16 7.72 -0.03
C ARG A 49 -10.51 7.33 1.42
N TYR A 50 -9.85 6.26 1.95
CA TYR A 50 -10.18 5.70 3.29
C TYR A 50 -9.71 6.67 4.39
N PRO A 51 -10.64 7.14 5.30
CA PRO A 51 -10.36 8.20 6.28
C PRO A 51 -9.84 7.68 7.64
N LEU A 52 -9.34 6.43 7.66
CA LEU A 52 -8.66 5.85 8.83
C LEU A 52 -7.13 5.92 8.64
N PRO A 53 -6.32 5.94 9.77
CA PRO A 53 -4.84 6.11 9.72
C PRO A 53 -4.12 5.16 8.74
N LEU A 54 -4.43 3.85 8.84
CA LEU A 54 -3.83 2.78 8.00
C LEU A 54 -2.29 2.72 8.17
N ARG A 55 -1.80 3.15 9.37
CA ARG A 55 -0.36 3.29 9.67
C ARG A 55 0.30 1.92 9.96
N SER A 56 -0.51 0.86 9.95
CA SER A 56 -0.05 -0.54 10.00
C SER A 56 -0.62 -1.29 8.79
N GLY A 57 0.15 -2.25 8.25
CA GLY A 57 -0.32 -3.10 7.15
C GLY A 57 -1.43 -4.07 7.60
N LYS A 58 -1.51 -4.28 8.93
CA LYS A 58 -2.61 -4.99 9.58
C LYS A 58 -3.96 -4.24 9.41
N GLU A 59 -3.90 -2.89 9.36
CA GLU A 59 -5.09 -2.03 9.14
C GLU A 59 -5.58 -2.11 7.67
N ALA A 60 -4.70 -2.58 6.77
CA ALA A 60 -5.04 -2.79 5.32
C ALA A 60 -5.93 -4.04 5.11
N LYS A 61 -5.96 -4.92 6.14
CA LYS A 61 -6.72 -6.19 6.13
C LYS A 61 -8.24 -5.96 6.01
N ILE A 62 -8.75 -4.94 6.73
CA ILE A 62 -10.20 -4.66 6.82
C ILE A 62 -10.79 -4.26 5.45
N LEU A 63 -9.92 -3.76 4.55
CA LEU A 63 -10.29 -3.48 3.16
C LEU A 63 -9.97 -4.72 2.30
N GLN A 64 -11.04 -5.39 1.83
CA GLN A 64 -10.93 -6.56 0.95
C GLN A 64 -10.41 -6.18 -0.45
N HIS A 65 -10.48 -4.85 -0.77
CA HIS A 65 -9.93 -4.27 -2.01
C HIS A 65 -8.43 -4.59 -2.18
N PHE A 66 -7.73 -4.73 -1.04
CA PHE A 66 -6.33 -5.19 -0.99
C PHE A 66 -6.33 -6.72 -1.15
N GLY A 67 -7.04 -7.39 -0.22
CA GLY A 67 -7.11 -8.85 -0.16
C GLY A 67 -6.07 -9.43 0.81
N ASP A 68 -6.15 -10.76 1.06
CA ASP A 68 -5.25 -11.47 2.00
C ASP A 68 -3.76 -11.29 1.63
N ARG A 69 -3.45 -11.61 0.35
CA ARG A 69 -2.05 -11.65 -0.16
C ARG A 69 -1.40 -10.27 -0.13
N LEU A 70 -2.15 -9.26 -0.61
CA LEU A 70 -1.66 -7.87 -0.69
C LEU A 70 -1.51 -7.28 0.71
N CYS A 71 -2.49 -7.56 1.59
CA CYS A 71 -2.46 -7.12 3.00
C CYS A 71 -1.20 -7.68 3.70
N ARG A 72 -0.81 -8.91 3.32
CA ARG A 72 0.41 -9.56 3.82
C ARG A 72 1.67 -8.87 3.27
N MET A 73 1.65 -8.50 1.97
CA MET A 73 2.80 -7.83 1.28
C MET A 73 3.09 -6.50 1.98
N LEU A 74 2.02 -5.75 2.20
CA LEU A 74 2.03 -4.39 2.74
C LEU A 74 2.37 -4.39 4.24
N ASP A 75 1.92 -5.45 4.92
CA ASP A 75 2.17 -5.68 6.37
C ASP A 75 3.64 -6.02 6.61
N GLU A 76 4.21 -6.81 5.70
CA GLU A 76 5.63 -7.19 5.73
C GLU A 76 6.52 -5.97 5.51
N LYS A 77 6.16 -5.13 4.52
CA LYS A 77 6.91 -3.90 4.20
C LYS A 77 6.91 -2.93 5.39
N LEU A 78 5.72 -2.72 5.98
CA LEU A 78 5.55 -1.86 7.18
C LEU A 78 6.43 -2.40 8.33
N LYS A 79 6.42 -3.74 8.48
CA LYS A 79 7.23 -4.45 9.47
C LYS A 79 8.72 -4.27 9.18
N GLN A 80 9.11 -4.23 7.89
CA GLN A 80 10.52 -4.05 7.48
C GLN A 80 10.98 -2.63 7.79
N HIS A 81 10.08 -1.64 7.62
CA HIS A 81 10.35 -0.24 7.98
C HIS A 81 10.53 -0.07 9.51
N LEU A 82 9.76 -0.82 10.30
CA LEU A 82 9.86 -0.82 11.78
C LEU A 82 11.11 -1.59 12.25
N ALA A 83 11.45 -2.65 11.49
CA ALA A 83 12.59 -3.54 11.77
C ALA A 83 13.92 -2.83 11.48
N SER A 84 13.90 -1.94 10.48
CA SER A 84 15.08 -1.16 10.05
C SER A 84 15.12 0.24 10.69
N GLY A 85 13.93 0.75 11.04
CA GLY A 85 13.79 2.14 11.47
C GLY A 85 13.79 3.08 10.26
N GLY A 86 14.98 3.33 9.71
CA GLY A 86 15.17 4.17 8.53
C GLY A 86 16.49 4.91 8.58
N ASP A 87 17.54 4.33 7.96
CA ASP A 87 18.89 4.92 7.89
C ASP A 87 18.84 6.30 7.16
N ARG A 8 11.81 15.77 -2.24
CA ARG A 8 11.10 15.09 -1.14
C ARG A 8 10.34 16.11 -0.27
N PRO A 9 9.10 15.78 0.21
CA PRO A 9 8.39 16.60 1.23
C PRO A 9 9.21 16.72 2.54
N LEU A 10 9.17 17.94 3.14
CA LEU A 10 9.83 18.25 4.42
C LEU A 10 9.32 17.27 5.51
N PRO A 11 10.21 16.42 6.15
CA PRO A 11 9.79 15.38 7.12
C PRO A 11 9.16 15.97 8.42
N VAL A 12 7.86 16.24 8.34
CA VAL A 12 7.02 16.61 9.49
C VAL A 12 6.31 15.34 9.98
N CYS A 13 5.79 14.59 8.99
CA CYS A 13 5.14 13.29 9.19
C CYS A 13 5.69 12.31 8.13
N PRO A 14 6.24 11.12 8.54
CA PRO A 14 6.96 10.21 7.62
C PRO A 14 6.05 9.37 6.69
N ASN A 15 4.72 9.62 6.74
CA ASN A 15 3.68 8.93 5.91
C ASN A 15 3.46 7.47 6.39
N PRO A 16 2.35 6.77 5.95
CA PRO A 16 2.18 5.31 6.19
C PRO A 16 3.18 4.47 5.36
N LEU A 17 3.72 5.09 4.28
CA LEU A 17 4.59 4.46 3.25
C LEU A 17 3.80 3.54 2.28
N PHE A 18 2.74 2.86 2.78
CA PHE A 18 1.88 1.95 1.98
C PHE A 18 1.36 2.62 0.70
N VAL A 19 1.04 3.92 0.80
CA VAL A 19 0.49 4.69 -0.32
C VAL A 19 1.52 4.85 -1.46
N ARG A 20 2.79 5.17 -1.10
CA ARG A 20 3.87 5.36 -2.09
C ARG A 20 4.31 3.99 -2.64
N TRP A 21 4.19 2.95 -1.79
CA TRP A 21 4.49 1.55 -2.14
C TRP A 21 3.48 1.01 -3.17
N LEU A 22 2.19 1.24 -2.92
CA LEU A 22 1.11 0.79 -3.83
C LEU A 22 1.19 1.53 -5.19
N THR A 23 1.69 2.78 -5.17
CA THR A 23 1.88 3.56 -6.41
C THR A 23 3.05 3.00 -7.23
N GLU A 24 4.22 2.86 -6.59
CA GLU A 24 5.46 2.43 -7.27
C GLU A 24 5.32 1.01 -7.86
N TRP A 25 4.75 0.09 -7.06
CA TRP A 25 4.59 -1.33 -7.44
C TRP A 25 3.49 -1.52 -8.47
N ARG A 26 2.46 -0.65 -8.45
CA ARG A 26 1.42 -0.61 -9.49
C ARG A 26 2.07 -0.36 -10.87
N ASP A 27 2.93 0.67 -10.93
CA ASP A 27 3.59 1.11 -12.18
C ASP A 27 4.69 0.11 -12.59
N GLU A 28 5.34 -0.50 -11.58
CA GLU A 28 6.32 -1.59 -11.78
C GLU A 28 5.62 -2.83 -12.34
N ALA A 29 4.41 -3.09 -11.85
CA ALA A 29 3.61 -4.24 -12.31
C ALA A 29 3.15 -4.03 -13.76
N ALA A 30 2.88 -2.77 -14.12
CA ALA A 30 2.48 -2.39 -15.49
C ALA A 30 3.60 -2.68 -16.51
N SER A 31 4.80 -2.16 -16.20
CA SER A 31 5.93 -2.13 -17.14
C SER A 31 6.66 -3.50 -17.17
N ARG A 32 6.92 -4.09 -15.98
CA ARG A 32 7.53 -5.45 -15.87
C ARG A 32 6.56 -6.53 -16.39
N GLY A 33 5.23 -6.25 -16.30
CA GLY A 33 4.20 -7.13 -16.86
C GLY A 33 3.51 -8.02 -15.82
N ARG A 34 3.73 -7.70 -14.53
CA ARG A 34 3.06 -8.40 -13.41
C ARG A 34 1.55 -8.09 -13.42
N HIS A 35 0.74 -9.14 -13.29
CA HIS A 35 -0.75 -9.06 -13.36
C HIS A 35 -1.33 -8.44 -12.07
N THR A 36 -0.44 -8.17 -11.10
CA THR A 36 -0.78 -7.49 -9.86
C THR A 36 -0.99 -5.97 -10.06
N ARG A 37 -0.84 -5.48 -11.31
CA ARG A 37 -1.15 -4.07 -11.70
C ARG A 37 -2.57 -3.68 -11.24
N PHE A 38 -3.49 -4.62 -11.42
CA PHE A 38 -4.93 -4.41 -11.19
C PHE A 38 -5.25 -4.36 -9.69
N VAL A 39 -4.64 -5.27 -8.90
CA VAL A 39 -4.91 -5.37 -7.45
C VAL A 39 -4.21 -4.21 -6.69
N PHE A 40 -3.02 -3.81 -7.16
CA PHE A 40 -2.30 -2.63 -6.60
C PHE A 40 -3.04 -1.33 -6.94
N GLN A 41 -3.69 -1.30 -8.12
CA GLN A 41 -4.45 -0.13 -8.60
C GLN A 41 -5.67 0.14 -7.71
N LYS A 42 -6.49 -0.91 -7.49
CA LYS A 42 -7.75 -0.81 -6.74
C LYS A 42 -7.49 -0.67 -5.21
N ALA A 43 -6.38 -1.26 -4.74
CA ALA A 43 -5.94 -1.14 -3.33
C ALA A 43 -5.49 0.31 -3.05
N LEU A 44 -4.66 0.84 -3.97
CA LEU A 44 -4.15 2.22 -3.92
C LEU A 44 -5.32 3.23 -3.98
N ARG A 45 -6.25 2.98 -4.91
CA ARG A 45 -7.41 3.87 -5.13
C ARG A 45 -8.29 3.94 -3.88
N SER A 46 -8.48 2.76 -3.26
CA SER A 46 -9.24 2.60 -2.01
C SER A 46 -8.57 3.39 -0.86
N LEU A 47 -7.24 3.35 -0.82
CA LEU A 47 -6.43 4.01 0.23
C LEU A 47 -6.40 5.55 0.06
N GLN A 48 -6.37 6.02 -1.22
CA GLN A 48 -6.33 7.46 -1.56
C GLN A 48 -7.65 8.16 -1.18
N ARG A 49 -8.76 7.44 -1.32
CA ARG A 49 -10.09 7.95 -0.98
C ARG A 49 -10.43 7.70 0.52
N TYR A 50 -9.76 6.70 1.15
CA TYR A 50 -10.06 6.31 2.54
C TYR A 50 -9.49 7.35 3.53
N PRO A 51 -10.37 8.05 4.32
CA PRO A 51 -9.96 9.20 5.19
C PRO A 51 -8.94 8.81 6.29
N LEU A 52 -9.05 7.57 6.81
CA LEU A 52 -8.19 7.09 7.91
C LEU A 52 -6.77 6.76 7.37
N PRO A 53 -5.68 7.36 7.96
CA PRO A 53 -4.27 7.03 7.59
C PRO A 53 -3.88 5.63 8.12
N LEU A 54 -4.11 4.61 7.29
CA LEU A 54 -3.81 3.20 7.63
C LEU A 54 -2.29 2.97 7.66
N ARG A 55 -1.71 3.05 8.87
CA ARG A 55 -0.26 2.94 9.10
C ARG A 55 0.10 1.53 9.63
N SER A 56 -0.66 0.54 9.17
CA SER A 56 -0.39 -0.89 9.33
C SER A 56 -1.17 -1.64 8.24
N GLY A 57 -0.60 -2.75 7.74
CA GLY A 57 -1.29 -3.61 6.75
C GLY A 57 -2.41 -4.42 7.40
N LYS A 58 -2.28 -4.61 8.72
CA LYS A 58 -3.35 -5.10 9.60
C LYS A 58 -4.60 -4.19 9.48
N GLU A 59 -4.34 -2.86 9.47
CA GLU A 59 -5.38 -1.83 9.31
C GLU A 59 -5.89 -1.79 7.87
N ALA A 60 -4.98 -1.95 6.90
CA ALA A 60 -5.29 -1.91 5.46
C ALA A 60 -6.14 -3.12 5.00
N LYS A 61 -6.15 -4.17 5.83
CA LYS A 61 -6.83 -5.44 5.52
C LYS A 61 -8.36 -5.34 5.70
N ILE A 62 -8.84 -4.26 6.36
CA ILE A 62 -10.29 -4.01 6.51
C ILE A 62 -10.93 -3.67 5.14
N LEU A 63 -10.10 -3.13 4.22
CA LEU A 63 -10.49 -2.86 2.83
C LEU A 63 -10.24 -4.11 1.98
N GLN A 64 -11.32 -4.70 1.47
CA GLN A 64 -11.27 -5.96 0.68
C GLN A 64 -10.69 -5.74 -0.74
N HIS A 65 -10.48 -4.47 -1.13
CA HIS A 65 -9.84 -4.11 -2.42
C HIS A 65 -8.37 -4.58 -2.45
N PHE A 66 -7.75 -4.65 -1.26
CA PHE A 66 -6.40 -5.16 -1.08
C PHE A 66 -6.41 -6.71 -1.22
N GLY A 67 -6.83 -7.41 -0.15
CA GLY A 67 -6.79 -8.88 -0.10
C GLY A 67 -5.89 -9.38 1.02
N ASP A 68 -6.00 -10.68 1.33
CA ASP A 68 -5.23 -11.34 2.41
C ASP A 68 -3.72 -11.27 2.15
N ARG A 69 -3.33 -11.75 0.96
CA ARG A 69 -1.91 -11.82 0.55
C ARG A 69 -1.32 -10.42 0.31
N LEU A 70 -2.16 -9.50 -0.20
CA LEU A 70 -1.79 -8.11 -0.52
C LEU A 70 -1.37 -7.40 0.78
N CYS A 71 -2.25 -7.47 1.78
CA CYS A 71 -2.04 -6.83 3.10
C CYS A 71 -0.90 -7.50 3.88
N ARG A 72 -0.66 -8.80 3.61
CA ARG A 72 0.47 -9.55 4.21
C ARG A 72 1.80 -8.95 3.73
N MET A 73 1.94 -8.79 2.40
CA MET A 73 3.17 -8.25 1.78
C MET A 73 3.43 -6.81 2.27
N LEU A 74 2.39 -5.97 2.19
CA LEU A 74 2.43 -4.57 2.69
C LEU A 74 2.84 -4.47 4.17
N ASP A 75 2.16 -5.25 5.04
CA ASP A 75 2.36 -5.20 6.51
C ASP A 75 3.77 -5.64 6.88
N GLU A 76 4.24 -6.70 6.20
CA GLU A 76 5.63 -7.17 6.33
C GLU A 76 6.61 -6.07 5.94
N LYS A 77 6.37 -5.40 4.79
CA LYS A 77 7.23 -4.32 4.28
C LYS A 77 7.40 -3.20 5.32
N LEU A 78 6.27 -2.74 5.90
CA LEU A 78 6.29 -1.71 6.94
C LEU A 78 7.10 -2.19 8.16
N LYS A 79 6.80 -3.43 8.58
CA LYS A 79 7.47 -4.11 9.71
C LYS A 79 8.98 -4.31 9.44
N GLN A 80 9.39 -4.43 8.15
CA GLN A 80 10.80 -4.54 7.75
C GLN A 80 11.46 -3.17 7.84
N HIS A 81 10.70 -2.11 7.48
CA HIS A 81 11.13 -0.71 7.60
C HIS A 81 11.29 -0.33 9.09
N LEU A 82 10.46 -0.93 9.96
CA LEU A 82 10.47 -0.69 11.42
C LEU A 82 11.54 -1.56 12.11
N ALA A 83 11.84 -2.74 11.54
CA ALA A 83 12.87 -3.67 12.08
C ALA A 83 14.28 -3.19 11.70
N SER A 84 14.39 -2.61 10.49
CA SER A 84 15.67 -2.09 9.98
C SER A 84 15.91 -0.66 10.50
N GLY A 85 14.83 0.16 10.51
CA GLY A 85 14.92 1.55 10.93
C GLY A 85 14.82 1.72 12.45
N GLY A 86 13.67 1.31 13.00
CA GLY A 86 13.39 1.44 14.43
C GLY A 86 12.01 2.04 14.68
N ASP A 87 11.84 2.72 15.83
CA ASP A 87 10.60 3.44 16.18
C ASP A 87 10.94 4.57 17.17
N ARG A 8 -2.82 12.40 -9.46
CA ARG A 8 -2.77 13.17 -8.19
C ARG A 8 -2.25 14.59 -8.48
N PRO A 9 -3.00 15.67 -8.12
CA PRO A 9 -2.43 17.03 -8.04
C PRO A 9 -1.46 17.13 -6.83
N LEU A 10 -0.63 18.19 -6.82
CA LEU A 10 0.46 18.39 -5.84
C LEU A 10 1.55 17.30 -6.04
N PRO A 11 2.73 17.62 -6.68
CA PRO A 11 3.84 16.65 -6.90
C PRO A 11 4.76 16.50 -5.64
N VAL A 12 4.16 16.69 -4.45
CA VAL A 12 4.85 16.63 -3.14
C VAL A 12 5.34 15.21 -2.80
N CYS A 13 6.14 15.10 -1.72
CA CYS A 13 6.76 13.86 -1.28
C CYS A 13 5.71 12.80 -0.85
N PRO A 14 5.85 11.51 -1.31
CA PRO A 14 4.93 10.41 -0.93
C PRO A 14 5.37 9.71 0.38
N ASN A 15 5.48 10.52 1.46
CA ASN A 15 5.94 10.04 2.79
C ASN A 15 5.03 8.91 3.38
N PRO A 16 3.63 8.96 3.29
CA PRO A 16 2.75 7.82 3.68
C PRO A 16 3.13 6.53 2.89
N LEU A 17 3.68 5.56 3.64
CA LEU A 17 4.37 4.37 3.10
C LEU A 17 3.45 3.46 2.27
N PHE A 18 2.25 3.17 2.79
CA PHE A 18 1.30 2.24 2.14
C PHE A 18 0.79 2.80 0.81
N VAL A 19 0.64 4.13 0.77
CA VAL A 19 0.21 4.86 -0.42
C VAL A 19 1.28 4.75 -1.53
N ARG A 20 2.52 5.16 -1.19
CA ARG A 20 3.64 5.19 -2.15
C ARG A 20 4.02 3.78 -2.63
N TRP A 21 3.92 2.77 -1.74
CA TRP A 21 4.28 1.39 -2.09
C TRP A 21 3.27 0.81 -3.10
N LEU A 22 1.97 1.13 -2.94
CA LEU A 22 0.94 0.74 -3.90
C LEU A 22 1.08 1.48 -5.25
N THR A 23 1.59 2.73 -5.20
CA THR A 23 1.83 3.54 -6.40
C THR A 23 3.01 2.99 -7.22
N GLU A 24 4.15 2.78 -6.53
CA GLU A 24 5.43 2.37 -7.16
C GLU A 24 5.39 0.92 -7.62
N TRP A 25 4.65 0.05 -6.88
CA TRP A 25 4.50 -1.37 -7.25
C TRP A 25 3.53 -1.53 -8.43
N ARG A 26 2.54 -0.61 -8.53
CA ARG A 26 1.64 -0.53 -9.69
C ARG A 26 2.44 -0.11 -10.96
N ASP A 27 3.43 0.79 -10.74
CA ASP A 27 4.38 1.24 -11.78
C ASP A 27 5.34 0.09 -12.17
N GLU A 28 5.81 -0.65 -11.15
CA GLU A 28 6.68 -1.83 -11.32
C GLU A 28 5.93 -2.99 -11.98
N ALA A 29 4.63 -3.10 -11.69
CA ALA A 29 3.78 -4.16 -12.24
C ALA A 29 3.35 -3.84 -13.68
N ALA A 30 3.39 -2.54 -14.03
CA ALA A 30 3.24 -2.08 -15.41
C ALA A 30 4.52 -2.36 -16.21
N SER A 31 5.67 -2.09 -15.58
CA SER A 31 7.01 -2.11 -16.22
C SER A 31 7.54 -3.55 -16.36
N ARG A 32 7.68 -4.23 -15.22
CA ARG A 32 8.13 -5.64 -15.14
C ARG A 32 7.16 -6.56 -15.91
N GLY A 33 5.87 -6.20 -15.87
CA GLY A 33 4.81 -6.98 -16.51
C GLY A 33 4.14 -7.92 -15.52
N ARG A 34 4.04 -7.48 -14.27
CA ARG A 34 3.46 -8.24 -13.17
C ARG A 34 1.94 -8.03 -13.16
N HIS A 35 1.16 -9.14 -13.16
CA HIS A 35 -0.32 -9.10 -13.29
C HIS A 35 -1.00 -8.55 -12.02
N THR A 36 -0.20 -8.38 -10.94
CA THR A 36 -0.68 -7.87 -9.65
C THR A 36 -0.96 -6.34 -9.68
N ARG A 37 -0.68 -5.67 -10.81
CA ARG A 37 -0.99 -4.23 -11.02
C ARG A 37 -2.46 -3.92 -10.75
N PHE A 38 -3.32 -4.89 -11.11
CA PHE A 38 -4.78 -4.81 -10.95
C PHE A 38 -5.17 -4.65 -9.47
N VAL A 39 -4.60 -5.52 -8.59
CA VAL A 39 -4.90 -5.49 -7.15
C VAL A 39 -4.24 -4.26 -6.48
N PHE A 40 -3.01 -3.90 -6.95
CA PHE A 40 -2.26 -2.72 -6.45
C PHE A 40 -3.02 -1.42 -6.76
N GLN A 41 -3.71 -1.38 -7.91
CA GLN A 41 -4.45 -0.20 -8.39
C GLN A 41 -5.71 0.02 -7.53
N LYS A 42 -6.56 -1.02 -7.45
CA LYS A 42 -7.87 -0.93 -6.76
C LYS A 42 -7.69 -0.72 -5.25
N ALA A 43 -6.57 -1.24 -4.71
CA ALA A 43 -6.19 -1.06 -3.29
C ALA A 43 -5.73 0.38 -3.04
N LEU A 44 -4.87 0.89 -3.96
CA LEU A 44 -4.33 2.26 -3.90
C LEU A 44 -5.45 3.30 -3.89
N ARG A 45 -6.34 3.17 -4.88
CA ARG A 45 -7.46 4.09 -5.09
C ARG A 45 -8.44 4.07 -3.90
N SER A 46 -8.64 2.86 -3.33
CA SER A 46 -9.48 2.67 -2.12
C SER A 46 -8.83 3.40 -0.91
N LEU A 47 -7.49 3.31 -0.80
CA LEU A 47 -6.71 3.94 0.30
C LEU A 47 -6.78 5.48 0.19
N GLN A 48 -6.77 5.96 -1.07
CA GLN A 48 -6.79 7.41 -1.38
C GLN A 48 -8.12 8.06 -0.96
N ARG A 49 -9.23 7.30 -1.06
CA ARG A 49 -10.58 7.78 -0.69
C ARG A 49 -11.03 7.27 0.70
N TYR A 50 -10.20 6.42 1.36
CA TYR A 50 -10.47 5.93 2.72
C TYR A 50 -9.93 6.95 3.75
N PRO A 51 -10.80 7.56 4.62
CA PRO A 51 -10.43 8.70 5.51
C PRO A 51 -9.39 8.35 6.61
N LEU A 52 -9.31 7.06 7.01
CA LEU A 52 -8.31 6.62 8.01
C LEU A 52 -6.95 6.37 7.32
N PRO A 53 -5.83 6.93 7.89
CA PRO A 53 -4.46 6.58 7.46
C PRO A 53 -4.12 5.14 7.91
N LEU A 54 -4.01 4.21 6.94
CA LEU A 54 -3.82 2.77 7.18
C LEU A 54 -2.34 2.44 7.47
N ARG A 55 -1.81 3.03 8.56
CA ARG A 55 -0.41 2.86 8.98
C ARG A 55 -0.31 1.70 9.99
N SER A 56 -0.22 0.46 9.44
CA SER A 56 -0.19 -0.78 10.22
C SER A 56 0.08 -1.98 9.30
N GLY A 57 -0.75 -2.09 8.24
CA GLY A 57 -0.76 -3.26 7.35
C GLY A 57 -1.91 -4.19 7.66
N LYS A 58 -2.09 -4.44 8.97
CA LYS A 58 -3.25 -5.17 9.52
C LYS A 58 -4.56 -4.44 9.16
N GLU A 59 -4.58 -3.12 9.37
CA GLU A 59 -5.78 -2.27 9.15
C GLU A 59 -6.16 -2.18 7.65
N ALA A 60 -5.24 -2.57 6.75
CA ALA A 60 -5.47 -2.57 5.29
C ALA A 60 -6.38 -3.75 4.87
N LYS A 61 -6.41 -4.80 5.72
CA LYS A 61 -7.07 -6.09 5.41
C LYS A 61 -8.61 -5.98 5.42
N ILE A 62 -9.15 -5.03 6.23
CA ILE A 62 -10.62 -4.85 6.36
C ILE A 62 -11.25 -4.39 5.03
N LEU A 63 -10.44 -3.75 4.16
CA LEU A 63 -10.86 -3.38 2.80
C LEU A 63 -10.54 -4.56 1.85
N GLN A 64 -11.59 -5.14 1.25
CA GLN A 64 -11.45 -6.30 0.34
C GLN A 64 -10.70 -5.93 -0.96
N HIS A 65 -10.70 -4.62 -1.32
CA HIS A 65 -9.93 -4.09 -2.49
C HIS A 65 -8.44 -4.48 -2.41
N PHE A 66 -7.90 -4.51 -1.18
CA PHE A 66 -6.51 -4.94 -0.94
C PHE A 66 -6.48 -6.47 -0.97
N GLY A 67 -7.26 -7.09 -0.07
CA GLY A 67 -7.29 -8.54 0.06
C GLY A 67 -6.12 -9.06 0.89
N ASP A 68 -6.34 -10.18 1.60
CA ASP A 68 -5.36 -10.78 2.54
C ASP A 68 -3.95 -10.97 1.91
N ARG A 69 -3.91 -11.25 0.58
CA ARG A 69 -2.64 -11.41 -0.18
C ARG A 69 -1.80 -10.13 -0.10
N LEU A 70 -2.42 -9.01 -0.52
CA LEU A 70 -1.76 -7.70 -0.64
C LEU A 70 -1.50 -7.10 0.75
N CYS A 71 -2.45 -7.33 1.67
CA CYS A 71 -2.39 -6.80 3.03
C CYS A 71 -1.18 -7.37 3.79
N ARG A 72 -0.87 -8.66 3.54
CA ARG A 72 0.34 -9.32 4.07
C ARG A 72 1.60 -8.71 3.43
N MET A 73 1.55 -8.42 2.11
CA MET A 73 2.69 -7.82 1.37
C MET A 73 3.10 -6.46 2.00
N LEU A 74 2.10 -5.57 2.20
CA LEU A 74 2.30 -4.22 2.77
C LEU A 74 2.67 -4.29 4.27
N ASP A 75 2.10 -5.27 5.00
CA ASP A 75 2.35 -5.47 6.45
C ASP A 75 3.80 -5.90 6.69
N GLU A 76 4.27 -6.84 5.85
CA GLU A 76 5.63 -7.38 5.89
C GLU A 76 6.67 -6.32 5.53
N LYS A 77 6.36 -5.51 4.49
CA LYS A 77 7.25 -4.41 4.08
C LYS A 77 7.37 -3.36 5.19
N LEU A 78 6.25 -3.04 5.85
CA LEU A 78 6.22 -2.09 6.99
C LEU A 78 7.08 -2.65 8.13
N LYS A 79 6.97 -3.97 8.34
CA LYS A 79 7.74 -4.73 9.34
C LYS A 79 9.26 -4.63 9.06
N GLN A 80 9.64 -4.73 7.76
CA GLN A 80 11.04 -4.71 7.31
C GLN A 80 11.60 -3.28 7.37
N HIS A 81 10.70 -2.31 7.10
CA HIS A 81 11.00 -0.87 7.19
C HIS A 81 11.38 -0.48 8.63
N LEU A 82 10.61 -1.00 9.61
CA LEU A 82 10.85 -0.70 11.05
C LEU A 82 11.99 -1.57 11.62
N ALA A 83 12.14 -2.80 11.09
CA ALA A 83 13.20 -3.75 11.52
C ALA A 83 14.59 -3.24 11.14
N SER A 84 14.68 -2.61 9.96
CA SER A 84 15.91 -1.98 9.46
C SER A 84 16.02 -0.54 9.99
N GLY A 85 14.86 0.10 10.25
CA GLY A 85 14.79 1.49 10.71
C GLY A 85 14.30 2.43 9.62
N GLY A 86 14.72 2.13 8.37
CA GLY A 86 14.29 2.84 7.18
C GLY A 86 14.14 1.90 5.99
N ASP A 87 14.17 2.47 4.78
CA ASP A 87 14.04 1.71 3.52
C ASP A 87 15.44 1.29 3.01
N ARG A 8 -8.60 17.56 -7.61
CA ARG A 8 -8.58 17.90 -6.17
C ARG A 8 -7.14 18.25 -5.73
N PRO A 9 -6.81 19.56 -5.50
CA PRO A 9 -5.51 19.96 -4.92
C PRO A 9 -5.36 19.48 -3.45
N LEU A 10 -4.74 18.31 -3.29
CA LEU A 10 -4.48 17.66 -1.99
C LEU A 10 -2.99 17.27 -1.89
N PRO A 11 -2.39 17.20 -0.66
CA PRO A 11 -1.00 16.73 -0.48
C PRO A 11 -0.88 15.21 -0.74
N VAL A 12 -0.07 14.85 -1.75
CA VAL A 12 0.21 13.45 -2.12
C VAL A 12 1.28 12.83 -1.18
N CYS A 13 1.75 13.64 -0.21
CA CYS A 13 2.70 13.23 0.84
C CYS A 13 2.22 11.95 1.56
N PRO A 14 2.93 10.78 1.34
CA PRO A 14 2.52 9.48 1.92
C PRO A 14 2.74 9.45 3.43
N ASN A 15 1.68 9.75 4.21
CA ASN A 15 1.71 9.62 5.68
C ASN A 15 1.95 8.12 6.08
N PRO A 16 1.17 7.13 5.51
CA PRO A 16 1.63 5.74 5.47
C PRO A 16 2.54 5.52 4.24
N LEU A 17 3.61 4.73 4.41
CA LEU A 17 4.52 4.37 3.30
C LEU A 17 3.79 3.54 2.23
N PHE A 18 2.61 3.02 2.61
CA PHE A 18 1.74 2.21 1.74
C PHE A 18 1.28 2.96 0.49
N VAL A 19 1.16 4.30 0.60
CA VAL A 19 0.74 5.13 -0.55
C VAL A 19 1.81 5.06 -1.64
N ARG A 20 3.07 5.38 -1.28
CA ARG A 20 4.20 5.38 -2.23
C ARG A 20 4.54 3.94 -2.69
N TRP A 21 4.31 2.94 -1.80
CA TRP A 21 4.58 1.52 -2.10
C TRP A 21 3.58 0.97 -3.14
N LEU A 22 2.28 1.17 -2.90
CA LEU A 22 1.21 0.74 -3.83
C LEU A 22 1.30 1.48 -5.19
N THR A 23 1.84 2.71 -5.17
CA THR A 23 2.09 3.49 -6.39
C THR A 23 3.25 2.88 -7.21
N GLU A 24 4.38 2.59 -6.54
CA GLU A 24 5.61 2.10 -7.22
C GLU A 24 5.43 0.65 -7.70
N TRP A 25 4.67 -0.15 -6.94
CA TRP A 25 4.38 -1.55 -7.30
C TRP A 25 3.43 -1.61 -8.50
N ARG A 26 2.45 -0.70 -8.54
CA ARG A 26 1.51 -0.52 -9.67
C ARG A 26 2.29 -0.14 -10.95
N ASP A 27 3.24 0.79 -10.78
CA ASP A 27 4.08 1.34 -11.87
C ASP A 27 5.00 0.25 -12.46
N GLU A 28 5.69 -0.46 -11.56
CA GLU A 28 6.64 -1.53 -11.90
C GLU A 28 5.91 -2.75 -12.49
N ALA A 29 4.67 -2.98 -12.03
CA ALA A 29 3.82 -4.06 -12.58
C ALA A 29 3.35 -3.71 -14.00
N ALA A 30 3.13 -2.40 -14.24
CA ALA A 30 2.77 -1.86 -15.57
C ALA A 30 3.96 -1.98 -16.55
N SER A 31 5.18 -1.77 -16.02
CA SER A 31 6.42 -1.79 -16.81
C SER A 31 6.91 -3.22 -17.08
N ARG A 32 6.71 -4.11 -16.09
CA ARG A 32 7.24 -5.50 -16.13
C ARG A 32 6.19 -6.46 -16.73
N GLY A 33 4.97 -5.95 -16.96
CA GLY A 33 3.87 -6.75 -17.52
C GLY A 33 3.16 -7.62 -16.49
N ARG A 34 3.47 -7.39 -15.19
CA ARG A 34 2.87 -8.12 -14.07
C ARG A 34 1.37 -7.72 -13.94
N HIS A 35 0.47 -8.71 -14.03
CA HIS A 35 -0.99 -8.50 -13.94
C HIS A 35 -1.44 -8.15 -12.50
N THR A 36 -0.46 -8.17 -11.56
CA THR A 36 -0.64 -7.67 -10.20
C THR A 36 -0.84 -6.14 -10.16
N ARG A 37 -0.65 -5.45 -11.32
CA ARG A 37 -0.94 -4.00 -11.45
C ARG A 37 -2.36 -3.69 -10.96
N PHE A 38 -3.29 -4.60 -11.29
CA PHE A 38 -4.72 -4.49 -10.92
C PHE A 38 -4.90 -4.48 -9.39
N VAL A 39 -4.29 -5.44 -8.67
CA VAL A 39 -4.46 -5.57 -7.21
C VAL A 39 -3.79 -4.39 -6.46
N PHE A 40 -2.66 -3.89 -6.99
CA PHE A 40 -1.93 -2.74 -6.42
C PHE A 40 -2.68 -1.42 -6.72
N GLN A 41 -3.33 -1.35 -7.88
CA GLN A 41 -4.07 -0.16 -8.34
C GLN A 41 -5.37 0.04 -7.56
N LYS A 42 -6.13 -1.05 -7.39
CA LYS A 42 -7.42 -1.01 -6.69
C LYS A 42 -7.22 -0.84 -5.17
N ALA A 43 -6.10 -1.39 -4.65
CA ALA A 43 -5.73 -1.24 -3.23
C ALA A 43 -5.29 0.20 -2.94
N LEU A 44 -4.50 0.78 -3.87
CA LEU A 44 -4.03 2.19 -3.76
C LEU A 44 -5.21 3.16 -3.85
N ARG A 45 -6.10 2.91 -4.80
CA ARG A 45 -7.28 3.76 -5.03
C ARG A 45 -8.22 3.69 -3.81
N SER A 46 -8.34 2.48 -3.22
CA SER A 46 -9.09 2.27 -1.96
C SER A 46 -8.44 3.05 -0.82
N LEU A 47 -7.10 2.96 -0.72
CA LEU A 47 -6.29 3.61 0.33
C LEU A 47 -6.49 5.15 0.33
N GLN A 48 -6.55 5.74 -0.87
CA GLN A 48 -6.69 7.19 -1.06
C GLN A 48 -8.13 7.68 -0.83
N ARG A 49 -9.13 6.90 -1.33
CA ARG A 49 -10.56 7.28 -1.23
C ARG A 49 -11.12 7.04 0.20
N TYR A 50 -10.54 6.05 0.90
CA TYR A 50 -10.99 5.63 2.25
C TYR A 50 -10.48 6.68 3.26
N PRO A 51 -11.39 7.37 4.02
CA PRO A 51 -10.99 8.49 4.92
C PRO A 51 -10.18 8.03 6.14
N LEU A 52 -10.21 6.71 6.41
CA LEU A 52 -9.43 6.08 7.48
C LEU A 52 -7.96 5.96 7.03
N PRO A 53 -6.98 6.58 7.79
CA PRO A 53 -5.54 6.50 7.47
C PRO A 53 -4.98 5.10 7.78
N LEU A 54 -4.87 4.26 6.73
CA LEU A 54 -4.36 2.88 6.87
C LEU A 54 -2.83 2.91 6.94
N ARG A 55 -2.32 3.19 8.14
CA ARG A 55 -0.88 3.21 8.45
C ARG A 55 -0.41 1.80 8.92
N SER A 56 -1.37 0.89 9.13
CA SER A 56 -1.14 -0.52 9.49
C SER A 56 -1.78 -1.44 8.42
N GLY A 57 -1.00 -2.46 7.98
CA GLY A 57 -1.49 -3.47 7.01
C GLY A 57 -2.63 -4.33 7.56
N LYS A 58 -2.72 -4.41 8.90
CA LYS A 58 -3.83 -5.07 9.61
C LYS A 58 -5.15 -4.32 9.37
N GLU A 59 -5.07 -2.98 9.37
CA GLU A 59 -6.22 -2.09 9.13
C GLU A 59 -6.65 -2.12 7.66
N ALA A 60 -5.71 -2.48 6.78
CA ALA A 60 -5.97 -2.63 5.34
C ALA A 60 -6.81 -3.90 5.04
N LYS A 61 -6.79 -4.88 5.98
CA LYS A 61 -7.49 -6.18 5.83
C LYS A 61 -9.04 -6.00 5.80
N ILE A 62 -9.56 -4.94 6.45
CA ILE A 62 -11.03 -4.69 6.48
C ILE A 62 -11.56 -4.32 5.06
N LEU A 63 -10.63 -3.95 4.15
CA LEU A 63 -10.94 -3.72 2.73
C LEU A 63 -10.50 -4.96 1.92
N GLN A 64 -11.46 -5.58 1.22
CA GLN A 64 -11.23 -6.81 0.43
C GLN A 64 -10.65 -6.47 -0.97
N HIS A 65 -10.59 -5.16 -1.32
CA HIS A 65 -9.86 -4.69 -2.52
C HIS A 65 -8.35 -4.91 -2.34
N PHE A 66 -7.91 -4.83 -1.08
CA PHE A 66 -6.58 -5.29 -0.65
C PHE A 66 -6.60 -6.83 -0.59
N GLY A 67 -7.30 -7.39 0.42
CA GLY A 67 -7.35 -8.85 0.65
C GLY A 67 -6.14 -9.36 1.43
N ASP A 68 -6.14 -10.67 1.80
CA ASP A 68 -5.10 -11.29 2.65
C ASP A 68 -3.68 -11.06 2.12
N ARG A 69 -3.49 -11.37 0.82
CA ARG A 69 -2.15 -11.36 0.18
C ARG A 69 -1.55 -9.95 0.19
N LEU A 70 -2.37 -8.94 -0.17
CA LEU A 70 -1.94 -7.55 -0.23
C LEU A 70 -1.62 -7.06 1.20
N CYS A 71 -2.59 -7.22 2.11
CA CYS A 71 -2.52 -6.70 3.50
C CYS A 71 -1.36 -7.32 4.29
N ARG A 72 -1.06 -8.60 4.00
CA ARG A 72 -0.02 -9.36 4.71
C ARG A 72 1.37 -8.87 4.26
N MET A 73 1.55 -8.67 2.93
CA MET A 73 2.82 -8.16 2.37
C MET A 73 3.01 -6.69 2.74
N LEU A 74 1.90 -5.96 2.80
CA LEU A 74 1.86 -4.53 3.16
C LEU A 74 2.38 -4.34 4.60
N ASP A 75 1.91 -5.25 5.48
CA ASP A 75 2.33 -5.33 6.89
C ASP A 75 3.81 -5.74 7.00
N GLU A 76 4.22 -6.69 6.14
CA GLU A 76 5.59 -7.23 6.11
C GLU A 76 6.61 -6.18 5.64
N LYS A 77 6.21 -5.34 4.69
CA LYS A 77 7.05 -4.23 4.21
C LYS A 77 7.24 -3.19 5.31
N LEU A 78 6.13 -2.87 6.00
CA LEU A 78 6.13 -1.93 7.15
C LEU A 78 7.04 -2.51 8.27
N LYS A 79 7.00 -3.85 8.40
CA LYS A 79 7.85 -4.62 9.35
C LYS A 79 9.35 -4.50 8.95
N GLN A 80 9.63 -4.54 7.63
CA GLN A 80 11.02 -4.42 7.11
C GLN A 80 11.56 -3.01 7.36
N HIS A 81 10.67 -2.01 7.24
CA HIS A 81 10.99 -0.60 7.50
C HIS A 81 11.39 -0.37 8.98
N LEU A 82 10.57 -0.91 9.90
CA LEU A 82 10.80 -0.75 11.35
C LEU A 82 12.08 -1.49 11.79
N ALA A 83 12.23 -2.73 11.29
CA ALA A 83 13.31 -3.64 11.70
C ALA A 83 14.69 -3.13 11.23
N SER A 84 14.79 -2.79 9.94
CA SER A 84 16.04 -2.28 9.32
C SER A 84 16.32 -0.85 9.81
N GLY A 85 15.24 -0.07 10.05
CA GLY A 85 15.35 1.32 10.48
C GLY A 85 15.15 1.49 11.99
N GLY A 86 15.84 0.65 12.77
CA GLY A 86 15.84 0.73 14.23
C GLY A 86 16.83 1.76 14.74
N ASP A 87 18.01 1.29 15.21
CA ASP A 87 19.12 2.13 15.67
C ASP A 87 20.34 1.87 14.76
N ARG A 8 -13.93 17.75 -2.11
CA ARG A 8 -14.08 19.20 -1.76
C ARG A 8 -12.78 19.81 -1.15
N PRO A 9 -12.25 19.32 0.04
CA PRO A 9 -11.08 19.96 0.69
C PRO A 9 -9.72 19.39 0.20
N LEU A 10 -9.79 18.39 -0.71
CA LEU A 10 -8.62 17.60 -1.18
C LEU A 10 -7.86 17.01 0.03
N PRO A 11 -8.47 16.02 0.79
CA PRO A 11 -7.89 15.48 2.05
C PRO A 11 -6.52 14.82 1.82
N VAL A 12 -5.46 15.55 2.22
CA VAL A 12 -4.05 15.12 2.04
C VAL A 12 -3.76 13.79 2.79
N CYS A 13 -4.28 13.68 4.02
CA CYS A 13 -4.05 12.55 4.95
C CYS A 13 -2.57 12.49 5.44
N PRO A 14 -2.33 12.07 6.75
CA PRO A 14 -0.96 11.75 7.24
C PRO A 14 -0.37 10.58 6.42
N ASN A 15 0.51 10.94 5.45
CA ASN A 15 1.05 10.04 4.41
C ASN A 15 1.52 8.68 4.97
N PRO A 16 0.73 7.57 4.78
CA PRO A 16 1.18 6.23 5.17
C PRO A 16 2.24 5.71 4.20
N LEU A 17 3.03 4.73 4.65
CA LEU A 17 4.01 4.06 3.79
C LEU A 17 3.30 3.22 2.71
N PHE A 18 2.10 2.74 3.01
CA PHE A 18 1.32 1.85 2.12
C PHE A 18 0.91 2.54 0.81
N VAL A 19 0.49 3.82 0.87
CA VAL A 19 -0.02 4.54 -0.32
C VAL A 19 1.08 4.70 -1.39
N ARG A 20 2.27 5.16 -0.96
CA ARG A 20 3.43 5.35 -1.85
C ARG A 20 3.92 3.99 -2.37
N TRP A 21 3.81 2.94 -1.53
CA TRP A 21 4.21 1.57 -1.88
C TRP A 21 3.27 0.99 -2.96
N LEU A 22 1.96 1.20 -2.81
CA LEU A 22 0.96 0.71 -3.79
C LEU A 22 1.17 1.37 -5.16
N THR A 23 1.64 2.63 -5.15
CA THR A 23 1.94 3.39 -6.38
C THR A 23 3.22 2.87 -7.06
N GLU A 24 4.32 2.78 -6.27
CA GLU A 24 5.68 2.45 -6.80
C GLU A 24 5.77 0.96 -7.21
N TRP A 25 5.07 0.08 -6.47
CA TRP A 25 5.04 -1.37 -6.77
C TRP A 25 4.13 -1.64 -7.97
N ARG A 26 3.08 -0.80 -8.14
CA ARG A 26 2.22 -0.81 -9.35
C ARG A 26 3.01 -0.33 -10.58
N ASP A 27 3.91 0.63 -10.35
CA ASP A 27 4.81 1.17 -11.38
C ASP A 27 5.86 0.10 -11.80
N GLU A 28 6.33 -0.68 -10.80
CA GLU A 28 7.18 -1.87 -11.05
C GLU A 28 6.36 -2.97 -11.74
N ALA A 29 5.08 -3.08 -11.36
CA ALA A 29 4.14 -4.05 -11.93
C ALA A 29 3.71 -3.65 -13.36
N ALA A 30 3.89 -2.36 -13.69
CA ALA A 30 3.63 -1.85 -15.04
C ALA A 30 4.83 -2.16 -15.96
N SER A 31 6.03 -1.83 -15.48
CA SER A 31 7.28 -1.98 -16.26
C SER A 31 7.66 -3.46 -16.47
N ARG A 32 7.62 -4.25 -15.38
CA ARG A 32 7.88 -5.72 -15.42
C ARG A 32 6.71 -6.47 -16.09
N GLY A 33 5.49 -5.89 -15.98
CA GLY A 33 4.28 -6.52 -16.53
C GLY A 33 3.68 -7.56 -15.61
N ARG A 34 3.74 -7.27 -14.29
CA ARG A 34 3.14 -8.12 -13.24
C ARG A 34 1.61 -7.91 -13.21
N HIS A 35 0.87 -9.00 -12.97
CA HIS A 35 -0.61 -9.00 -12.93
C HIS A 35 -1.12 -8.32 -11.64
N THR A 36 -0.21 -8.10 -10.68
CA THR A 36 -0.51 -7.40 -9.42
C THR A 36 -0.68 -5.89 -9.61
N ARG A 37 -0.40 -5.35 -10.82
CA ARG A 37 -0.66 -3.92 -11.16
C ARG A 37 -2.13 -3.56 -10.92
N PHE A 38 -2.99 -4.54 -11.20
CA PHE A 38 -4.45 -4.42 -11.11
C PHE A 38 -4.90 -4.34 -9.63
N VAL A 39 -4.30 -5.21 -8.77
CA VAL A 39 -4.67 -5.29 -7.35
C VAL A 39 -4.07 -4.10 -6.54
N PHE A 40 -2.87 -3.63 -6.97
CA PHE A 40 -2.23 -2.43 -6.40
C PHE A 40 -3.03 -1.17 -6.79
N GLN A 41 -3.63 -1.18 -8.01
CA GLN A 41 -4.42 -0.05 -8.54
C GLN A 41 -5.72 0.12 -7.74
N LYS A 42 -6.46 -0.99 -7.57
CA LYS A 42 -7.76 -0.97 -6.88
C LYS A 42 -7.57 -0.73 -5.37
N ALA A 43 -6.44 -1.20 -4.82
CA ALA A 43 -6.07 -0.97 -3.42
C ALA A 43 -5.66 0.50 -3.20
N LEU A 44 -4.95 1.07 -4.20
CA LEU A 44 -4.46 2.46 -4.13
C LEU A 44 -5.62 3.46 -4.17
N ARG A 45 -6.52 3.29 -5.15
CA ARG A 45 -7.68 4.19 -5.35
C ARG A 45 -8.64 4.16 -4.16
N SER A 46 -8.91 2.95 -3.64
CA SER A 46 -9.74 2.78 -2.43
C SER A 46 -9.10 3.50 -1.23
N LEU A 47 -7.76 3.41 -1.10
CA LEU A 47 -6.96 4.06 -0.02
C LEU A 47 -7.01 5.60 -0.19
N GLN A 48 -7.02 6.06 -1.45
CA GLN A 48 -7.03 7.50 -1.79
C GLN A 48 -8.34 8.18 -1.38
N ARG A 49 -9.46 7.45 -1.51
CA ARG A 49 -10.79 7.96 -1.09
C ARG A 49 -11.14 7.52 0.34
N TYR A 50 -10.30 6.65 0.94
CA TYR A 50 -10.44 6.23 2.35
C TYR A 50 -9.57 7.16 3.22
N PRO A 51 -10.18 8.13 3.98
CA PRO A 51 -9.43 9.21 4.69
C PRO A 51 -8.63 8.70 5.92
N LEU A 52 -8.74 7.39 6.21
CA LEU A 52 -8.03 6.75 7.33
C LEU A 52 -6.57 6.44 6.92
N PRO A 53 -5.56 6.92 7.72
CA PRO A 53 -4.12 6.65 7.44
C PRO A 53 -3.76 5.20 7.81
N LEU A 54 -3.75 4.31 6.79
CA LEU A 54 -3.50 2.87 6.97
C LEU A 54 -2.01 2.62 7.25
N ARG A 55 -1.68 2.51 8.55
CA ARG A 55 -0.28 2.34 9.02
C ARG A 55 0.02 0.85 9.31
N SER A 56 -1.04 0.05 9.52
CA SER A 56 -0.95 -1.39 9.79
C SER A 56 -1.70 -2.18 8.71
N GLY A 57 -1.17 -3.36 8.34
CA GLY A 57 -1.83 -4.25 7.36
C GLY A 57 -3.19 -4.75 7.84
N LYS A 58 -3.38 -4.71 9.17
CA LYS A 58 -4.66 -4.99 9.83
C LYS A 58 -5.73 -3.94 9.42
N GLU A 59 -5.31 -2.68 9.34
CA GLU A 59 -6.19 -1.55 8.94
C GLU A 59 -6.49 -1.60 7.43
N ALA A 60 -5.55 -2.18 6.66
CA ALA A 60 -5.71 -2.39 5.21
C ALA A 60 -6.65 -3.58 4.92
N LYS A 61 -6.65 -4.56 5.85
CA LYS A 61 -7.39 -5.84 5.73
C LYS A 61 -8.92 -5.62 5.62
N ILE A 62 -9.44 -4.58 6.29
CA ILE A 62 -10.91 -4.31 6.34
C ILE A 62 -11.46 -3.83 4.97
N LEU A 63 -10.56 -3.54 4.01
CA LEU A 63 -10.92 -3.23 2.62
C LEU A 63 -10.61 -4.46 1.73
N GLN A 64 -11.62 -4.94 1.00
CA GLN A 64 -11.55 -6.16 0.17
C GLN A 64 -10.81 -5.92 -1.16
N HIS A 65 -10.55 -4.64 -1.51
CA HIS A 65 -9.69 -4.27 -2.67
C HIS A 65 -8.25 -4.74 -2.42
N PHE A 66 -7.88 -4.76 -1.14
CA PHE A 66 -6.62 -5.32 -0.66
C PHE A 66 -6.80 -6.85 -0.48
N GLY A 67 -7.49 -7.25 0.62
CA GLY A 67 -7.63 -8.67 0.99
C GLY A 67 -6.45 -9.21 1.80
N ASP A 68 -6.53 -10.46 2.28
CA ASP A 68 -5.47 -11.11 3.10
C ASP A 68 -4.09 -11.04 2.42
N ARG A 69 -4.06 -11.36 1.10
CA ARG A 69 -2.81 -11.46 0.31
C ARG A 69 -2.06 -10.10 0.24
N LEU A 70 -2.79 -9.06 -0.17
CA LEU A 70 -2.25 -7.72 -0.43
C LEU A 70 -1.81 -7.07 0.91
N CYS A 71 -2.70 -7.19 1.92
CA CYS A 71 -2.47 -6.61 3.26
C CYS A 71 -1.28 -7.28 3.97
N ARG A 72 -1.05 -8.57 3.66
CA ARG A 72 0.09 -9.33 4.19
C ARG A 72 1.40 -8.78 3.62
N MET A 73 1.41 -8.47 2.30
CA MET A 73 2.59 -7.87 1.62
C MET A 73 2.95 -6.52 2.26
N LEU A 74 1.91 -5.70 2.48
CA LEU A 74 2.04 -4.38 3.14
C LEU A 74 2.54 -4.52 4.61
N ASP A 75 2.06 -5.57 5.30
CA ASP A 75 2.41 -5.86 6.72
C ASP A 75 3.89 -6.28 6.86
N GLU A 76 4.30 -7.23 6.01
CA GLU A 76 5.68 -7.74 5.93
C GLU A 76 6.66 -6.58 5.70
N LYS A 77 6.37 -5.79 4.66
CA LYS A 77 7.20 -4.65 4.23
C LYS A 77 7.24 -3.53 5.27
N LEU A 78 6.10 -3.29 5.96
CA LEU A 78 6.01 -2.29 7.06
C LEU A 78 7.06 -2.62 8.13
N LYS A 79 7.09 -3.92 8.50
CA LYS A 79 8.06 -4.47 9.47
C LYS A 79 9.51 -4.37 8.93
N GLN A 80 9.69 -4.61 7.61
CA GLN A 80 11.02 -4.64 6.96
C GLN A 80 11.63 -3.23 6.87
N HIS A 81 10.76 -2.22 6.74
CA HIS A 81 11.17 -0.80 6.64
C HIS A 81 11.56 -0.27 8.05
N LEU A 82 10.87 -0.77 9.08
CA LEU A 82 11.20 -0.48 10.49
C LEU A 82 12.52 -1.19 10.89
N ALA A 83 12.71 -2.40 10.35
CA ALA A 83 13.89 -3.25 10.65
C ALA A 83 15.16 -2.71 9.95
N SER A 84 15.00 -2.29 8.69
CA SER A 84 16.11 -1.77 7.86
C SER A 84 16.46 -0.34 8.31
N GLY A 85 15.47 0.55 8.25
CA GLY A 85 15.67 1.97 8.59
C GLY A 85 15.39 2.26 10.07
N GLY A 86 15.89 1.38 10.94
CA GLY A 86 15.66 1.46 12.39
C GLY A 86 16.73 2.26 13.13
N ASP A 87 17.96 2.31 12.58
CA ASP A 87 19.09 3.00 13.21
C ASP A 87 20.08 3.50 12.14
N ARG A 8 12.02 11.49 1.81
CA ARG A 8 11.97 12.57 2.81
C ARG A 8 13.16 12.43 3.79
N PRO A 9 14.13 13.41 3.80
CA PRO A 9 15.31 13.39 4.73
C PRO A 9 14.88 13.45 6.21
N LEU A 10 13.83 14.25 6.47
CA LEU A 10 13.25 14.43 7.81
C LEU A 10 11.81 13.86 7.79
N PRO A 11 11.63 12.55 8.19
CA PRO A 11 10.30 11.87 8.18
C PRO A 11 9.47 12.16 9.46
N VAL A 12 9.64 13.38 10.00
CA VAL A 12 8.92 13.88 11.18
C VAL A 12 7.39 13.96 10.90
N CYS A 13 7.05 14.29 9.63
CA CYS A 13 5.67 14.24 9.13
C CYS A 13 5.18 12.77 9.06
N PRO A 14 3.97 12.43 9.61
CA PRO A 14 3.42 11.05 9.58
C PRO A 14 3.04 10.63 8.14
N ASN A 15 3.99 10.01 7.43
CA ASN A 15 3.76 9.49 6.06
C ASN A 15 2.97 8.17 6.12
N PRO A 16 1.82 8.04 5.36
CA PRO A 16 0.96 6.83 5.39
C PRO A 16 1.70 5.56 4.87
N LEU A 17 2.72 5.78 4.02
CA LEU A 17 3.74 4.78 3.62
C LEU A 17 3.22 3.76 2.57
N PHE A 18 2.07 3.12 2.85
CA PHE A 18 1.44 2.16 1.92
C PHE A 18 0.97 2.85 0.62
N VAL A 19 0.78 4.18 0.68
CA VAL A 19 0.46 4.99 -0.49
C VAL A 19 1.60 4.92 -1.52
N ARG A 20 2.83 5.27 -1.09
CA ARG A 20 4.02 5.26 -1.98
C ARG A 20 4.33 3.84 -2.48
N TRP A 21 4.10 2.84 -1.59
CA TRP A 21 4.38 1.42 -1.88
C TRP A 21 3.43 0.87 -2.96
N LEU A 22 2.12 1.05 -2.76
CA LEU A 22 1.11 0.58 -3.73
C LEU A 22 1.25 1.28 -5.10
N THR A 23 1.77 2.53 -5.09
CA THR A 23 2.00 3.31 -6.32
C THR A 23 3.24 2.80 -7.08
N GLU A 24 4.34 2.53 -6.36
CA GLU A 24 5.63 2.15 -6.97
C GLU A 24 5.57 0.73 -7.54
N TRP A 25 4.89 -0.19 -6.81
CA TRP A 25 4.75 -1.60 -7.23
C TRP A 25 3.76 -1.70 -8.40
N ARG A 26 2.73 -0.83 -8.40
CA ARG A 26 1.79 -0.67 -9.53
C ARG A 26 2.54 -0.17 -10.79
N ASP A 27 3.50 0.75 -10.57
CA ASP A 27 4.29 1.36 -11.66
C ASP A 27 5.25 0.32 -12.26
N GLU A 28 5.89 -0.47 -11.38
CA GLU A 28 6.75 -1.58 -11.78
C GLU A 28 5.92 -2.65 -12.51
N ALA A 29 4.69 -2.87 -12.06
CA ALA A 29 3.79 -3.83 -12.69
C ALA A 29 3.33 -3.34 -14.07
N ALA A 30 3.22 -2.01 -14.21
CA ALA A 30 2.80 -1.34 -15.44
C ALA A 30 3.94 -1.31 -16.49
N SER A 31 5.18 -1.12 -16.00
CA SER A 31 6.36 -0.94 -16.87
C SER A 31 7.14 -2.25 -17.05
N ARG A 32 7.58 -2.86 -15.94
CA ARG A 32 8.38 -4.11 -15.94
C ARG A 32 7.54 -5.28 -16.48
N GLY A 33 6.35 -5.48 -15.91
CA GLY A 33 5.38 -6.46 -16.42
C GLY A 33 5.01 -7.50 -15.39
N ARG A 34 4.29 -7.06 -14.35
CA ARG A 34 3.82 -7.91 -13.25
C ARG A 34 2.28 -7.91 -13.24
N HIS A 35 1.66 -9.10 -13.08
CA HIS A 35 0.19 -9.27 -13.15
C HIS A 35 -0.54 -8.73 -11.90
N THR A 36 0.24 -8.28 -10.90
CA THR A 36 -0.30 -7.65 -9.68
C THR A 36 -0.69 -6.17 -9.93
N ARG A 37 -0.58 -5.72 -11.20
CA ARG A 37 -0.99 -4.38 -11.66
C ARG A 37 -2.42 -4.04 -11.23
N PHE A 38 -3.32 -5.03 -11.39
CA PHE A 38 -4.75 -4.89 -11.14
C PHE A 38 -5.04 -4.81 -9.63
N VAL A 39 -4.41 -5.71 -8.84
CA VAL A 39 -4.68 -5.80 -7.39
C VAL A 39 -4.06 -4.59 -6.63
N PHE A 40 -2.91 -4.08 -7.12
CA PHE A 40 -2.26 -2.87 -6.56
C PHE A 40 -3.00 -1.60 -7.00
N GLN A 41 -3.63 -1.62 -8.21
CA GLN A 41 -4.43 -0.49 -8.73
C GLN A 41 -5.65 -0.25 -7.83
N LYS A 42 -6.38 -1.33 -7.51
CA LYS A 42 -7.64 -1.25 -6.71
C LYS A 42 -7.36 -1.00 -5.22
N ALA A 43 -6.25 -1.58 -4.72
CA ALA A 43 -5.79 -1.38 -3.34
C ALA A 43 -5.38 0.08 -3.13
N LEU A 44 -4.64 0.62 -4.10
CA LEU A 44 -4.22 2.02 -4.09
C LEU A 44 -5.42 2.96 -4.27
N ARG A 45 -6.35 2.58 -5.17
CA ARG A 45 -7.52 3.42 -5.56
C ARG A 45 -8.36 3.74 -4.33
N SER A 46 -8.66 2.70 -3.55
CA SER A 46 -9.38 2.81 -2.28
C SER A 46 -8.62 3.72 -1.30
N LEU A 47 -7.31 3.47 -1.16
CA LEU A 47 -6.43 4.21 -0.23
C LEU A 47 -6.32 5.72 -0.59
N GLN A 48 -6.45 6.06 -1.90
CA GLN A 48 -6.42 7.46 -2.36
C GLN A 48 -7.68 8.21 -1.92
N ARG A 49 -8.85 7.52 -2.03
CA ARG A 49 -10.17 8.08 -1.66
C ARG A 49 -10.65 7.58 -0.28
N TYR A 50 -9.72 7.01 0.52
CA TYR A 50 -9.96 6.67 1.94
C TYR A 50 -8.78 7.25 2.76
N PRO A 51 -8.94 8.50 3.32
CA PRO A 51 -7.83 9.25 3.96
C PRO A 51 -7.55 8.84 5.43
N LEU A 52 -7.66 7.54 5.74
CA LEU A 52 -7.28 7.00 7.07
C LEU A 52 -5.76 6.74 7.05
N PRO A 53 -4.99 7.21 8.08
CA PRO A 53 -3.55 6.88 8.22
C PRO A 53 -3.33 5.38 8.52
N LEU A 54 -3.23 4.57 7.46
CA LEU A 54 -2.84 3.16 7.59
C LEU A 54 -1.32 3.12 7.86
N ARG A 55 -0.96 2.86 9.13
CA ARG A 55 0.45 2.81 9.58
C ARG A 55 0.91 1.35 9.67
N SER A 56 0.06 0.49 10.25
CA SER A 56 0.31 -0.96 10.30
C SER A 56 -0.32 -1.63 9.07
N GLY A 57 0.35 -2.69 8.56
CA GLY A 57 -0.19 -3.50 7.48
C GLY A 57 -1.45 -4.24 7.89
N LYS A 58 -1.59 -4.50 9.20
CA LYS A 58 -2.81 -5.06 9.79
C LYS A 58 -4.01 -4.10 9.63
N GLU A 59 -3.76 -2.78 9.67
CA GLU A 59 -4.80 -1.75 9.44
C GLU A 59 -5.29 -1.76 7.98
N ALA A 60 -4.40 -2.17 7.06
CA ALA A 60 -4.71 -2.24 5.60
C ALA A 60 -5.75 -3.34 5.28
N LYS A 61 -5.99 -4.25 6.25
CA LYS A 61 -6.95 -5.36 6.12
C LYS A 61 -8.42 -4.87 6.08
N ILE A 62 -8.68 -3.67 6.69
CA ILE A 62 -10.06 -3.12 6.81
C ILE A 62 -10.67 -2.81 5.42
N LEU A 63 -9.79 -2.58 4.43
CA LEU A 63 -10.17 -2.34 3.03
C LEU A 63 -10.03 -3.65 2.25
N GLN A 64 -11.18 -4.20 1.83
CA GLN A 64 -11.26 -5.47 1.08
C GLN A 64 -10.86 -5.30 -0.41
N HIS A 65 -10.56 -4.06 -0.82
CA HIS A 65 -9.99 -3.76 -2.15
C HIS A 65 -8.54 -4.26 -2.21
N PHE A 66 -7.88 -4.27 -1.03
CA PHE A 66 -6.62 -4.95 -0.81
C PHE A 66 -6.89 -6.46 -0.78
N GLY A 67 -7.60 -6.88 0.28
CA GLY A 67 -7.77 -8.30 0.59
C GLY A 67 -6.77 -8.78 1.64
N ASP A 68 -6.95 -10.01 2.11
CA ASP A 68 -6.12 -10.59 3.19
C ASP A 68 -4.65 -10.81 2.74
N ARG A 69 -4.48 -11.30 1.51
CA ARG A 69 -3.16 -11.61 0.93
C ARG A 69 -2.35 -10.32 0.67
N LEU A 70 -3.03 -9.32 0.10
CA LEU A 70 -2.44 -7.99 -0.18
C LEU A 70 -2.03 -7.31 1.14
N CYS A 71 -2.94 -7.38 2.14
CA CYS A 71 -2.72 -6.87 3.50
C CYS A 71 -1.48 -7.49 4.14
N ARG A 72 -1.28 -8.81 3.92
CA ARG A 72 -0.14 -9.56 4.49
C ARG A 72 1.18 -9.13 3.81
N MET A 73 1.14 -8.80 2.52
CA MET A 73 2.32 -8.26 1.80
C MET A 73 2.76 -6.93 2.44
N LEU A 74 1.78 -6.04 2.67
CA LEU A 74 2.01 -4.73 3.32
C LEU A 74 2.38 -4.89 4.82
N ASP A 75 1.88 -5.96 5.44
CA ASP A 75 2.13 -6.26 6.88
C ASP A 75 3.59 -6.68 7.08
N GLU A 76 4.05 -7.56 6.18
CA GLU A 76 5.45 -8.01 6.13
C GLU A 76 6.38 -6.82 5.85
N LYS A 77 6.07 -6.08 4.77
CA LYS A 77 6.86 -4.91 4.32
C LYS A 77 6.98 -3.84 5.42
N LEU A 78 5.86 -3.57 6.13
CA LEU A 78 5.83 -2.57 7.20
C LEU A 78 6.83 -2.95 8.31
N LYS A 79 6.78 -4.22 8.73
CA LYS A 79 7.69 -4.75 9.76
C LYS A 79 9.17 -4.72 9.28
N GLN A 80 9.39 -4.89 7.95
CA GLN A 80 10.73 -4.86 7.34
C GLN A 80 11.25 -3.41 7.30
N HIS A 81 10.31 -2.46 7.14
CA HIS A 81 10.60 -1.02 7.13
C HIS A 81 10.96 -0.56 8.55
N LEU A 82 10.32 -1.18 9.57
CA LEU A 82 10.63 -0.92 10.99
C LEU A 82 11.99 -1.55 11.36
N ALA A 83 12.31 -2.69 10.71
CA ALA A 83 13.59 -3.38 10.88
C ALA A 83 14.76 -2.52 10.34
N SER A 84 14.55 -1.91 9.17
CA SER A 84 15.54 -1.01 8.54
C SER A 84 15.50 0.41 9.17
N GLY A 85 14.36 0.73 9.81
CA GLY A 85 14.16 2.05 10.44
C GLY A 85 13.69 3.12 9.45
N GLY A 86 14.49 4.18 9.31
CA GLY A 86 14.17 5.29 8.39
C GLY A 86 15.07 6.49 8.64
N ASP A 87 15.25 6.82 9.93
CA ASP A 87 16.06 7.96 10.38
C ASP A 87 16.27 7.86 11.91
N ARG A 8 4.98 6.39 -14.42
CA ARG A 8 4.60 7.80 -14.31
C ARG A 8 4.82 8.29 -12.86
N PRO A 9 5.33 9.55 -12.66
CA PRO A 9 5.37 10.19 -11.32
C PRO A 9 3.97 10.77 -10.93
N LEU A 10 3.96 11.90 -10.18
CA LEU A 10 2.73 12.60 -9.73
C LEU A 10 1.95 11.73 -8.70
N PRO A 11 2.30 11.81 -7.38
CA PRO A 11 1.57 11.08 -6.31
C PRO A 11 0.20 11.75 -6.01
N VAL A 12 -0.86 10.93 -5.88
CA VAL A 12 -2.24 11.42 -5.64
C VAL A 12 -2.39 12.00 -4.21
N CYS A 13 -2.15 11.15 -3.18
CA CYS A 13 -2.20 11.56 -1.77
C CYS A 13 -1.11 10.80 -0.96
N PRO A 14 0.19 11.24 -1.04
CA PRO A 14 1.29 10.60 -0.29
C PRO A 14 1.43 11.16 1.15
N ASN A 15 1.60 10.26 2.13
CA ASN A 15 1.96 10.62 3.52
C ASN A 15 2.38 9.36 4.32
N PRO A 16 1.55 8.24 4.38
CA PRO A 16 2.05 6.94 4.89
C PRO A 16 2.93 6.24 3.85
N LEU A 17 3.65 5.21 4.29
CA LEU A 17 4.50 4.39 3.41
C LEU A 17 3.65 3.48 2.52
N PHE A 18 2.46 3.11 3.01
CA PHE A 18 1.54 2.16 2.35
C PHE A 18 1.04 2.69 0.99
N VAL A 19 0.67 3.98 0.96
CA VAL A 19 0.13 4.61 -0.26
C VAL A 19 1.21 4.70 -1.36
N ARG A 20 2.43 5.14 -0.98
CA ARG A 20 3.54 5.35 -1.92
C ARG A 20 4.10 3.99 -2.42
N TRP A 21 4.03 2.96 -1.55
CA TRP A 21 4.42 1.59 -1.91
C TRP A 21 3.43 0.99 -2.94
N LEU A 22 2.12 1.18 -2.71
CA LEU A 22 1.09 0.71 -3.67
C LEU A 22 1.16 1.49 -5.00
N THR A 23 1.62 2.76 -4.93
CA THR A 23 1.82 3.62 -6.13
C THR A 23 2.96 3.08 -7.01
N GLU A 24 4.11 2.80 -6.37
CA GLU A 24 5.31 2.32 -7.09
C GLU A 24 5.04 0.90 -7.64
N TRP A 25 4.49 -0.02 -6.81
CA TRP A 25 4.28 -1.43 -7.20
C TRP A 25 3.28 -1.57 -8.36
N ARG A 26 2.25 -0.70 -8.39
CA ARG A 26 1.25 -0.66 -9.48
C ARG A 26 1.90 -0.26 -10.82
N ASP A 27 2.65 0.85 -10.78
CA ASP A 27 3.25 1.46 -11.96
C ASP A 27 4.40 0.59 -12.50
N GLU A 28 5.20 0.06 -11.56
CA GLU A 28 6.28 -0.90 -11.83
C GLU A 28 5.72 -2.21 -12.39
N ALA A 29 4.51 -2.62 -11.93
CA ALA A 29 3.83 -3.83 -12.43
C ALA A 29 3.56 -3.71 -13.94
N ALA A 30 3.11 -2.51 -14.35
CA ALA A 30 2.91 -2.18 -15.77
C ALA A 30 4.26 -2.13 -16.52
N SER A 31 5.25 -1.44 -15.93
CA SER A 31 6.54 -1.12 -16.59
C SER A 31 7.53 -2.32 -16.60
N ARG A 32 7.27 -3.34 -15.77
CA ARG A 32 8.15 -4.53 -15.63
C ARG A 32 7.51 -5.72 -16.35
N GLY A 33 6.17 -5.82 -16.27
CA GLY A 33 5.41 -6.93 -16.87
C GLY A 33 4.80 -7.87 -15.82
N ARG A 34 4.61 -7.36 -14.59
CA ARG A 34 3.88 -8.09 -13.52
C ARG A 34 2.37 -8.02 -13.80
N HIS A 35 1.69 -9.14 -13.52
CA HIS A 35 0.23 -9.27 -13.62
C HIS A 35 -0.47 -8.65 -12.40
N THR A 36 0.33 -8.22 -11.38
CA THR A 36 -0.16 -7.59 -10.15
C THR A 36 -0.62 -6.12 -10.36
N ARG A 37 -0.67 -5.69 -11.64
CA ARG A 37 -1.20 -4.38 -12.07
C ARG A 37 -2.58 -4.08 -11.46
N PHE A 38 -3.48 -5.05 -11.59
CA PHE A 38 -4.92 -4.89 -11.29
C PHE A 38 -5.16 -4.82 -9.78
N VAL A 39 -4.46 -5.69 -9.00
CA VAL A 39 -4.64 -5.79 -7.54
C VAL A 39 -4.11 -4.53 -6.84
N PHE A 40 -2.95 -4.01 -7.30
CA PHE A 40 -2.36 -2.78 -6.76
C PHE A 40 -3.13 -1.54 -7.23
N GLN A 41 -3.76 -1.61 -8.42
CA GLN A 41 -4.61 -0.54 -8.97
C GLN A 41 -5.81 -0.28 -8.03
N LYS A 42 -6.59 -1.35 -7.79
CA LYS A 42 -7.84 -1.28 -7.00
C LYS A 42 -7.56 -1.04 -5.50
N ALA A 43 -6.49 -1.65 -4.97
CA ALA A 43 -6.08 -1.50 -3.55
C ALA A 43 -5.63 -0.07 -3.26
N LEU A 44 -4.75 0.47 -4.14
CA LEU A 44 -4.25 1.84 -4.04
C LEU A 44 -5.39 2.86 -4.16
N ARG A 45 -6.23 2.67 -5.19
CA ARG A 45 -7.37 3.56 -5.51
C ARG A 45 -8.27 3.75 -4.28
N SER A 46 -8.50 2.63 -3.56
CA SER A 46 -9.27 2.61 -2.32
C SER A 46 -8.55 3.40 -1.22
N LEU A 47 -7.24 3.19 -1.04
CA LEU A 47 -6.42 3.87 0.00
C LEU A 47 -6.41 5.41 -0.25
N GLN A 48 -6.39 5.79 -1.54
CA GLN A 48 -6.37 7.21 -1.98
C GLN A 48 -7.69 7.92 -1.57
N ARG A 49 -8.83 7.20 -1.69
CA ARG A 49 -10.16 7.73 -1.35
C ARG A 49 -10.59 7.34 0.08
N TYR A 50 -9.77 6.57 0.81
CA TYR A 50 -10.13 6.05 2.15
C TYR A 50 -9.77 7.10 3.22
N PRO A 51 -10.77 7.59 4.03
CA PRO A 51 -10.56 8.68 5.02
C PRO A 51 -9.78 8.22 6.26
N LEU A 52 -9.64 6.90 6.44
CA LEU A 52 -8.87 6.32 7.55
C LEU A 52 -7.38 6.23 7.16
N PRO A 53 -6.45 6.72 8.02
CA PRO A 53 -4.99 6.70 7.75
C PRO A 53 -4.39 5.30 8.06
N LEU A 54 -4.23 4.47 7.03
CA LEU A 54 -3.74 3.08 7.18
C LEU A 54 -2.23 3.09 7.48
N ARG A 55 -1.86 2.99 8.77
CA ARG A 55 -0.46 2.96 9.24
C ARG A 55 -0.02 1.50 9.56
N SER A 56 -0.93 0.53 9.35
CA SER A 56 -0.66 -0.90 9.47
C SER A 56 -1.43 -1.67 8.38
N GLY A 57 -0.84 -2.78 7.92
CA GLY A 57 -1.51 -3.70 7.00
C GLY A 57 -2.67 -4.45 7.66
N LYS A 58 -2.60 -4.51 9.00
CA LYS A 58 -3.71 -4.98 9.87
C LYS A 58 -4.99 -4.12 9.65
N GLU A 59 -4.78 -2.81 9.42
CA GLU A 59 -5.87 -1.84 9.16
C GLU A 59 -6.33 -1.90 7.70
N ALA A 60 -5.37 -2.18 6.79
CA ALA A 60 -5.66 -2.38 5.35
C ALA A 60 -6.41 -3.71 5.11
N LYS A 61 -6.21 -4.66 6.05
CA LYS A 61 -6.77 -6.03 6.01
C LYS A 61 -8.30 -6.04 5.89
N ILE A 62 -8.97 -5.07 6.55
CA ILE A 62 -10.44 -5.00 6.60
C ILE A 62 -11.05 -4.72 5.21
N LEU A 63 -10.26 -4.07 4.31
CA LEU A 63 -10.70 -3.78 2.95
C LEU A 63 -10.45 -5.00 2.04
N GLN A 64 -11.54 -5.58 1.52
CA GLN A 64 -11.52 -6.68 0.54
C GLN A 64 -10.98 -6.18 -0.83
N HIS A 65 -10.92 -4.84 -1.00
CA HIS A 65 -10.30 -4.18 -2.17
C HIS A 65 -8.80 -4.54 -2.30
N PHE A 66 -8.16 -4.75 -1.14
CA PHE A 66 -6.77 -5.16 -1.03
C PHE A 66 -6.73 -6.70 -1.08
N GLY A 67 -7.28 -7.33 -0.03
CA GLY A 67 -7.14 -8.78 0.20
C GLY A 67 -6.18 -9.05 1.34
N ASP A 68 -6.37 -10.19 2.04
CA ASP A 68 -5.55 -10.57 3.23
C ASP A 68 -4.05 -10.64 2.89
N ARG A 69 -3.71 -11.39 1.81
CA ARG A 69 -2.31 -11.59 1.36
C ARG A 69 -1.66 -10.26 0.97
N LEU A 70 -2.46 -9.40 0.30
CA LEU A 70 -2.05 -8.05 -0.14
C LEU A 70 -1.62 -7.23 1.10
N CYS A 71 -2.53 -7.18 2.09
CA CYS A 71 -2.36 -6.41 3.32
C CYS A 71 -1.22 -6.95 4.18
N ARG A 72 -0.96 -8.28 4.07
CA ARG A 72 0.14 -8.95 4.77
C ARG A 72 1.49 -8.53 4.16
N MET A 73 1.53 -8.34 2.83
CA MET A 73 2.72 -7.80 2.13
C MET A 73 3.04 -6.39 2.64
N LEU A 74 1.99 -5.54 2.70
CA LEU A 74 2.08 -4.15 3.21
C LEU A 74 2.53 -4.11 4.69
N ASP A 75 1.98 -5.05 5.49
CA ASP A 75 2.22 -5.12 6.95
C ASP A 75 3.66 -5.55 7.23
N GLU A 76 4.11 -6.56 6.46
CA GLU A 76 5.49 -7.06 6.52
C GLU A 76 6.48 -6.01 6.02
N LYS A 77 6.10 -5.23 5.00
CA LYS A 77 6.95 -4.15 4.46
C LYS A 77 7.23 -3.07 5.50
N LEU A 78 6.15 -2.60 6.18
CA LEU A 78 6.27 -1.62 7.29
C LEU A 78 7.17 -2.19 8.40
N LYS A 79 6.97 -3.48 8.67
CA LYS A 79 7.74 -4.27 9.65
C LYS A 79 9.24 -4.38 9.24
N GLN A 80 9.53 -4.52 7.91
CA GLN A 80 10.91 -4.65 7.38
C GLN A 80 11.64 -3.31 7.43
N HIS A 81 10.86 -2.22 7.26
CA HIS A 81 11.32 -0.83 7.38
C HIS A 81 11.85 -0.58 8.82
N LEU A 82 11.10 -1.10 9.81
CA LEU A 82 11.42 -0.96 11.25
C LEU A 82 12.55 -1.94 11.66
N ALA A 83 12.52 -3.17 11.12
CA ALA A 83 13.47 -4.25 11.46
C ALA A 83 14.88 -3.94 10.93
N SER A 84 14.94 -3.36 9.73
CA SER A 84 16.18 -2.90 9.10
C SER A 84 16.58 -1.52 9.66
N GLY A 85 15.57 -0.73 10.10
CA GLY A 85 15.79 0.65 10.53
C GLY A 85 16.09 1.57 9.35
N GLY A 86 15.63 1.15 8.16
CA GLY A 86 15.88 1.85 6.90
C GLY A 86 14.84 2.90 6.63
N ASP A 87 15.12 4.12 7.10
CA ASP A 87 14.22 5.29 6.94
C ASP A 87 14.95 6.41 6.17
N ARG A 8 -13.21 19.49 10.00
CA ARG A 8 -14.06 19.98 8.90
C ARG A 8 -13.22 20.52 7.71
N PRO A 9 -12.26 21.51 7.89
CA PRO A 9 -11.46 22.06 6.75
C PRO A 9 -10.19 21.22 6.43
N LEU A 10 -10.34 19.89 6.46
CA LEU A 10 -9.24 18.94 6.15
C LEU A 10 -9.79 17.90 5.13
N PRO A 11 -9.85 18.25 3.81
CA PRO A 11 -10.31 17.32 2.74
C PRO A 11 -9.17 16.41 2.20
N VAL A 12 -7.92 16.81 2.46
CA VAL A 12 -6.73 16.14 1.92
C VAL A 12 -6.45 14.82 2.64
N CYS A 13 -5.86 13.87 1.90
CA CYS A 13 -5.44 12.58 2.44
C CYS A 13 -4.18 12.75 3.31
N PRO A 14 -4.15 12.17 4.56
CA PRO A 14 -2.93 12.13 5.38
C PRO A 14 -2.01 11.00 4.85
N ASN A 15 -1.36 11.29 3.71
CA ASN A 15 -0.61 10.30 2.90
C ASN A 15 0.57 9.66 3.67
N PRO A 16 0.51 8.32 3.97
CA PRO A 16 1.64 7.58 4.57
C PRO A 16 2.54 6.89 3.51
N LEU A 17 3.41 5.97 3.96
CA LEU A 17 4.28 5.16 3.09
C LEU A 17 3.49 4.23 2.18
N PHE A 18 2.28 3.84 2.63
CA PHE A 18 1.45 2.84 1.95
C PHE A 18 0.98 3.33 0.56
N VAL A 19 0.67 4.65 0.42
CA VAL A 19 0.17 5.18 -0.86
C VAL A 19 1.27 5.15 -1.94
N ARG A 20 2.51 5.58 -1.60
CA ARG A 20 3.64 5.60 -2.56
C ARG A 20 4.07 4.18 -2.93
N TRP A 21 3.93 3.24 -1.95
CA TRP A 21 4.27 1.82 -2.15
C TRP A 21 3.30 1.17 -3.15
N LEU A 22 1.99 1.35 -2.95
CA LEU A 22 0.95 0.79 -3.85
C LEU A 22 1.05 1.40 -5.27
N THR A 23 1.51 2.66 -5.35
CA THR A 23 1.72 3.37 -6.62
C THR A 23 2.90 2.78 -7.40
N GLU A 24 4.05 2.62 -6.71
CA GLU A 24 5.31 2.18 -7.36
C GLU A 24 5.22 0.68 -7.74
N TRP A 25 4.64 -0.15 -6.85
CA TRP A 25 4.43 -1.58 -7.10
C TRP A 25 3.46 -1.79 -8.27
N ARG A 26 2.44 -0.91 -8.37
CA ARG A 26 1.45 -0.92 -9.48
C ARG A 26 2.14 -0.82 -10.85
N ASP A 27 2.91 0.26 -11.03
CA ASP A 27 3.45 0.64 -12.34
C ASP A 27 4.69 -0.17 -12.72
N GLU A 28 5.53 -0.50 -11.72
CA GLU A 28 6.71 -1.37 -11.91
C GLU A 28 6.30 -2.82 -12.20
N ALA A 29 5.14 -3.27 -11.65
CA ALA A 29 4.59 -4.61 -11.93
C ALA A 29 4.23 -4.74 -13.41
N ALA A 30 3.52 -3.73 -13.92
CA ALA A 30 3.13 -3.65 -15.36
C ALA A 30 4.37 -3.60 -16.27
N SER A 31 5.39 -2.86 -15.81
CA SER A 31 6.66 -2.68 -16.53
C SER A 31 7.50 -3.99 -16.53
N ARG A 32 7.33 -4.80 -15.46
CA ARG A 32 8.06 -6.08 -15.28
C ARG A 32 7.33 -7.23 -16.01
N GLY A 33 5.99 -7.09 -16.18
CA GLY A 33 5.15 -8.10 -16.85
C GLY A 33 3.96 -8.53 -16.01
N ARG A 34 4.09 -8.39 -14.67
CA ARG A 34 3.05 -8.75 -13.69
C ARG A 34 1.73 -7.98 -13.95
N HIS A 35 0.60 -8.71 -13.91
CA HIS A 35 -0.76 -8.12 -14.01
C HIS A 35 -1.26 -7.71 -12.62
N THR A 36 -0.36 -7.77 -11.61
CA THR A 36 -0.63 -7.31 -10.25
C THR A 36 -0.75 -5.76 -10.19
N ARG A 37 -0.55 -5.07 -11.35
CA ARG A 37 -0.80 -3.62 -11.48
C ARG A 37 -2.21 -3.28 -10.97
N PHE A 38 -3.19 -4.10 -11.39
CA PHE A 38 -4.61 -3.86 -11.15
C PHE A 38 -4.98 -4.04 -9.65
N VAL A 39 -4.35 -5.01 -8.94
CA VAL A 39 -4.65 -5.26 -7.52
C VAL A 39 -4.01 -4.17 -6.62
N PHE A 40 -2.79 -3.72 -6.99
CA PHE A 40 -2.10 -2.58 -6.34
C PHE A 40 -2.83 -1.25 -6.66
N GLN A 41 -3.46 -1.20 -7.84
CA GLN A 41 -4.23 -0.04 -8.32
C GLN A 41 -5.47 0.20 -7.46
N LYS A 42 -6.31 -0.86 -7.32
CA LYS A 42 -7.59 -0.77 -6.59
C LYS A 42 -7.37 -0.69 -5.06
N ALA A 43 -6.26 -1.27 -4.60
CA ALA A 43 -5.80 -1.16 -3.20
C ALA A 43 -5.50 0.31 -2.87
N LEU A 44 -4.77 0.95 -3.80
CA LEU A 44 -4.39 2.38 -3.72
C LEU A 44 -5.63 3.28 -3.75
N ARG A 45 -6.52 3.06 -4.73
CA ARG A 45 -7.75 3.84 -4.95
C ARG A 45 -8.66 3.81 -3.70
N SER A 46 -8.73 2.61 -3.09
CA SER A 46 -9.47 2.39 -1.84
C SER A 46 -8.83 3.19 -0.69
N LEU A 47 -7.49 3.11 -0.59
CA LEU A 47 -6.71 3.75 0.49
C LEU A 47 -6.84 5.30 0.47
N GLN A 48 -6.83 5.87 -0.76
CA GLN A 48 -6.92 7.32 -0.98
C GLN A 48 -8.30 7.86 -0.55
N ARG A 49 -9.37 7.11 -0.89
CA ARG A 49 -10.77 7.51 -0.57
C ARG A 49 -11.13 7.16 0.90
N TYR A 50 -10.38 6.21 1.50
CA TYR A 50 -10.68 5.64 2.83
C TYR A 50 -10.30 6.65 3.95
N PRO A 51 -11.29 7.14 4.76
CA PRO A 51 -11.04 8.21 5.77
C PRO A 51 -10.33 7.68 7.05
N LEU A 52 -10.37 6.36 7.23
CA LEU A 52 -9.74 5.67 8.36
C LEU A 52 -8.20 5.61 8.10
N PRO A 53 -7.35 6.22 9.00
CA PRO A 53 -5.88 6.19 8.85
C PRO A 53 -5.29 4.77 9.12
N LEU A 54 -4.96 4.05 8.03
CA LEU A 54 -4.32 2.73 8.11
C LEU A 54 -2.83 2.90 8.43
N ARG A 55 -2.48 2.68 9.71
CA ARG A 55 -1.10 2.83 10.25
C ARG A 55 -0.28 1.56 9.99
N SER A 56 -0.99 0.43 9.80
CA SER A 56 -0.40 -0.89 9.47
C SER A 56 -1.21 -1.59 8.37
N GLY A 57 -0.57 -2.55 7.67
CA GLY A 57 -1.24 -3.40 6.68
C GLY A 57 -2.13 -4.46 7.33
N LYS A 58 -1.89 -4.69 8.63
CA LYS A 58 -2.78 -5.48 9.51
C LYS A 58 -4.18 -4.84 9.60
N GLU A 59 -4.22 -3.50 9.56
CA GLU A 59 -5.47 -2.73 9.55
C GLU A 59 -6.04 -2.64 8.13
N ALA A 60 -5.15 -2.73 7.12
CA ALA A 60 -5.55 -2.80 5.70
C ALA A 60 -6.13 -4.20 5.34
N LYS A 61 -5.96 -5.17 6.26
CA LYS A 61 -6.50 -6.54 6.14
C LYS A 61 -8.05 -6.53 6.11
N ILE A 62 -8.66 -5.56 6.82
CA ILE A 62 -10.13 -5.43 6.91
C ILE A 62 -10.74 -4.99 5.55
N LEU A 63 -9.87 -4.54 4.62
CA LEU A 63 -10.27 -4.22 3.24
C LEU A 63 -9.81 -5.33 2.29
N GLN A 64 -10.79 -6.04 1.71
CA GLN A 64 -10.56 -7.06 0.66
C GLN A 64 -10.16 -6.39 -0.69
N HIS A 65 -10.28 -5.04 -0.74
CA HIS A 65 -9.84 -4.20 -1.88
C HIS A 65 -8.34 -4.40 -2.15
N PHE A 66 -7.56 -4.51 -1.05
CA PHE A 66 -6.15 -4.88 -1.09
C PHE A 66 -6.07 -6.40 -1.33
N GLY A 67 -6.77 -7.15 -0.46
CA GLY A 67 -6.76 -8.61 -0.47
C GLY A 67 -5.77 -9.16 0.54
N ASP A 68 -6.11 -10.31 1.14
CA ASP A 68 -5.38 -10.92 2.29
C ASP A 68 -3.86 -11.04 2.04
N ARG A 69 -3.47 -11.39 0.80
CA ARG A 69 -2.05 -11.57 0.42
C ARG A 69 -1.33 -10.22 0.30
N LEU A 70 -2.01 -9.22 -0.28
CA LEU A 70 -1.47 -7.85 -0.44
C LEU A 70 -1.36 -7.18 0.94
N CYS A 71 -2.34 -7.43 1.81
CA CYS A 71 -2.39 -6.89 3.19
C CYS A 71 -1.20 -7.40 4.00
N ARG A 72 -0.82 -8.67 3.73
CA ARG A 72 0.40 -9.28 4.28
C ARG A 72 1.66 -8.61 3.70
N MET A 73 1.71 -8.39 2.37
CA MET A 73 2.87 -7.77 1.69
C MET A 73 3.11 -6.36 2.25
N LEU A 74 2.00 -5.67 2.48
CA LEU A 74 1.96 -4.26 2.91
C LEU A 74 2.47 -4.12 4.35
N ASP A 75 2.00 -5.03 5.22
CA ASP A 75 2.34 -5.04 6.66
C ASP A 75 3.76 -5.55 6.89
N GLU A 76 4.19 -6.52 6.06
CA GLU A 76 5.54 -7.11 6.08
C GLU A 76 6.58 -6.08 5.62
N LYS A 77 6.23 -5.27 4.61
CA LYS A 77 7.07 -4.14 4.14
C LYS A 77 7.19 -3.08 5.23
N LEU A 78 6.05 -2.75 5.87
CA LEU A 78 6.01 -1.78 7.00
C LEU A 78 6.87 -2.32 8.16
N LYS A 79 6.86 -3.66 8.32
CA LYS A 79 7.67 -4.38 9.32
C LYS A 79 9.17 -4.27 8.96
N GLN A 80 9.52 -4.39 7.65
CA GLN A 80 10.93 -4.34 7.17
C GLN A 80 11.53 -2.95 7.42
N HIS A 81 10.65 -1.94 7.28
CA HIS A 81 10.91 -0.54 7.63
C HIS A 81 11.26 -0.44 9.15
N LEU A 82 10.42 -1.06 10.00
CA LEU A 82 10.60 -1.06 11.48
C LEU A 82 11.77 -1.97 11.91
N ALA A 83 12.15 -2.95 11.05
CA ALA A 83 13.15 -3.97 11.40
C ALA A 83 14.58 -3.49 11.07
N SER A 84 14.81 -3.19 9.79
CA SER A 84 16.13 -2.76 9.29
C SER A 84 16.43 -1.31 9.70
N GLY A 85 15.40 -0.44 9.67
CA GLY A 85 15.56 0.98 10.00
C GLY A 85 15.38 1.27 11.49
N GLY A 86 14.56 0.44 12.15
CA GLY A 86 14.25 0.62 13.57
C GLY A 86 13.27 1.77 13.80
N ASP A 87 13.83 2.98 13.92
CA ASP A 87 13.06 4.22 14.10
C ASP A 87 13.94 5.42 13.65
N ARG A 8 -8.28 24.25 2.76
CA ARG A 8 -8.31 22.76 2.70
C ARG A 8 -7.67 22.21 4.01
N PRO A 9 -8.34 21.26 4.73
CA PRO A 9 -7.77 20.60 5.92
C PRO A 9 -6.58 19.67 5.54
N LEU A 10 -5.39 20.29 5.41
CA LEU A 10 -4.14 19.60 4.98
C LEU A 10 -3.64 18.61 6.07
N PRO A 11 -2.96 17.47 5.68
CA PRO A 11 -2.44 16.46 6.63
C PRO A 11 -1.42 17.05 7.64
N VAL A 12 -1.86 17.19 8.90
CA VAL A 12 -1.02 17.67 10.01
C VAL A 12 0.00 16.58 10.44
N CYS A 13 -0.43 15.31 10.29
CA CYS A 13 0.39 14.12 10.54
C CYS A 13 1.23 13.77 9.28
N PRO A 14 2.33 12.97 9.40
CA PRO A 14 3.07 12.44 8.23
C PRO A 14 2.15 11.66 7.27
N ASN A 15 2.37 11.82 5.95
CA ASN A 15 1.60 11.14 4.89
C ASN A 15 1.78 9.60 5.00
N PRO A 16 0.68 8.76 4.87
CA PRO A 16 0.75 7.28 5.01
C PRO A 16 1.72 6.64 3.98
N LEU A 17 2.45 5.61 4.43
CA LEU A 17 3.58 5.03 3.68
C LEU A 17 3.10 4.09 2.55
N PHE A 18 1.93 3.48 2.77
CA PHE A 18 1.36 2.49 1.84
C PHE A 18 0.87 3.13 0.53
N VAL A 19 0.58 4.45 0.54
CA VAL A 19 0.06 5.13 -0.66
C VAL A 19 1.16 5.23 -1.73
N ARG A 20 2.42 5.51 -1.31
CA ARG A 20 3.57 5.57 -2.24
C ARG A 20 3.96 4.16 -2.68
N TRP A 21 3.87 3.20 -1.72
CA TRP A 21 4.21 1.80 -1.95
C TRP A 21 3.26 1.15 -2.98
N LEU A 22 1.96 1.44 -2.87
CA LEU A 22 0.94 0.89 -3.82
C LEU A 22 1.03 1.55 -5.20
N THR A 23 1.45 2.84 -5.23
CA THR A 23 1.68 3.56 -6.51
C THR A 23 2.87 2.96 -7.26
N GLU A 24 3.99 2.75 -6.54
CA GLU A 24 5.24 2.26 -7.14
C GLU A 24 5.10 0.79 -7.57
N TRP A 25 4.50 -0.06 -6.71
CA TRP A 25 4.32 -1.51 -7.02
C TRP A 25 3.39 -1.73 -8.22
N ARG A 26 2.41 -0.82 -8.40
CA ARG A 26 1.52 -0.80 -9.57
C ARG A 26 2.29 -0.41 -10.86
N ASP A 27 3.11 0.64 -10.76
CA ASP A 27 3.88 1.20 -11.89
C ASP A 27 4.98 0.22 -12.35
N GLU A 28 5.64 -0.40 -11.37
CA GLU A 28 6.67 -1.42 -11.59
C GLU A 28 6.01 -2.69 -12.16
N ALA A 29 4.78 -3.00 -11.72
CA ALA A 29 4.00 -4.13 -12.24
C ALA A 29 3.68 -3.95 -13.74
N ALA A 30 3.53 -2.69 -14.17
CA ALA A 30 3.38 -2.34 -15.58
C ALA A 30 4.71 -2.55 -16.34
N SER A 31 5.80 -2.06 -15.74
CA SER A 31 7.15 -2.07 -16.35
C SER A 31 7.79 -3.49 -16.34
N ARG A 32 7.31 -4.37 -15.43
CA ARG A 32 7.85 -5.74 -15.26
C ARG A 32 6.85 -6.80 -15.76
N GLY A 33 5.66 -6.34 -16.23
CA GLY A 33 4.64 -7.23 -16.82
C GLY A 33 3.87 -8.06 -15.78
N ARG A 34 3.99 -7.69 -14.50
CA ARG A 34 3.31 -8.39 -13.38
C ARG A 34 1.79 -8.21 -13.47
N HIS A 35 1.04 -9.31 -13.26
CA HIS A 35 -0.43 -9.33 -13.40
C HIS A 35 -1.14 -8.76 -12.15
N THR A 36 -0.36 -8.51 -11.08
CA THR A 36 -0.87 -7.94 -9.81
C THR A 36 -1.05 -6.40 -9.88
N ARG A 37 -0.85 -5.80 -11.07
CA ARG A 37 -0.98 -4.34 -11.27
C ARG A 37 -2.36 -3.82 -10.86
N PHE A 38 -3.40 -4.59 -11.21
CA PHE A 38 -4.81 -4.19 -11.00
C PHE A 38 -5.22 -4.24 -9.51
N VAL A 39 -4.68 -5.21 -8.75
CA VAL A 39 -4.97 -5.35 -7.31
C VAL A 39 -4.18 -4.30 -6.49
N PHE A 40 -2.97 -3.93 -6.98
CA PHE A 40 -2.19 -2.79 -6.43
C PHE A 40 -2.88 -1.44 -6.76
N GLN A 41 -3.54 -1.39 -7.95
CA GLN A 41 -4.22 -0.18 -8.45
C GLN A 41 -5.46 0.10 -7.59
N LYS A 42 -6.32 -0.92 -7.42
CA LYS A 42 -7.60 -0.77 -6.69
C LYS A 42 -7.37 -0.59 -5.19
N ALA A 43 -6.27 -1.19 -4.66
CA ALA A 43 -5.87 -1.04 -3.25
C ALA A 43 -5.38 0.40 -3.00
N LEU A 44 -4.60 0.91 -3.97
CA LEU A 44 -4.15 2.31 -3.99
C LEU A 44 -5.36 3.26 -3.98
N ARG A 45 -6.30 2.99 -4.90
CA ARG A 45 -7.52 3.79 -5.11
C ARG A 45 -8.38 3.79 -3.83
N SER A 46 -8.41 2.62 -3.18
CA SER A 46 -9.17 2.37 -1.96
C SER A 46 -8.58 3.14 -0.77
N LEU A 47 -7.24 3.28 -0.75
CA LEU A 47 -6.52 4.02 0.29
C LEU A 47 -6.73 5.54 0.09
N GLN A 48 -6.70 5.99 -1.18
CA GLN A 48 -6.84 7.41 -1.56
C GLN A 48 -8.22 7.97 -1.15
N ARG A 49 -9.26 7.12 -1.23
CA ARG A 49 -10.63 7.52 -0.83
C ARG A 49 -10.87 7.32 0.69
N TYR A 50 -10.26 6.28 1.28
CA TYR A 50 -10.48 5.92 2.70
C TYR A 50 -9.76 6.95 3.61
N PRO A 51 -10.51 7.70 4.48
CA PRO A 51 -9.95 8.81 5.28
C PRO A 51 -9.28 8.33 6.60
N LEU A 52 -8.50 7.24 6.51
CA LEU A 52 -7.78 6.66 7.66
C LEU A 52 -6.27 6.62 7.36
N PRO A 53 -5.41 7.17 8.28
CA PRO A 53 -3.94 7.02 8.22
C PRO A 53 -3.49 5.54 8.31
N LEU A 54 -3.39 4.88 7.14
CA LEU A 54 -2.95 3.48 7.04
C LEU A 54 -1.40 3.41 7.06
N ARG A 55 -0.82 3.26 8.27
CA ARG A 55 0.62 2.96 8.45
C ARG A 55 0.79 1.52 8.95
N SER A 56 -0.22 0.98 9.65
CA SER A 56 -0.21 -0.42 10.14
C SER A 56 -0.73 -1.36 9.03
N GLY A 57 0.09 -2.37 8.66
CA GLY A 57 -0.25 -3.31 7.58
C GLY A 57 -1.46 -4.19 7.89
N LYS A 58 -1.72 -4.37 9.19
CA LYS A 58 -2.90 -5.08 9.71
C LYS A 58 -4.22 -4.43 9.23
N GLU A 59 -4.18 -3.10 9.05
CA GLU A 59 -5.37 -2.29 8.70
C GLU A 59 -5.58 -2.19 7.18
N ALA A 60 -4.79 -2.94 6.40
CA ALA A 60 -4.96 -3.01 4.95
C ALA A 60 -6.11 -3.96 4.56
N LYS A 61 -6.18 -5.13 5.25
CA LYS A 61 -7.14 -6.21 4.91
C LYS A 61 -8.60 -5.85 5.26
N ILE A 62 -8.79 -4.81 6.11
CA ILE A 62 -10.13 -4.37 6.53
C ILE A 62 -10.93 -3.77 5.33
N LEU A 63 -10.22 -3.39 4.25
CA LEU A 63 -10.82 -2.96 2.98
C LEU A 63 -10.85 -4.13 2.00
N GLN A 64 -11.95 -4.24 1.24
CA GLN A 64 -12.20 -5.36 0.30
C GLN A 64 -11.23 -5.37 -0.91
N HIS A 65 -10.72 -4.19 -1.30
CA HIS A 65 -9.85 -4.04 -2.50
C HIS A 65 -8.45 -4.62 -2.30
N PHE A 66 -8.04 -4.77 -1.04
CA PHE A 66 -6.73 -5.34 -0.68
C PHE A 66 -6.83 -6.88 -0.67
N GLY A 67 -7.34 -7.45 0.43
CA GLY A 67 -7.37 -8.91 0.62
C GLY A 67 -6.13 -9.43 1.34
N ASP A 68 -6.06 -10.75 1.56
CA ASP A 68 -5.00 -11.41 2.36
C ASP A 68 -3.59 -11.23 1.75
N ARG A 69 -3.47 -11.50 0.43
CA ARG A 69 -2.18 -11.45 -0.29
C ARG A 69 -1.60 -10.02 -0.30
N LEU A 70 -2.49 -9.06 -0.62
CA LEU A 70 -2.15 -7.64 -0.75
C LEU A 70 -1.76 -7.06 0.63
N CYS A 71 -2.61 -7.31 1.62
CA CYS A 71 -2.41 -6.85 3.01
C CYS A 71 -1.13 -7.44 3.61
N ARG A 72 -0.81 -8.68 3.22
CA ARG A 72 0.41 -9.38 3.70
C ARG A 72 1.66 -8.72 3.10
N MET A 73 1.57 -8.22 1.84
CA MET A 73 2.64 -7.42 1.20
C MET A 73 2.91 -6.15 2.04
N LEU A 74 1.84 -5.40 2.33
CA LEU A 74 1.92 -4.15 3.13
C LEU A 74 2.42 -4.43 4.58
N ASP A 75 1.97 -5.54 5.17
CA ASP A 75 2.26 -5.87 6.59
C ASP A 75 3.71 -6.37 6.76
N GLU A 76 4.16 -7.19 5.79
CA GLU A 76 5.56 -7.66 5.74
C GLU A 76 6.51 -6.49 5.51
N LYS A 77 6.22 -5.67 4.47
CA LYS A 77 7.07 -4.53 4.09
C LYS A 77 7.17 -3.50 5.23
N LEU A 78 6.04 -3.23 5.91
CA LEU A 78 6.00 -2.30 7.07
C LEU A 78 6.85 -2.87 8.22
N LYS A 79 6.77 -4.20 8.39
CA LYS A 79 7.54 -4.95 9.39
C LYS A 79 9.06 -4.80 9.13
N GLN A 80 9.46 -4.83 7.83
CA GLN A 80 10.89 -4.73 7.45
C GLN A 80 11.38 -3.29 7.58
N HIS A 81 10.48 -2.35 7.25
CA HIS A 81 10.69 -0.88 7.42
C HIS A 81 11.13 -0.57 8.86
N LEU A 82 10.36 -1.10 9.82
CA LEU A 82 10.65 -0.98 11.25
C LEU A 82 11.95 -1.73 11.61
N ALA A 83 12.04 -2.99 11.16
CA ALA A 83 13.15 -3.90 11.51
C ALA A 83 14.52 -3.42 10.96
N SER A 84 14.49 -2.50 9.97
CA SER A 84 15.73 -1.96 9.35
C SER A 84 15.97 -0.48 9.74
N GLY A 85 14.96 0.21 10.33
CA GLY A 85 15.13 1.61 10.74
C GLY A 85 14.08 2.14 11.72
N GLY A 86 12.79 2.03 11.33
CA GLY A 86 11.67 2.67 12.05
C GLY A 86 11.49 2.23 13.52
N ASP A 87 12.00 1.04 13.85
CA ASP A 87 11.95 0.48 15.21
C ASP A 87 13.37 0.53 15.82
N ARG A 8 -12.74 14.58 -5.62
CA ARG A 8 -12.13 13.25 -5.36
C ARG A 8 -11.36 13.30 -4.04
N PRO A 9 -11.43 12.24 -3.17
CA PRO A 9 -10.66 12.19 -1.92
C PRO A 9 -9.17 11.90 -2.22
N LEU A 10 -8.37 12.97 -2.27
CA LEU A 10 -6.92 12.88 -2.51
C LEU A 10 -6.21 13.20 -1.16
N PRO A 11 -5.57 12.19 -0.50
CA PRO A 11 -4.81 12.40 0.75
C PRO A 11 -3.47 13.12 0.46
N VAL A 12 -3.48 14.47 0.60
CA VAL A 12 -2.28 15.30 0.40
C VAL A 12 -1.29 15.16 1.59
N CYS A 13 -1.71 14.42 2.64
CA CYS A 13 -0.90 14.15 3.84
C CYS A 13 0.02 12.93 3.60
N PRO A 14 1.37 13.13 3.43
CA PRO A 14 2.34 12.02 3.32
C PRO A 14 2.64 11.43 4.71
N ASN A 15 1.94 10.32 5.04
CA ASN A 15 2.06 9.62 6.35
C ASN A 15 1.64 8.13 6.23
N PRO A 16 0.46 7.76 5.58
CA PRO A 16 0.17 6.34 5.26
C PRO A 16 1.22 5.78 4.27
N LEU A 17 2.19 5.01 4.80
CA LEU A 17 3.37 4.52 4.03
C LEU A 17 2.95 3.57 2.88
N PHE A 18 1.76 3.00 3.02
CA PHE A 18 1.22 2.03 2.05
C PHE A 18 0.87 2.68 0.71
N VAL A 19 0.66 4.03 0.70
CA VAL A 19 0.34 4.75 -0.54
C VAL A 19 1.55 4.72 -1.51
N ARG A 20 2.78 4.95 -0.96
CA ARG A 20 4.01 4.98 -1.78
C ARG A 20 4.39 3.57 -2.22
N TRP A 21 4.12 2.58 -1.33
CA TRP A 21 4.43 1.17 -1.60
C TRP A 21 3.48 0.58 -2.66
N LEU A 22 2.21 1.03 -2.66
CA LEU A 22 1.22 0.63 -3.69
C LEU A 22 1.45 1.37 -5.01
N THR A 23 2.02 2.60 -4.95
CA THR A 23 2.37 3.39 -6.14
C THR A 23 3.56 2.74 -6.90
N GLU A 24 4.63 2.40 -6.14
CA GLU A 24 5.87 1.85 -6.74
C GLU A 24 5.63 0.43 -7.29
N TRP A 25 4.82 -0.38 -6.57
CA TRP A 25 4.47 -1.75 -6.99
C TRP A 25 3.59 -1.74 -8.23
N ARG A 26 2.64 -0.79 -8.28
CA ARG A 26 1.74 -0.62 -9.43
C ARG A 26 2.55 -0.25 -10.69
N ASP A 27 3.60 0.58 -10.46
CA ASP A 27 4.55 1.03 -11.50
C ASP A 27 5.38 -0.15 -12.02
N GLU A 28 5.91 -0.97 -11.08
CA GLU A 28 6.72 -2.16 -11.39
C GLU A 28 5.86 -3.23 -12.08
N ALA A 29 4.59 -3.33 -11.67
CA ALA A 29 3.63 -4.30 -12.21
C ALA A 29 3.14 -3.87 -13.61
N ALA A 30 3.25 -2.58 -13.91
CA ALA A 30 2.99 -2.04 -15.25
C ALA A 30 4.19 -2.38 -16.17
N SER A 31 5.37 -1.90 -15.77
CA SER A 31 6.62 -1.97 -16.56
C SER A 31 7.04 -3.42 -16.85
N ARG A 32 7.02 -4.26 -15.81
CA ARG A 32 7.47 -5.66 -15.87
C ARG A 32 6.36 -6.57 -16.46
N GLY A 33 5.11 -6.06 -16.46
CA GLY A 33 3.96 -6.80 -16.97
C GLY A 33 3.53 -7.90 -16.01
N ARG A 34 2.75 -7.51 -15.00
CA ARG A 34 2.32 -8.38 -13.90
C ARG A 34 0.80 -8.33 -13.78
N HIS A 35 0.17 -9.46 -13.43
CA HIS A 35 -1.31 -9.53 -13.20
C HIS A 35 -1.71 -8.60 -12.03
N THR A 36 -0.77 -8.46 -11.07
CA THR A 36 -0.95 -7.67 -9.84
C THR A 36 -1.05 -6.15 -10.10
N ARG A 37 -0.86 -5.71 -11.37
CA ARG A 37 -1.06 -4.30 -11.78
C ARG A 37 -2.44 -3.78 -11.35
N PHE A 38 -3.46 -4.62 -11.57
CA PHE A 38 -4.87 -4.28 -11.32
C PHE A 38 -5.20 -4.24 -9.81
N VAL A 39 -4.59 -5.16 -9.01
CA VAL A 39 -4.87 -5.24 -7.56
C VAL A 39 -4.19 -4.09 -6.80
N PHE A 40 -2.94 -3.72 -7.21
CA PHE A 40 -2.20 -2.59 -6.61
C PHE A 40 -2.87 -1.25 -6.97
N GLN A 41 -3.45 -1.21 -8.19
CA GLN A 41 -4.18 -0.04 -8.71
C GLN A 41 -5.43 0.26 -7.85
N LYS A 42 -6.31 -0.74 -7.72
CA LYS A 42 -7.59 -0.59 -7.01
C LYS A 42 -7.39 -0.45 -5.49
N ALA A 43 -6.32 -1.06 -4.97
CA ALA A 43 -5.95 -0.97 -3.54
C ALA A 43 -5.50 0.46 -3.20
N LEU A 44 -4.69 1.05 -4.10
CA LEU A 44 -4.22 2.44 -3.96
C LEU A 44 -5.41 3.41 -4.04
N ARG A 45 -6.33 3.16 -4.99
CA ARG A 45 -7.54 3.98 -5.18
C ARG A 45 -8.46 3.92 -3.94
N SER A 46 -8.58 2.70 -3.35
CA SER A 46 -9.36 2.47 -2.12
C SER A 46 -8.72 3.20 -0.92
N LEU A 47 -7.38 3.23 -0.90
CA LEU A 47 -6.61 3.88 0.18
C LEU A 47 -6.80 5.42 0.11
N GLN A 48 -6.83 5.95 -1.13
CA GLN A 48 -7.01 7.39 -1.39
C GLN A 48 -8.37 7.89 -0.90
N ARG A 49 -9.43 7.10 -1.21
CA ARG A 49 -10.80 7.45 -0.79
C ARG A 49 -11.05 7.10 0.69
N TYR A 50 -10.18 6.25 1.27
CA TYR A 50 -10.31 5.81 2.68
C TYR A 50 -9.82 6.94 3.63
N PRO A 51 -10.69 7.48 4.52
CA PRO A 51 -10.34 8.60 5.43
C PRO A 51 -9.65 8.13 6.74
N LEU A 52 -9.00 6.95 6.71
CA LEU A 52 -8.21 6.42 7.85
C LEU A 52 -6.70 6.41 7.47
N PRO A 53 -5.79 6.84 8.40
CA PRO A 53 -4.33 6.80 8.16
C PRO A 53 -3.76 5.36 8.32
N LEU A 54 -3.69 4.64 7.19
CA LEU A 54 -3.25 3.23 7.16
C LEU A 54 -1.72 3.14 7.23
N ARG A 55 -1.21 2.74 8.40
CA ARG A 55 0.24 2.63 8.67
C ARG A 55 0.57 1.28 9.34
N SER A 56 -0.46 0.47 9.64
CA SER A 56 -0.30 -0.93 10.09
C SER A 56 -1.03 -1.84 9.10
N GLY A 57 -0.41 -2.98 8.75
CA GLY A 57 -0.97 -3.96 7.82
C GLY A 57 -2.30 -4.55 8.30
N LYS A 58 -2.50 -4.54 9.64
CA LYS A 58 -3.77 -4.89 10.28
C LYS A 58 -4.88 -3.88 9.86
N GLU A 59 -4.53 -2.58 9.89
CA GLU A 59 -5.46 -1.48 9.53
C GLU A 59 -5.71 -1.46 8.00
N ALA A 60 -4.76 -1.99 7.21
CA ALA A 60 -4.91 -2.13 5.76
C ALA A 60 -5.69 -3.40 5.39
N LYS A 61 -5.73 -4.37 6.32
CA LYS A 61 -6.35 -5.69 6.11
C LYS A 61 -7.89 -5.60 6.11
N ILE A 62 -8.46 -4.62 6.84
CA ILE A 62 -9.92 -4.42 6.92
C ILE A 62 -10.53 -4.05 5.54
N LEU A 63 -9.67 -3.61 4.61
CA LEU A 63 -10.05 -3.36 3.21
C LEU A 63 -9.81 -4.63 2.39
N GLN A 64 -10.90 -5.31 2.05
CA GLN A 64 -10.86 -6.55 1.24
C GLN A 64 -10.64 -6.23 -0.25
N HIS A 65 -10.70 -4.92 -0.60
CA HIS A 65 -10.34 -4.41 -1.95
C HIS A 65 -8.84 -4.62 -2.22
N PHE A 66 -8.06 -4.69 -1.13
CA PHE A 66 -6.62 -4.99 -1.17
C PHE A 66 -6.43 -6.50 -1.36
N GLY A 67 -7.12 -7.28 -0.52
CA GLY A 67 -7.03 -8.75 -0.53
C GLY A 67 -5.99 -9.25 0.45
N ASP A 68 -6.19 -10.50 0.94
CA ASP A 68 -5.36 -11.13 2.00
C ASP A 68 -3.85 -11.03 1.71
N ARG A 69 -3.47 -11.34 0.45
CA ARG A 69 -2.06 -11.37 0.00
C ARG A 69 -1.42 -9.98 0.11
N LEU A 70 -2.11 -8.99 -0.48
CA LEU A 70 -1.63 -7.60 -0.57
C LEU A 70 -1.53 -6.96 0.84
N CYS A 71 -2.51 -7.25 1.70
CA CYS A 71 -2.54 -6.74 3.09
C CYS A 71 -1.33 -7.26 3.89
N ARG A 72 -0.94 -8.53 3.62
CA ARG A 72 0.25 -9.15 4.24
C ARG A 72 1.55 -8.58 3.65
N MET A 73 1.54 -8.24 2.34
CA MET A 73 2.69 -7.61 1.65
C MET A 73 2.96 -6.20 2.23
N LEU A 74 1.89 -5.45 2.50
CA LEU A 74 1.94 -4.15 3.21
C LEU A 74 2.51 -4.32 4.62
N ASP A 75 2.05 -5.36 5.32
CA ASP A 75 2.49 -5.71 6.69
C ASP A 75 3.97 -6.14 6.70
N GLU A 76 4.43 -6.77 5.60
CA GLU A 76 5.82 -7.21 5.42
C GLU A 76 6.74 -6.00 5.21
N LYS A 77 6.34 -5.08 4.31
CA LYS A 77 7.11 -3.84 4.04
C LYS A 77 7.27 -3.00 5.31
N LEU A 78 6.13 -2.77 5.99
CA LEU A 78 6.05 -2.00 7.24
C LEU A 78 6.99 -2.62 8.30
N LYS A 79 6.98 -3.95 8.37
CA LYS A 79 7.82 -4.74 9.28
C LYS A 79 9.32 -4.53 8.97
N GLN A 80 9.69 -4.67 7.68
CA GLN A 80 11.11 -4.71 7.26
C GLN A 80 11.73 -3.31 7.31
N HIS A 81 10.90 -2.29 7.00
CA HIS A 81 11.29 -0.88 7.02
C HIS A 81 11.64 -0.47 8.46
N LEU A 82 10.71 -0.72 9.40
CA LEU A 82 10.88 -0.37 10.82
C LEU A 82 11.95 -1.25 11.50
N ALA A 83 12.17 -2.46 10.95
CA ALA A 83 13.25 -3.38 11.43
C ALA A 83 14.63 -2.81 11.05
N SER A 84 14.71 -2.23 9.84
CA SER A 84 15.94 -1.60 9.33
C SER A 84 16.13 -0.19 9.95
N GLY A 85 15.02 0.43 10.38
CA GLY A 85 15.05 1.75 11.02
C GLY A 85 13.66 2.38 11.06
N GLY A 86 13.25 2.88 12.25
CA GLY A 86 11.95 3.54 12.43
C GLY A 86 11.79 4.80 11.56
N ASP A 87 10.55 5.09 11.13
CA ASP A 87 10.27 6.16 10.17
C ASP A 87 9.46 7.27 10.85
N ARG A 8 -4.69 18.88 -6.53
CA ARG A 8 -4.87 17.41 -6.56
C ARG A 8 -4.51 16.79 -5.20
N PRO A 9 -5.25 15.72 -4.74
CA PRO A 9 -4.99 15.07 -3.43
C PRO A 9 -3.65 14.28 -3.47
N LEU A 10 -2.64 14.80 -2.76
CA LEU A 10 -1.31 14.18 -2.66
C LEU A 10 -0.78 14.40 -1.21
N PRO A 11 -1.33 13.64 -0.21
CA PRO A 11 -0.83 13.71 1.18
C PRO A 11 0.38 12.76 1.41
N VAL A 12 1.42 13.28 2.07
CA VAL A 12 2.62 12.50 2.41
C VAL A 12 2.39 11.63 3.66
N CYS A 13 1.23 11.81 4.34
CA CYS A 13 0.78 10.98 5.48
C CYS A 13 1.71 11.14 6.73
N PRO A 14 1.35 10.57 7.94
CA PRO A 14 2.30 10.42 9.09
C PRO A 14 3.57 9.62 8.68
N ASN A 15 3.39 8.69 7.72
CA ASN A 15 4.47 7.90 7.10
C ASN A 15 3.95 7.44 5.72
N PRO A 16 4.60 7.87 4.58
CA PRO A 16 4.08 7.63 3.21
C PRO A 16 4.26 6.18 2.69
N LEU A 17 4.72 5.25 3.55
CA LEU A 17 5.10 3.88 3.13
C LEU A 17 3.98 3.14 2.34
N PHE A 18 2.77 3.11 2.87
CA PHE A 18 1.64 2.38 2.24
C PHE A 18 1.26 2.97 0.87
N VAL A 19 1.16 4.31 0.78
CA VAL A 19 0.73 4.98 -0.45
C VAL A 19 1.82 4.94 -1.54
N ARG A 20 3.11 5.05 -1.13
CA ARG A 20 4.25 5.06 -2.08
C ARG A 20 4.45 3.67 -2.67
N TRP A 21 4.34 2.61 -1.81
CA TRP A 21 4.59 1.22 -2.23
C TRP A 21 3.53 0.76 -3.24
N LEU A 22 2.26 1.09 -2.99
CA LEU A 22 1.17 0.71 -3.90
C LEU A 22 1.28 1.43 -5.27
N THR A 23 1.77 2.69 -5.28
CA THR A 23 1.96 3.44 -6.55
C THR A 23 3.18 2.91 -7.33
N GLU A 24 4.32 2.70 -6.62
CA GLU A 24 5.62 2.35 -7.25
C GLU A 24 5.60 0.91 -7.78
N TRP A 25 4.98 0.00 -7.00
CA TRP A 25 4.86 -1.42 -7.38
C TRP A 25 3.84 -1.58 -8.52
N ARG A 26 2.79 -0.73 -8.53
CA ARG A 26 1.83 -0.63 -9.65
C ARG A 26 2.57 -0.24 -10.95
N ASP A 27 3.35 0.84 -10.86
CA ASP A 27 4.07 1.44 -12.00
C ASP A 27 5.09 0.45 -12.57
N GLU A 28 5.83 -0.22 -11.67
CA GLU A 28 6.81 -1.26 -12.03
C GLU A 28 6.11 -2.47 -12.64
N ALA A 29 4.98 -2.89 -12.04
CA ALA A 29 4.20 -4.06 -12.52
C ALA A 29 3.62 -3.80 -13.92
N ALA A 30 3.34 -2.51 -14.22
CA ALA A 30 2.88 -2.06 -15.53
C ALA A 30 3.96 -2.26 -16.59
N SER A 31 5.22 -2.00 -16.21
CA SER A 31 6.39 -2.11 -17.10
C SER A 31 6.98 -3.54 -17.15
N ARG A 32 6.85 -4.30 -16.05
CA ARG A 32 7.52 -5.62 -15.85
C ARG A 32 6.57 -6.80 -16.10
N GLY A 33 5.36 -6.50 -16.61
CA GLY A 33 4.39 -7.52 -17.02
C GLY A 33 3.78 -8.32 -15.88
N ARG A 34 3.70 -7.70 -14.70
CA ARG A 34 3.16 -8.34 -13.48
C ARG A 34 1.66 -8.01 -13.35
N HIS A 35 0.85 -9.05 -13.13
CA HIS A 35 -0.62 -8.96 -13.04
C HIS A 35 -1.06 -8.38 -11.68
N THR A 36 -0.10 -8.29 -10.75
CA THR A 36 -0.31 -7.66 -9.45
C THR A 36 -0.52 -6.13 -9.57
N ARG A 37 -0.27 -5.55 -10.77
CA ARG A 37 -0.50 -4.11 -11.04
C ARG A 37 -1.93 -3.71 -10.63
N PHE A 38 -2.87 -4.60 -10.97
CA PHE A 38 -4.30 -4.41 -10.80
C PHE A 38 -4.68 -4.43 -9.29
N VAL A 39 -4.03 -5.30 -8.49
CA VAL A 39 -4.31 -5.41 -7.04
C VAL A 39 -3.70 -4.22 -6.27
N PHE A 40 -2.52 -3.74 -6.73
CA PHE A 40 -1.87 -2.52 -6.19
C PHE A 40 -2.70 -1.27 -6.56
N GLN A 41 -3.39 -1.36 -7.73
CA GLN A 41 -4.21 -0.27 -8.28
C GLN A 41 -5.50 -0.08 -7.47
N LYS A 42 -6.26 -1.17 -7.31
CA LYS A 42 -7.56 -1.13 -6.63
C LYS A 42 -7.42 -0.91 -5.11
N ALA A 43 -6.32 -1.44 -4.55
CA ALA A 43 -6.01 -1.27 -3.11
C ALA A 43 -5.69 0.19 -2.79
N LEU A 44 -4.79 0.79 -3.59
CA LEU A 44 -4.39 2.19 -3.40
C LEU A 44 -5.59 3.13 -3.60
N ARG A 45 -6.36 2.89 -4.68
CA ARG A 45 -7.52 3.74 -5.03
C ARG A 45 -8.58 3.69 -3.91
N SER A 46 -8.69 2.52 -3.25
CA SER A 46 -9.55 2.33 -2.07
C SER A 46 -9.06 3.19 -0.90
N LEU A 47 -7.74 3.24 -0.71
CA LEU A 47 -7.08 4.03 0.36
C LEU A 47 -7.15 5.55 0.05
N GLN A 48 -7.14 5.90 -1.26
CA GLN A 48 -7.19 7.31 -1.73
C GLN A 48 -8.55 7.94 -1.41
N ARG A 49 -9.62 7.14 -1.56
CA ARG A 49 -11.00 7.59 -1.27
C ARG A 49 -11.33 7.43 0.23
N TYR A 50 -10.62 6.51 0.92
CA TYR A 50 -10.87 6.19 2.34
C TYR A 50 -10.17 7.22 3.25
N PRO A 51 -10.93 8.04 4.06
CA PRO A 51 -10.36 9.17 4.84
C PRO A 51 -9.69 8.72 6.17
N LEU A 52 -9.68 7.39 6.42
CA LEU A 52 -9.02 6.80 7.59
C LEU A 52 -7.59 6.37 7.17
N PRO A 53 -6.51 7.00 7.75
CA PRO A 53 -5.12 6.56 7.50
C PRO A 53 -4.82 5.25 8.27
N LEU A 54 -4.94 4.12 7.56
CA LEU A 54 -4.83 2.76 8.13
C LEU A 54 -3.52 2.58 8.92
N ARG A 55 -2.40 2.97 8.27
CA ARG A 55 -1.01 2.98 8.85
C ARG A 55 -0.46 1.56 9.06
N SER A 56 -1.14 0.75 9.89
CA SER A 56 -0.81 -0.65 10.11
C SER A 56 -1.56 -1.54 9.09
N GLY A 57 -0.94 -2.67 8.70
CA GLY A 57 -1.46 -3.54 7.64
C GLY A 57 -2.68 -4.34 8.03
N LYS A 58 -2.92 -4.52 9.34
CA LYS A 58 -4.10 -5.27 9.86
C LYS A 58 -5.42 -4.57 9.49
N GLU A 59 -5.39 -3.22 9.45
CA GLU A 59 -6.56 -2.40 9.10
C GLU A 59 -6.79 -2.33 7.57
N ALA A 60 -5.83 -2.86 6.78
CA ALA A 60 -5.97 -2.98 5.32
C ALA A 60 -6.91 -4.16 4.96
N LYS A 61 -7.14 -5.06 5.92
CA LYS A 61 -7.95 -6.27 5.75
C LYS A 61 -9.46 -5.94 5.58
N ILE A 62 -9.95 -4.86 6.27
CA ILE A 62 -11.38 -4.46 6.19
C ILE A 62 -11.76 -4.03 4.76
N LEU A 63 -10.78 -3.44 4.05
CA LEU A 63 -10.95 -3.03 2.65
C LEU A 63 -10.61 -4.22 1.74
N GLN A 64 -11.68 -4.81 1.20
CA GLN A 64 -11.62 -6.03 0.35
C GLN A 64 -10.81 -5.80 -0.96
N HIS A 65 -10.69 -4.52 -1.35
CA HIS A 65 -9.90 -4.10 -2.55
C HIS A 65 -8.43 -4.52 -2.40
N PHE A 66 -7.94 -4.50 -1.14
CA PHE A 66 -6.62 -5.04 -0.78
C PHE A 66 -6.68 -6.59 -0.88
N GLY A 67 -7.41 -7.21 0.08
CA GLY A 67 -7.44 -8.67 0.20
C GLY A 67 -6.26 -9.21 1.02
N ASP A 68 -6.23 -10.53 1.26
CA ASP A 68 -5.24 -11.16 2.16
C ASP A 68 -3.77 -11.01 1.67
N ARG A 69 -3.54 -11.21 0.35
CA ARG A 69 -2.18 -11.13 -0.24
C ARG A 69 -1.60 -9.72 -0.12
N LEU A 70 -2.43 -8.72 -0.44
CA LEU A 70 -2.04 -7.30 -0.45
C LEU A 70 -1.80 -6.81 1.01
N CYS A 71 -2.78 -7.12 1.87
CA CYS A 71 -2.76 -6.82 3.32
C CYS A 71 -1.50 -7.41 3.98
N ARG A 72 -1.12 -8.61 3.53
CA ARG A 72 0.08 -9.32 3.98
C ARG A 72 1.35 -8.58 3.51
N MET A 73 1.40 -8.20 2.21
CA MET A 73 2.54 -7.48 1.62
C MET A 73 2.87 -6.21 2.41
N LEU A 74 1.87 -5.34 2.59
CA LEU A 74 2.04 -4.03 3.27
C LEU A 74 2.37 -4.20 4.77
N ASP A 75 1.84 -5.27 5.39
CA ASP A 75 2.08 -5.58 6.82
C ASP A 75 3.54 -6.03 7.04
N GLU A 76 4.01 -6.94 6.17
CA GLU A 76 5.36 -7.52 6.22
C GLU A 76 6.41 -6.47 5.86
N LYS A 77 6.16 -5.73 4.77
CA LYS A 77 7.08 -4.72 4.24
C LYS A 77 7.26 -3.57 5.22
N LEU A 78 6.14 -3.14 5.86
CA LEU A 78 6.16 -2.11 6.93
C LEU A 78 7.14 -2.55 8.02
N LYS A 79 6.99 -3.82 8.43
CA LYS A 79 7.85 -4.45 9.44
C LYS A 79 9.33 -4.50 8.98
N GLN A 80 9.59 -4.80 7.68
CA GLN A 80 10.97 -4.93 7.13
C GLN A 80 11.70 -3.58 7.17
N HIS A 81 10.93 -2.53 6.87
CA HIS A 81 11.42 -1.15 6.74
C HIS A 81 11.79 -0.60 8.14
N LEU A 82 10.88 -0.82 9.11
CA LEU A 82 11.05 -0.35 10.50
C LEU A 82 12.09 -1.21 11.25
N ALA A 83 12.23 -2.49 10.83
CA ALA A 83 13.20 -3.44 11.44
C ALA A 83 14.63 -3.08 11.05
N SER A 84 14.79 -2.62 9.80
CA SER A 84 16.07 -2.12 9.30
C SER A 84 16.42 -0.77 9.99
N GLY A 85 15.36 0.02 10.27
CA GLY A 85 15.50 1.32 10.91
C GLY A 85 16.07 2.36 9.95
N GLY A 86 15.54 2.34 8.73
CA GLY A 86 15.96 3.26 7.67
C GLY A 86 14.79 3.70 6.80
N ASP A 87 15.07 4.61 5.85
CA ASP A 87 14.06 5.14 4.93
C ASP A 87 14.78 5.70 3.68
N ARG A 8 -3.30 24.04 -9.05
CA ARG A 8 -2.36 23.28 -8.19
C ARG A 8 -3.08 22.04 -7.61
N PRO A 9 -2.71 20.78 -8.02
CA PRO A 9 -3.35 19.55 -7.49
C PRO A 9 -2.92 19.25 -6.04
N LEU A 10 -3.82 19.53 -5.08
CA LEU A 10 -3.56 19.29 -3.66
C LEU A 10 -3.51 17.75 -3.38
N PRO A 11 -2.39 17.23 -2.79
CA PRO A 11 -2.20 15.78 -2.51
C PRO A 11 -2.85 15.35 -1.15
N VAL A 12 -4.14 15.76 -0.99
CA VAL A 12 -4.94 15.58 0.25
C VAL A 12 -5.39 14.12 0.47
N CYS A 13 -5.04 13.23 -0.47
CA CYS A 13 -5.20 11.77 -0.31
C CYS A 13 -4.33 11.28 0.87
N PRO A 14 -4.92 10.63 1.95
CA PRO A 14 -4.16 10.13 3.12
C PRO A 14 -3.07 9.11 2.71
N ASN A 15 -1.82 9.58 2.63
CA ASN A 15 -0.65 8.78 2.26
C ASN A 15 0.28 8.57 3.49
N PRO A 16 0.18 7.39 4.19
CA PRO A 16 1.07 7.06 5.32
C PRO A 16 2.45 6.60 4.80
N LEU A 17 2.42 5.52 4.00
CA LEU A 17 3.61 4.85 3.47
C LEU A 17 3.16 3.79 2.46
N PHE A 18 2.01 3.18 2.74
CA PHE A 18 1.40 2.14 1.88
C PHE A 18 0.97 2.69 0.51
N VAL A 19 0.53 3.97 0.45
CA VAL A 19 0.11 4.63 -0.81
C VAL A 19 1.30 4.70 -1.80
N ARG A 20 2.43 5.30 -1.37
CA ARG A 20 3.63 5.44 -2.24
C ARG A 20 4.14 4.05 -2.69
N TRP A 21 4.03 3.04 -1.79
CA TRP A 21 4.40 1.65 -2.07
C TRP A 21 3.48 1.03 -3.17
N LEU A 22 2.15 1.21 -3.04
CA LEU A 22 1.16 0.67 -4.01
C LEU A 22 1.29 1.35 -5.38
N THR A 23 1.75 2.61 -5.38
CA THR A 23 1.99 3.42 -6.60
C THR A 23 3.21 2.88 -7.37
N GLU A 24 4.35 2.74 -6.65
CA GLU A 24 5.64 2.36 -7.26
C GLU A 24 5.57 0.91 -7.78
N TRP A 25 4.98 0.00 -6.98
CA TRP A 25 4.89 -1.43 -7.31
C TRP A 25 3.94 -1.65 -8.50
N ARG A 26 2.86 -0.84 -8.56
CA ARG A 26 1.91 -0.82 -9.71
C ARG A 26 2.64 -0.45 -11.02
N ASP A 27 3.55 0.54 -10.91
CA ASP A 27 4.32 1.06 -12.06
C ASP A 27 5.39 0.05 -12.51
N GLU A 28 6.00 -0.64 -11.52
CA GLU A 28 6.92 -1.76 -11.78
C GLU A 28 6.14 -2.86 -12.50
N ALA A 29 4.92 -3.11 -12.05
CA ALA A 29 4.04 -4.15 -12.59
C ALA A 29 3.48 -3.77 -13.97
N ALA A 30 3.48 -2.46 -14.30
CA ALA A 30 3.04 -1.96 -15.60
C ALA A 30 4.12 -2.20 -16.67
N SER A 31 5.37 -1.81 -16.34
CA SER A 31 6.52 -1.92 -17.25
C SER A 31 7.01 -3.38 -17.38
N ARG A 32 7.27 -4.02 -16.23
CA ARG A 32 7.78 -5.41 -16.16
C ARG A 32 6.69 -6.43 -16.63
N GLY A 33 5.42 -6.05 -16.46
CA GLY A 33 4.28 -6.91 -16.84
C GLY A 33 4.02 -7.97 -15.78
N ARG A 34 3.27 -7.58 -14.73
CA ARG A 34 2.96 -8.42 -13.57
C ARG A 34 1.45 -8.39 -13.30
N HIS A 35 0.90 -9.53 -12.85
CA HIS A 35 -0.54 -9.72 -12.58
C HIS A 35 -1.02 -8.88 -11.38
N THR A 36 -0.08 -8.51 -10.51
CA THR A 36 -0.38 -7.77 -9.28
C THR A 36 -0.61 -6.27 -9.52
N ARG A 37 -0.41 -5.78 -10.77
CA ARG A 37 -0.65 -4.35 -11.13
C ARG A 37 -2.06 -3.90 -10.72
N PHE A 38 -3.03 -4.80 -10.95
CA PHE A 38 -4.44 -4.56 -10.74
C PHE A 38 -4.78 -4.46 -9.24
N VAL A 39 -4.23 -5.40 -8.43
CA VAL A 39 -4.51 -5.43 -6.98
C VAL A 39 -3.87 -4.22 -6.27
N PHE A 40 -2.70 -3.78 -6.78
CA PHE A 40 -2.00 -2.57 -6.29
C PHE A 40 -2.86 -1.31 -6.59
N GLN A 41 -3.45 -1.27 -7.80
CA GLN A 41 -4.29 -0.12 -8.28
C GLN A 41 -5.59 0.02 -7.44
N LYS A 42 -6.26 -1.11 -7.19
CA LYS A 42 -7.54 -1.15 -6.44
C LYS A 42 -7.32 -0.72 -4.98
N ALA A 43 -6.31 -1.31 -4.37
CA ALA A 43 -5.89 -1.00 -3.00
C ALA A 43 -5.45 0.48 -2.86
N LEU A 44 -4.74 0.96 -3.89
CA LEU A 44 -4.22 2.35 -3.96
C LEU A 44 -5.37 3.36 -3.91
N ARG A 45 -6.34 3.16 -4.81
CA ARG A 45 -7.50 4.07 -4.97
C ARG A 45 -8.29 4.16 -3.65
N SER A 46 -8.55 2.99 -3.05
CA SER A 46 -9.31 2.88 -1.80
C SER A 46 -8.62 3.64 -0.66
N LEU A 47 -7.29 3.51 -0.55
CA LEU A 47 -6.50 4.15 0.53
C LEU A 47 -6.51 5.70 0.38
N GLN A 48 -6.42 6.15 -0.88
CA GLN A 48 -6.37 7.58 -1.24
C GLN A 48 -7.72 8.30 -0.96
N ARG A 49 -8.84 7.56 -0.99
CA ARG A 49 -10.16 8.14 -0.65
C ARG A 49 -10.53 7.88 0.83
N TYR A 50 -9.92 6.84 1.43
CA TYR A 50 -10.20 6.40 2.81
C TYR A 50 -9.52 7.36 3.81
N PRO A 51 -10.29 8.09 4.69
CA PRO A 51 -9.73 9.14 5.60
C PRO A 51 -9.09 8.56 6.89
N LEU A 52 -8.51 7.36 6.79
CA LEU A 52 -7.79 6.69 7.88
C LEU A 52 -6.38 6.36 7.37
N PRO A 53 -5.29 6.91 8.01
CA PRO A 53 -3.90 6.55 7.65
C PRO A 53 -3.58 5.08 8.02
N LEU A 54 -3.68 4.18 7.04
CA LEU A 54 -3.40 2.73 7.21
C LEU A 54 -1.90 2.52 7.45
N ARG A 55 -1.54 2.26 8.72
CA ARG A 55 -0.15 2.04 9.15
C ARG A 55 0.16 0.53 9.28
N SER A 56 -0.87 -0.33 9.21
CA SER A 56 -0.72 -1.79 9.38
C SER A 56 -1.67 -2.55 8.42
N GLY A 57 -1.27 -3.79 8.09
CA GLY A 57 -2.06 -4.70 7.26
C GLY A 57 -3.37 -5.15 7.94
N LYS A 58 -3.38 -5.10 9.28
CA LYS A 58 -4.60 -5.28 10.11
C LYS A 58 -5.71 -4.31 9.65
N GLU A 59 -5.30 -3.04 9.51
CA GLU A 59 -6.18 -1.90 9.15
C GLU A 59 -6.52 -1.95 7.64
N ALA A 60 -5.57 -2.44 6.83
CA ALA A 60 -5.71 -2.53 5.37
C ALA A 60 -6.68 -3.67 4.95
N LYS A 61 -6.73 -4.71 5.80
CA LYS A 61 -7.45 -5.97 5.52
C LYS A 61 -8.99 -5.79 5.51
N ILE A 62 -9.48 -4.75 6.18
CA ILE A 62 -10.94 -4.48 6.27
C ILE A 62 -11.47 -3.92 4.93
N LEU A 63 -10.58 -3.41 4.07
CA LEU A 63 -10.91 -2.97 2.72
C LEU A 63 -10.63 -4.13 1.73
N GLN A 64 -11.68 -4.61 1.06
CA GLN A 64 -11.63 -5.82 0.21
C GLN A 64 -10.89 -5.57 -1.13
N HIS A 65 -10.69 -4.29 -1.50
CA HIS A 65 -9.88 -3.90 -2.69
C HIS A 65 -8.37 -4.23 -2.47
N PHE A 66 -7.97 -4.42 -1.22
CA PHE A 66 -6.64 -4.93 -0.84
C PHE A 66 -6.67 -6.47 -0.92
N GLY A 67 -7.30 -7.12 0.07
CA GLY A 67 -7.32 -8.58 0.16
C GLY A 67 -6.21 -9.13 1.05
N ASP A 68 -6.25 -10.46 1.26
CA ASP A 68 -5.31 -11.17 2.17
C ASP A 68 -3.84 -10.94 1.77
N ARG A 69 -3.49 -11.33 0.51
CA ARG A 69 -2.11 -11.26 -0.04
C ARG A 69 -1.52 -9.85 0.07
N LEU A 70 -2.33 -8.88 -0.36
CA LEU A 70 -1.95 -7.45 -0.47
C LEU A 70 -1.63 -6.88 0.93
N CYS A 71 -2.55 -7.07 1.89
CA CYS A 71 -2.41 -6.54 3.26
C CYS A 71 -1.23 -7.19 4.00
N ARG A 72 -0.98 -8.48 3.70
CA ARG A 72 0.18 -9.23 4.21
C ARG A 72 1.49 -8.66 3.67
N MET A 73 1.53 -8.30 2.36
CA MET A 73 2.71 -7.66 1.73
C MET A 73 3.00 -6.32 2.42
N LEU A 74 1.96 -5.48 2.53
CA LEU A 74 2.04 -4.13 3.16
C LEU A 74 2.54 -4.20 4.62
N ASP A 75 2.03 -5.18 5.36
CA ASP A 75 2.30 -5.34 6.81
C ASP A 75 3.73 -5.86 7.03
N GLU A 76 4.13 -6.82 6.22
CA GLU A 76 5.49 -7.38 6.26
C GLU A 76 6.53 -6.33 5.83
N LYS A 77 6.23 -5.55 4.78
CA LYS A 77 7.10 -4.46 4.30
C LYS A 77 7.26 -3.38 5.38
N LEU A 78 6.14 -3.03 6.04
CA LEU A 78 6.09 -2.03 7.14
C LEU A 78 6.98 -2.51 8.30
N LYS A 79 6.90 -3.82 8.59
CA LYS A 79 7.73 -4.50 9.60
C LYS A 79 9.23 -4.42 9.24
N GLN A 80 9.55 -4.58 7.93
CA GLN A 80 10.95 -4.54 7.44
C GLN A 80 11.50 -3.10 7.52
N HIS A 81 10.59 -2.14 7.32
CA HIS A 81 10.88 -0.70 7.42
C HIS A 81 11.12 -0.31 8.91
N LEU A 82 10.44 -1.00 9.85
CA LEU A 82 10.66 -0.82 11.30
C LEU A 82 11.97 -1.53 11.74
N ALA A 83 12.26 -2.68 11.11
CA ALA A 83 13.39 -3.54 11.47
C ALA A 83 14.74 -2.95 11.02
N SER A 84 14.74 -2.33 9.82
CA SER A 84 15.95 -1.79 9.18
C SER A 84 15.95 -0.24 9.14
N GLY A 85 14.81 0.41 9.48
CA GLY A 85 14.68 1.88 9.34
C GLY A 85 14.17 2.25 7.95
N GLY A 86 14.82 1.67 6.94
CA GLY A 86 14.41 1.76 5.55
C GLY A 86 15.17 0.75 4.72
N ASP A 87 14.73 0.50 3.48
CA ASP A 87 15.42 -0.44 2.57
C ASP A 87 16.46 0.35 1.73
N ARG A 8 -9.96 17.74 1.38
CA ARG A 8 -11.39 18.08 1.63
C ARG A 8 -11.73 18.04 3.16
N PRO A 9 -11.42 16.92 3.93
CA PRO A 9 -11.68 16.89 5.40
C PRO A 9 -10.66 17.77 6.18
N LEU A 10 -9.39 17.67 5.77
CA LEU A 10 -8.25 18.40 6.35
C LEU A 10 -7.10 18.40 5.30
N PRO A 11 -6.13 19.39 5.34
CA PRO A 11 -5.05 19.51 4.32
C PRO A 11 -4.17 18.23 4.23
N VAL A 12 -3.70 17.76 5.39
CA VAL A 12 -2.89 16.53 5.49
C VAL A 12 -3.82 15.32 5.76
N CYS A 13 -4.27 14.69 4.65
CA CYS A 13 -5.10 13.46 4.70
C CYS A 13 -4.26 12.29 5.27
N PRO A 14 -4.83 11.42 6.18
CA PRO A 14 -4.08 10.32 6.84
C PRO A 14 -3.66 9.20 5.87
N ASN A 15 -2.56 9.47 5.13
CA ASN A 15 -1.96 8.53 4.16
C ASN A 15 -0.66 7.94 4.77
N PRO A 16 -0.60 6.59 4.99
CA PRO A 16 0.65 5.91 5.44
C PRO A 16 1.70 5.81 4.31
N LEU A 17 2.78 5.03 4.52
CA LEU A 17 3.78 4.73 3.46
C LEU A 17 3.17 3.83 2.36
N PHE A 18 2.03 3.20 2.67
CA PHE A 18 1.34 2.27 1.77
C PHE A 18 0.85 2.98 0.49
N VAL A 19 0.67 4.32 0.53
CA VAL A 19 0.27 5.09 -0.67
C VAL A 19 1.35 4.99 -1.76
N ARG A 20 2.62 5.32 -1.40
CA ARG A 20 3.73 5.31 -2.37
C ARG A 20 4.08 3.87 -2.77
N TRP A 21 3.92 2.93 -1.81
CA TRP A 21 4.24 1.50 -2.01
C TRP A 21 3.27 0.86 -3.02
N LEU A 22 1.97 1.12 -2.88
CA LEU A 22 0.94 0.63 -3.83
C LEU A 22 1.13 1.25 -5.23
N THR A 23 1.62 2.50 -5.26
CA THR A 23 1.90 3.23 -6.50
C THR A 23 3.09 2.61 -7.27
N GLU A 24 4.21 2.40 -6.54
CA GLU A 24 5.48 1.95 -7.15
C GLU A 24 5.42 0.47 -7.56
N TRP A 25 4.78 -0.38 -6.73
CA TRP A 25 4.66 -1.84 -7.01
C TRP A 25 3.67 -2.08 -8.16
N ARG A 26 2.66 -1.21 -8.28
CA ARG A 26 1.76 -1.15 -9.44
C ARG A 26 2.56 -0.88 -10.73
N ASP A 27 3.46 0.12 -10.65
CA ASP A 27 4.27 0.56 -11.79
C ASP A 27 5.32 -0.50 -12.16
N GLU A 28 5.80 -1.24 -11.13
CA GLU A 28 6.74 -2.37 -11.32
C GLU A 28 5.99 -3.59 -11.88
N ALA A 29 4.71 -3.73 -11.54
CA ALA A 29 3.86 -4.83 -12.06
C ALA A 29 3.46 -4.59 -13.52
N ALA A 30 3.52 -3.33 -13.94
CA ALA A 30 3.28 -2.92 -15.33
C ALA A 30 4.59 -3.03 -16.16
N SER A 31 5.70 -2.59 -15.55
CA SER A 31 7.02 -2.50 -16.21
C SER A 31 7.66 -3.88 -16.37
N ARG A 32 7.68 -4.66 -15.27
CA ARG A 32 8.25 -6.02 -15.21
C ARG A 32 7.25 -7.08 -15.76
N GLY A 33 6.03 -6.64 -16.11
CA GLY A 33 5.00 -7.52 -16.69
C GLY A 33 4.46 -8.56 -15.71
N ARG A 34 4.27 -8.14 -14.45
CA ARG A 34 3.77 -9.02 -13.37
C ARG A 34 2.23 -9.06 -13.32
N HIS A 35 1.60 -8.07 -14.00
CA HIS A 35 0.13 -7.96 -14.22
C HIS A 35 -0.67 -7.61 -12.94
N THR A 36 -0.03 -7.70 -11.76
CA THR A 36 -0.68 -7.43 -10.45
C THR A 36 -0.92 -5.93 -10.20
N ARG A 37 -0.64 -5.09 -11.23
CA ARG A 37 -0.80 -3.63 -11.14
C ARG A 37 -2.25 -3.24 -10.77
N PHE A 38 -3.22 -4.08 -11.17
CA PHE A 38 -4.65 -3.84 -10.96
C PHE A 38 -5.05 -3.98 -9.48
N VAL A 39 -4.49 -4.98 -8.76
CA VAL A 39 -4.81 -5.17 -7.33
C VAL A 39 -4.14 -4.07 -6.49
N PHE A 40 -2.92 -3.67 -6.90
CA PHE A 40 -2.17 -2.55 -6.27
C PHE A 40 -2.84 -1.19 -6.59
N GLN A 41 -3.51 -1.10 -7.76
CA GLN A 41 -4.18 0.13 -8.27
C GLN A 41 -5.49 0.40 -7.51
N LYS A 42 -6.33 -0.66 -7.40
CA LYS A 42 -7.64 -0.56 -6.74
C LYS A 42 -7.48 -0.38 -5.22
N ALA A 43 -6.39 -0.97 -4.68
CA ALA A 43 -6.01 -0.80 -3.28
C ALA A 43 -5.56 0.65 -3.02
N LEU A 44 -4.76 1.19 -3.96
CA LEU A 44 -4.27 2.58 -3.92
C LEU A 44 -5.45 3.58 -3.89
N ARG A 45 -6.38 3.40 -4.84
CA ARG A 45 -7.55 4.28 -5.03
C ARG A 45 -8.44 4.31 -3.78
N SER A 46 -8.74 3.11 -3.25
CA SER A 46 -9.57 2.96 -2.06
C SER A 46 -8.87 3.55 -0.81
N LEU A 47 -7.53 3.45 -0.77
CA LEU A 47 -6.70 3.99 0.35
C LEU A 47 -6.77 5.53 0.37
N GLN A 48 -6.82 6.15 -0.82
CA GLN A 48 -6.96 7.62 -0.97
C GLN A 48 -8.36 8.08 -0.55
N ARG A 49 -9.33 7.19 -0.75
CA ARG A 49 -10.74 7.42 -0.38
C ARG A 49 -11.04 6.89 1.04
N TYR A 50 -10.04 6.26 1.70
CA TYR A 50 -10.17 5.71 3.07
C TYR A 50 -9.42 6.63 4.05
N PRO A 51 -10.14 7.53 4.80
CA PRO A 51 -9.51 8.51 5.73
C PRO A 51 -9.07 7.89 7.09
N LEU A 52 -9.22 6.55 7.23
CA LEU A 52 -8.74 5.82 8.41
C LEU A 52 -7.22 5.54 8.22
N PRO A 53 -6.33 6.07 9.12
CA PRO A 53 -4.85 5.89 9.00
C PRO A 53 -4.41 4.43 9.22
N LEU A 54 -4.29 3.69 8.11
CA LEU A 54 -3.78 2.31 8.09
C LEU A 54 -2.26 2.33 8.37
N ARG A 55 -1.86 2.41 9.65
CA ARG A 55 -0.42 2.44 10.03
C ARG A 55 0.18 1.03 10.03
N SER A 56 -0.70 0.03 10.18
CA SER A 56 -0.38 -1.40 10.04
C SER A 56 -1.06 -1.92 8.79
N GLY A 57 -0.36 -2.79 8.04
CA GLY A 57 -0.90 -3.35 6.80
C GLY A 57 -1.87 -4.49 7.02
N LYS A 58 -1.94 -5.00 8.27
CA LYS A 58 -2.97 -5.97 8.68
C LYS A 58 -4.36 -5.29 8.69
N GLU A 59 -4.38 -3.95 8.79
CA GLU A 59 -5.61 -3.14 8.70
C GLU A 59 -6.13 -3.06 7.25
N ALA A 60 -5.27 -3.41 6.28
CA ALA A 60 -5.65 -3.51 4.86
C ALA A 60 -6.59 -4.72 4.61
N LYS A 61 -6.64 -5.66 5.59
CA LYS A 61 -7.53 -6.84 5.54
C LYS A 61 -9.02 -6.43 5.58
N ILE A 62 -9.35 -5.37 6.36
CA ILE A 62 -10.76 -4.90 6.51
C ILE A 62 -11.28 -4.25 5.20
N LEU A 63 -10.36 -4.03 4.25
CA LEU A 63 -10.70 -3.69 2.87
C LEU A 63 -10.36 -4.90 1.95
N GLN A 64 -11.41 -5.57 1.45
CA GLN A 64 -11.27 -6.72 0.53
C GLN A 64 -10.73 -6.28 -0.86
N HIS A 65 -10.73 -4.95 -1.11
CA HIS A 65 -10.14 -4.34 -2.32
C HIS A 65 -8.63 -4.60 -2.40
N PHE A 66 -7.97 -4.68 -1.23
CA PHE A 66 -6.55 -5.01 -1.13
C PHE A 66 -6.39 -6.55 -1.25
N GLY A 67 -7.11 -7.27 -0.38
CA GLY A 67 -7.03 -8.73 -0.31
C GLY A 67 -6.02 -9.20 0.73
N ASP A 68 -6.10 -10.50 1.12
CA ASP A 68 -5.23 -11.09 2.17
C ASP A 68 -3.73 -11.01 1.82
N ARG A 69 -3.40 -11.34 0.57
CA ARG A 69 -1.99 -11.44 0.10
C ARG A 69 -1.33 -10.05 0.09
N LEU A 70 -2.07 -9.05 -0.40
CA LEU A 70 -1.61 -7.66 -0.49
C LEU A 70 -1.56 -7.03 0.93
N CYS A 71 -2.54 -7.38 1.77
CA CYS A 71 -2.59 -6.98 3.19
C CYS A 71 -1.35 -7.48 3.95
N ARG A 72 -0.95 -8.71 3.61
CA ARG A 72 0.21 -9.38 4.19
C ARG A 72 1.50 -8.65 3.73
N MET A 73 1.54 -8.30 2.42
CA MET A 73 2.67 -7.53 1.82
C MET A 73 2.87 -6.20 2.57
N LEU A 74 1.80 -5.40 2.69
CA LEU A 74 1.82 -4.08 3.36
C LEU A 74 2.24 -4.19 4.84
N ASP A 75 1.74 -5.22 5.53
CA ASP A 75 2.00 -5.43 6.97
C ASP A 75 3.46 -5.76 7.23
N GLU A 76 3.98 -6.68 6.42
CA GLU A 76 5.36 -7.15 6.50
C GLU A 76 6.34 -6.05 6.07
N LYS A 77 6.02 -5.36 4.99
CA LYS A 77 6.89 -4.29 4.42
C LYS A 77 7.02 -3.09 5.37
N LEU A 78 5.93 -2.77 6.09
CA LEU A 78 5.94 -1.73 7.14
C LEU A 78 6.89 -2.17 8.25
N LYS A 79 6.78 -3.45 8.62
CA LYS A 79 7.68 -4.11 9.59
C LYS A 79 9.14 -4.11 9.10
N GLN A 80 9.38 -4.19 7.76
CA GLN A 80 10.74 -4.16 7.18
C GLN A 80 11.30 -2.73 7.22
N HIS A 81 10.39 -1.75 7.08
CA HIS A 81 10.73 -0.32 7.23
C HIS A 81 11.14 -0.01 8.69
N LEU A 82 10.57 -0.76 9.65
CA LEU A 82 10.91 -0.60 11.09
C LEU A 82 12.24 -1.31 11.42
N ALA A 83 12.33 -2.59 11.03
CA ALA A 83 13.43 -3.49 11.40
C ALA A 83 14.74 -3.12 10.67
N SER A 84 14.62 -2.76 9.38
CA SER A 84 15.75 -2.36 8.54
C SER A 84 15.96 -0.83 8.59
N GLY A 85 14.87 -0.07 8.80
CA GLY A 85 14.93 1.40 8.87
C GLY A 85 14.86 2.02 7.48
N GLY A 86 15.97 2.66 7.07
CA GLY A 86 16.06 3.30 5.77
C GLY A 86 17.49 3.72 5.41
N ASP A 87 18.46 3.02 6.00
CA ASP A 87 19.90 3.26 5.78
C ASP A 87 20.57 1.92 5.41
N ARG A 8 -14.02 19.67 -2.53
CA ARG A 8 -12.86 19.68 -1.61
C ARG A 8 -12.63 18.26 -1.01
N PRO A 9 -11.81 17.39 -1.68
CA PRO A 9 -11.41 16.08 -1.11
C PRO A 9 -10.45 16.24 0.09
N LEU A 10 -10.73 15.51 1.18
CA LEU A 10 -9.87 15.52 2.40
C LEU A 10 -9.89 14.14 3.09
N PRO A 11 -9.14 13.13 2.55
CA PRO A 11 -8.85 11.87 3.26
C PRO A 11 -7.63 12.07 4.21
N VAL A 12 -7.82 11.79 5.51
CA VAL A 12 -6.74 11.95 6.51
C VAL A 12 -5.60 10.94 6.24
N CYS A 13 -4.48 11.47 5.72
CA CYS A 13 -3.28 10.69 5.41
C CYS A 13 -2.16 11.05 6.43
N PRO A 14 -2.04 10.28 7.55
CA PRO A 14 -1.03 10.54 8.61
C PRO A 14 0.28 9.75 8.35
N ASN A 15 0.73 9.81 7.07
CA ASN A 15 1.83 8.99 6.52
C ASN A 15 1.46 7.49 6.62
N PRO A 16 0.60 6.97 5.69
CA PRO A 16 0.24 5.52 5.61
C PRO A 16 1.43 4.61 5.20
N LEU A 17 2.33 5.17 4.36
CA LEU A 17 3.45 4.45 3.67
C LEU A 17 2.96 3.56 2.52
N PHE A 18 1.78 2.94 2.69
CA PHE A 18 1.16 2.06 1.70
C PHE A 18 0.78 2.80 0.41
N VAL A 19 0.61 4.14 0.48
CA VAL A 19 0.26 4.96 -0.71
C VAL A 19 1.40 4.90 -1.74
N ARG A 20 2.62 5.30 -1.30
CA ARG A 20 3.81 5.29 -2.17
C ARG A 20 4.15 3.87 -2.64
N TRP A 21 3.99 2.88 -1.73
CA TRP A 21 4.32 1.46 -2.01
C TRP A 21 3.38 0.85 -3.07
N LEU A 22 2.07 1.05 -2.93
CA LEU A 22 1.07 0.54 -3.89
C LEU A 22 1.24 1.19 -5.28
N THR A 23 1.75 2.44 -5.29
CA THR A 23 2.03 3.19 -6.54
C THR A 23 3.28 2.61 -7.27
N GLU A 24 4.37 2.38 -6.52
CA GLU A 24 5.66 1.93 -7.11
C GLU A 24 5.59 0.47 -7.56
N TRP A 25 4.84 -0.37 -6.81
CA TRP A 25 4.66 -1.81 -7.13
C TRP A 25 3.68 -1.96 -8.32
N ARG A 26 2.74 -1.02 -8.43
CA ARG A 26 1.84 -0.90 -9.60
C ARG A 26 2.68 -0.60 -10.87
N ASP A 27 3.66 0.29 -10.71
CA ASP A 27 4.57 0.71 -11.79
C ASP A 27 5.50 -0.46 -12.19
N GLU A 28 5.93 -1.25 -11.19
CA GLU A 28 6.69 -2.50 -11.43
C GLU A 28 5.82 -3.51 -12.17
N ALA A 29 4.55 -3.59 -11.80
CA ALA A 29 3.61 -4.51 -12.42
C ALA A 29 3.29 -4.13 -13.89
N ALA A 30 3.55 -2.85 -14.24
CA ALA A 30 3.48 -2.38 -15.63
C ALA A 30 4.81 -2.63 -16.39
N SER A 31 5.97 -2.53 -15.69
CA SER A 31 7.32 -2.57 -16.32
C SER A 31 8.00 -3.95 -16.19
N ARG A 32 8.15 -4.44 -14.95
CA ARG A 32 8.65 -5.81 -14.64
C ARG A 32 7.73 -6.88 -15.26
N GLY A 33 6.41 -6.64 -15.18
CA GLY A 33 5.40 -7.56 -15.70
C GLY A 33 4.80 -8.43 -14.61
N ARG A 34 4.65 -7.84 -13.41
CA ARG A 34 4.05 -8.50 -12.24
C ARG A 34 2.52 -8.69 -12.47
N HIS A 35 1.94 -7.80 -13.33
CA HIS A 35 0.52 -7.82 -13.78
C HIS A 35 -0.48 -7.37 -12.68
N THR A 36 -0.04 -7.39 -11.42
CA THR A 36 -0.88 -7.07 -10.25
C THR A 36 -1.14 -5.56 -10.09
N ARG A 37 -0.80 -4.76 -11.12
CA ARG A 37 -1.01 -3.30 -11.13
C ARG A 37 -2.49 -2.92 -10.97
N PHE A 38 -3.37 -3.87 -11.34
CA PHE A 38 -4.82 -3.70 -11.25
C PHE A 38 -5.31 -3.81 -9.79
N VAL A 39 -4.77 -4.78 -9.01
CA VAL A 39 -5.12 -4.93 -7.58
C VAL A 39 -4.39 -3.87 -6.72
N PHE A 40 -3.15 -3.53 -7.12
CA PHE A 40 -2.38 -2.42 -6.50
C PHE A 40 -3.09 -1.08 -6.78
N GLN A 41 -3.77 -0.99 -7.95
CA GLN A 41 -4.57 0.19 -8.32
C GLN A 41 -5.80 0.30 -7.41
N LYS A 42 -6.59 -0.78 -7.30
CA LYS A 42 -7.86 -0.79 -6.52
C LYS A 42 -7.60 -0.55 -5.02
N ALA A 43 -6.55 -1.18 -4.49
CA ALA A 43 -6.13 -1.05 -3.09
C ALA A 43 -5.65 0.39 -2.80
N LEU A 44 -4.91 0.95 -3.77
CA LEU A 44 -4.37 2.33 -3.70
C LEU A 44 -5.49 3.37 -3.74
N ARG A 45 -6.38 3.24 -4.74
CA ARG A 45 -7.45 4.20 -5.01
C ARG A 45 -8.45 4.23 -3.84
N SER A 46 -8.82 3.03 -3.35
CA SER A 46 -9.72 2.89 -2.19
C SER A 46 -9.09 3.51 -0.94
N LEU A 47 -7.77 3.30 -0.75
CA LEU A 47 -6.99 3.88 0.39
C LEU A 47 -7.06 5.42 0.34
N GLN A 48 -6.93 5.96 -0.88
CA GLN A 48 -6.96 7.41 -1.15
C GLN A 48 -8.38 7.99 -0.96
N ARG A 49 -9.41 7.13 -1.03
CA ARG A 49 -10.81 7.53 -0.80
C ARG A 49 -11.29 7.11 0.61
N TYR A 50 -10.44 6.35 1.35
CA TYR A 50 -10.77 5.81 2.68
C TYR A 50 -10.18 6.75 3.77
N PRO A 51 -11.05 7.46 4.56
CA PRO A 51 -10.59 8.44 5.57
C PRO A 51 -10.23 7.80 6.93
N LEU A 52 -9.71 6.56 6.90
CA LEU A 52 -9.17 5.87 8.08
C LEU A 52 -7.63 5.75 7.96
N PRO A 53 -6.86 5.83 9.09
CA PRO A 53 -5.38 5.73 9.07
C PRO A 53 -4.90 4.28 8.82
N LEU A 54 -4.67 3.94 7.54
CA LEU A 54 -4.13 2.64 7.13
C LEU A 54 -2.58 2.73 7.11
N ARG A 55 -1.98 2.78 8.31
CA ARG A 55 -0.51 2.88 8.46
C ARG A 55 0.10 1.48 8.71
N SER A 56 -0.60 0.70 9.54
CA SER A 56 -0.23 -0.69 9.83
C SER A 56 -1.01 -1.64 8.91
N GLY A 57 -0.40 -2.79 8.57
CA GLY A 57 -1.05 -3.81 7.73
C GLY A 57 -2.34 -4.36 8.35
N LYS A 58 -2.34 -4.42 9.70
CA LYS A 58 -3.53 -4.79 10.51
C LYS A 58 -4.79 -3.99 10.09
N GLU A 59 -4.59 -2.71 9.75
CA GLU A 59 -5.66 -1.78 9.36
C GLU A 59 -6.03 -1.94 7.87
N ALA A 60 -5.00 -2.16 7.02
CA ALA A 60 -5.20 -2.36 5.56
C ALA A 60 -5.92 -3.70 5.25
N LYS A 61 -5.82 -4.64 6.22
CA LYS A 61 -6.34 -6.01 6.09
C LYS A 61 -7.88 -6.08 6.22
N ILE A 62 -8.50 -5.03 6.81
CA ILE A 62 -9.97 -4.98 7.01
C ILE A 62 -10.71 -4.76 5.66
N LEU A 63 -9.99 -4.23 4.64
CA LEU A 63 -10.56 -4.01 3.30
C LEU A 63 -10.25 -5.22 2.40
N GLN A 64 -11.26 -5.68 1.66
CA GLN A 64 -11.12 -6.79 0.69
C GLN A 64 -10.60 -6.26 -0.68
N HIS A 65 -10.55 -4.92 -0.85
CA HIS A 65 -9.87 -4.29 -2.02
C HIS A 65 -8.39 -4.71 -2.05
N PHE A 66 -7.82 -4.73 -0.85
CA PHE A 66 -6.53 -5.34 -0.56
C PHE A 66 -6.76 -6.86 -0.48
N GLY A 67 -7.40 -7.30 0.62
CA GLY A 67 -7.45 -8.71 1.00
C GLY A 67 -6.25 -9.08 1.85
N ASP A 68 -6.24 -10.31 2.38
CA ASP A 68 -5.20 -10.75 3.33
C ASP A 68 -3.80 -10.87 2.67
N ARG A 69 -3.74 -11.41 1.42
CA ARG A 69 -2.44 -11.69 0.74
C ARG A 69 -1.80 -10.40 0.18
N LEU A 70 -2.64 -9.49 -0.31
CA LEU A 70 -2.19 -8.15 -0.75
C LEU A 70 -1.63 -7.41 0.47
N CYS A 71 -2.42 -7.43 1.55
CA CYS A 71 -2.06 -6.81 2.84
C CYS A 71 -0.85 -7.51 3.48
N ARG A 72 -0.62 -8.80 3.15
CA ARG A 72 0.57 -9.55 3.61
C ARG A 72 1.83 -8.89 3.04
N MET A 73 1.79 -8.52 1.73
CA MET A 73 2.88 -7.76 1.08
C MET A 73 3.15 -6.44 1.83
N LEU A 74 2.06 -5.70 2.11
CA LEU A 74 2.11 -4.41 2.84
C LEU A 74 2.64 -4.56 4.28
N ASP A 75 2.19 -5.61 4.99
CA ASP A 75 2.47 -5.81 6.43
C ASP A 75 3.92 -6.27 6.64
N GLU A 76 4.38 -7.16 5.74
CA GLU A 76 5.77 -7.62 5.71
C GLU A 76 6.71 -6.42 5.48
N LYS A 77 6.40 -5.60 4.47
CA LYS A 77 7.19 -4.42 4.10
C LYS A 77 7.21 -3.36 5.22
N LEU A 78 6.05 -3.14 5.85
CA LEU A 78 5.91 -2.20 6.99
C LEU A 78 6.86 -2.65 8.13
N LYS A 79 6.81 -3.96 8.41
CA LYS A 79 7.66 -4.62 9.42
C LYS A 79 9.17 -4.57 9.03
N GLN A 80 9.47 -4.66 7.71
CA GLN A 80 10.86 -4.61 7.21
C GLN A 80 11.43 -3.19 7.33
N HIS A 81 10.53 -2.20 7.15
CA HIS A 81 10.85 -0.78 7.24
C HIS A 81 11.20 -0.40 8.70
N LEU A 82 10.44 -1.02 9.64
CA LEU A 82 10.68 -0.89 11.10
C LEU A 82 12.00 -1.55 11.50
N ALA A 83 12.22 -2.79 11.00
CA ALA A 83 13.39 -3.64 11.34
C ALA A 83 14.69 -3.09 10.72
N SER A 84 14.56 -2.26 9.67
CA SER A 84 15.70 -1.66 8.96
C SER A 84 16.14 -0.35 9.65
N GLY A 85 15.25 0.67 9.61
CA GLY A 85 15.57 2.00 10.13
C GLY A 85 16.21 2.89 9.06
N GLY A 86 17.26 2.35 8.40
CA GLY A 86 17.93 3.04 7.29
C GLY A 86 17.04 3.10 6.05
N ASP A 87 16.77 1.92 5.46
CA ASP A 87 15.83 1.78 4.33
C ASP A 87 14.38 1.86 4.85
N ARG A 8 0.98 15.68 -11.24
CA ARG A 8 0.43 14.59 -10.40
C ARG A 8 0.66 14.91 -8.90
N PRO A 9 -0.36 15.47 -8.18
CA PRO A 9 -0.27 15.71 -6.72
C PRO A 9 -0.38 14.36 -5.97
N LEU A 10 0.77 13.71 -5.73
CA LEU A 10 0.85 12.42 -5.01
C LEU A 10 1.78 12.54 -3.78
N PRO A 11 1.45 11.80 -2.66
CA PRO A 11 2.31 11.74 -1.46
C PRO A 11 3.67 11.07 -1.74
N VAL A 12 4.68 11.90 -2.07
CA VAL A 12 6.07 11.48 -2.28
C VAL A 12 6.89 11.64 -0.98
N CYS A 13 6.20 11.94 0.13
CA CYS A 13 6.78 12.01 1.48
C CYS A 13 7.06 10.58 2.01
N PRO A 14 8.13 10.38 2.86
CA PRO A 14 8.49 9.04 3.41
C PRO A 14 7.62 8.61 4.62
N ASN A 15 6.72 9.51 5.10
CA ASN A 15 5.82 9.20 6.24
C ASN A 15 4.66 8.26 5.81
N PRO A 16 3.83 8.58 4.74
CA PRO A 16 2.77 7.66 4.27
C PRO A 16 3.34 6.54 3.36
N LEU A 17 3.85 5.48 4.01
CA LEU A 17 4.51 4.35 3.34
C LEU A 17 3.57 3.56 2.41
N PHE A 18 2.38 3.23 2.92
CA PHE A 18 1.44 2.31 2.25
C PHE A 18 0.98 2.81 0.87
N VAL A 19 0.57 4.08 0.80
CA VAL A 19 0.05 4.67 -0.43
C VAL A 19 1.14 4.74 -1.52
N ARG A 20 2.35 5.22 -1.15
CA ARG A 20 3.46 5.37 -2.10
C ARG A 20 3.97 4.01 -2.58
N TRP A 21 3.82 2.98 -1.71
CA TRP A 21 4.20 1.59 -2.05
C TRP A 21 3.24 1.01 -3.10
N LEU A 22 1.93 1.18 -2.89
CA LEU A 22 0.92 0.69 -3.85
C LEU A 22 1.05 1.41 -5.21
N THR A 23 1.55 2.67 -5.18
CA THR A 23 1.83 3.46 -6.37
C THR A 23 3.06 2.92 -7.13
N GLU A 24 4.18 2.73 -6.40
CA GLU A 24 5.47 2.35 -7.01
C GLU A 24 5.47 0.89 -7.49
N TRP A 25 4.76 0.00 -6.75
CA TRP A 25 4.66 -1.42 -7.10
C TRP A 25 3.75 -1.62 -8.31
N ARG A 26 2.68 -0.77 -8.40
CA ARG A 26 1.80 -0.72 -9.59
C ARG A 26 2.56 -0.18 -10.82
N ASP A 27 3.48 0.78 -10.57
CA ASP A 27 4.31 1.40 -11.62
C ASP A 27 5.40 0.41 -12.12
N GLU A 28 5.92 -0.41 -11.18
CA GLU A 28 6.82 -1.53 -11.49
C GLU A 28 6.05 -2.65 -12.18
N ALA A 29 4.76 -2.77 -11.87
CA ALA A 29 3.87 -3.73 -12.49
C ALA A 29 3.48 -3.31 -13.92
N ALA A 30 3.58 -2.00 -14.19
CA ALA A 30 3.41 -1.45 -15.53
C ALA A 30 4.70 -1.62 -16.35
N SER A 31 5.85 -1.33 -15.70
CA SER A 31 7.17 -1.34 -16.35
C SER A 31 7.69 -2.78 -16.55
N ARG A 32 7.89 -3.50 -15.43
CA ARG A 32 8.39 -4.88 -15.42
C ARG A 32 7.28 -5.85 -15.91
N GLY A 33 6.13 -5.81 -15.22
CA GLY A 33 5.00 -6.68 -15.54
C GLY A 33 4.68 -7.67 -14.41
N ARG A 34 4.09 -7.14 -13.32
CA ARG A 34 3.63 -7.96 -12.18
C ARG A 34 2.15 -8.32 -12.39
N HIS A 35 1.75 -9.51 -11.93
CA HIS A 35 0.36 -10.01 -12.05
C HIS A 35 -0.56 -9.22 -11.10
N THR A 36 0.02 -8.85 -9.94
CA THR A 36 -0.67 -8.20 -8.83
C THR A 36 -0.98 -6.69 -9.08
N ARG A 37 -0.77 -6.21 -10.33
CA ARG A 37 -1.04 -4.79 -10.71
C ARG A 37 -2.49 -4.37 -10.40
N PHE A 38 -3.42 -5.30 -10.63
CA PHE A 38 -4.87 -5.08 -10.47
C PHE A 38 -5.24 -4.87 -8.99
N VAL A 39 -4.66 -5.70 -8.10
CA VAL A 39 -4.92 -5.60 -6.64
C VAL A 39 -4.17 -4.40 -6.04
N PHE A 40 -2.99 -4.04 -6.62
CA PHE A 40 -2.24 -2.81 -6.24
C PHE A 40 -3.08 -1.56 -6.57
N GLN A 41 -3.75 -1.60 -7.74
CA GLN A 41 -4.59 -0.49 -8.26
C GLN A 41 -5.80 -0.24 -7.35
N LYS A 42 -6.60 -1.28 -7.13
CA LYS A 42 -7.88 -1.15 -6.39
C LYS A 42 -7.63 -0.84 -4.91
N ALA A 43 -6.50 -1.34 -4.37
CA ALA A 43 -6.07 -1.03 -3.00
C ALA A 43 -5.58 0.42 -2.89
N LEU A 44 -4.82 0.87 -3.92
CA LEU A 44 -4.29 2.26 -3.97
C LEU A 44 -5.43 3.28 -4.01
N ARG A 45 -6.39 3.04 -4.90
CA ARG A 45 -7.52 3.96 -5.15
C ARG A 45 -8.46 3.96 -3.92
N SER A 46 -8.63 2.77 -3.32
CA SER A 46 -9.37 2.59 -2.06
C SER A 46 -8.72 3.39 -0.93
N LEU A 47 -7.37 3.41 -0.89
CA LEU A 47 -6.59 4.13 0.14
C LEU A 47 -6.71 5.65 -0.09
N GLN A 48 -6.75 6.05 -1.37
CA GLN A 48 -6.90 7.47 -1.78
C GLN A 48 -8.22 8.07 -1.27
N ARG A 49 -9.32 7.31 -1.44
CA ARG A 49 -10.66 7.76 -1.03
C ARG A 49 -10.91 7.53 0.47
N TYR A 50 -10.12 6.62 1.09
CA TYR A 50 -10.25 6.28 2.52
C TYR A 50 -9.43 7.28 3.37
N PRO A 51 -10.10 8.17 4.18
CA PRO A 51 -9.42 9.28 4.90
C PRO A 51 -8.58 8.79 6.11
N LEU A 52 -8.94 7.61 6.64
CA LEU A 52 -8.21 6.96 7.74
C LEU A 52 -6.78 6.58 7.24
N PRO A 53 -5.69 7.20 7.82
CA PRO A 53 -4.30 6.96 7.34
C PRO A 53 -3.84 5.52 7.64
N LEU A 54 -3.85 4.68 6.59
CA LEU A 54 -3.46 3.26 6.69
C LEU A 54 -1.94 3.15 6.88
N ARG A 55 -1.55 2.91 8.14
CA ARG A 55 -0.14 2.83 8.56
C ARG A 55 0.25 1.37 8.77
N SER A 56 -0.67 0.58 9.35
CA SER A 56 -0.49 -0.85 9.60
C SER A 56 -1.41 -1.66 8.67
N GLY A 57 -0.94 -2.85 8.24
CA GLY A 57 -1.75 -3.75 7.39
C GLY A 57 -2.96 -4.30 8.09
N LYS A 58 -2.93 -4.24 9.43
CA LYS A 58 -4.09 -4.43 10.31
C LYS A 58 -5.27 -3.53 9.86
N GLU A 59 -4.95 -2.24 9.64
CA GLU A 59 -5.90 -1.22 9.20
C GLU A 59 -6.25 -1.39 7.71
N ALA A 60 -5.22 -1.75 6.91
CA ALA A 60 -5.34 -1.86 5.44
C ALA A 60 -6.22 -3.04 5.00
N LYS A 61 -6.13 -4.16 5.73
CA LYS A 61 -6.75 -5.45 5.35
C LYS A 61 -8.29 -5.41 5.48
N ILE A 62 -8.81 -4.49 6.33
CA ILE A 62 -10.27 -4.43 6.65
C ILE A 62 -11.12 -4.11 5.40
N LEU A 63 -10.51 -3.40 4.43
CA LEU A 63 -11.20 -2.98 3.20
C LEU A 63 -11.24 -4.15 2.19
N GLN A 64 -12.36 -4.24 1.45
CA GLN A 64 -12.63 -5.33 0.48
C GLN A 64 -12.05 -4.97 -0.91
N HIS A 65 -10.87 -4.31 -0.90
CA HIS A 65 -10.12 -3.91 -2.11
C HIS A 65 -8.64 -4.31 -1.96
N PHE A 66 -8.16 -4.32 -0.70
CA PHE A 66 -6.84 -4.84 -0.36
C PHE A 66 -6.91 -6.37 -0.30
N GLY A 67 -7.46 -6.91 0.81
CA GLY A 67 -7.52 -8.35 1.03
C GLY A 67 -6.24 -8.92 1.64
N ASP A 68 -6.22 -10.26 1.82
CA ASP A 68 -5.13 -10.97 2.54
C ASP A 68 -3.78 -10.92 1.79
N ARG A 69 -3.81 -11.18 0.47
CA ARG A 69 -2.61 -11.21 -0.39
C ARG A 69 -1.89 -9.84 -0.40
N LEU A 70 -2.69 -8.79 -0.64
CA LEU A 70 -2.21 -7.39 -0.71
C LEU A 70 -1.61 -6.99 0.65
N CYS A 71 -2.41 -7.21 1.71
CA CYS A 71 -2.03 -6.86 3.09
C CYS A 71 -0.76 -7.59 3.54
N ARG A 72 -0.58 -8.82 3.05
CA ARG A 72 0.63 -9.61 3.34
C ARG A 72 1.87 -8.93 2.76
N MET A 73 1.79 -8.47 1.50
CA MET A 73 2.95 -7.84 0.84
C MET A 73 3.23 -6.47 1.48
N LEU A 74 2.15 -5.76 1.79
CA LEU A 74 2.18 -4.36 2.27
C LEU A 74 2.71 -4.26 3.72
N ASP A 75 2.11 -5.07 4.62
CA ASP A 75 2.41 -5.07 6.07
C ASP A 75 3.75 -5.76 6.41
N GLU A 76 4.10 -6.81 5.65
CA GLU A 76 5.38 -7.50 5.81
C GLU A 76 6.54 -6.57 5.41
N LYS A 77 6.36 -5.89 4.27
CA LYS A 77 7.27 -4.81 3.82
C LYS A 77 7.42 -3.74 4.91
N LEU A 78 6.28 -3.31 5.48
CA LEU A 78 6.23 -2.35 6.62
C LEU A 78 7.11 -2.83 7.78
N LYS A 79 6.98 -4.12 8.08
CA LYS A 79 7.69 -4.78 9.18
C LYS A 79 9.20 -4.77 8.91
N GLN A 80 9.61 -5.08 7.67
CA GLN A 80 11.04 -5.22 7.30
C GLN A 80 11.71 -3.84 7.22
N HIS A 81 10.92 -2.85 6.79
CA HIS A 81 11.36 -1.45 6.68
C HIS A 81 11.65 -0.88 8.09
N LEU A 82 10.69 -1.09 9.01
CA LEU A 82 10.75 -0.54 10.38
C LEU A 82 11.63 -1.42 11.30
N ALA A 83 11.90 -2.68 10.88
CA ALA A 83 12.83 -3.58 11.60
C ALA A 83 14.28 -3.13 11.35
N SER A 84 14.55 -2.67 10.12
CA SER A 84 15.85 -2.12 9.74
C SER A 84 16.01 -0.70 10.29
N GLY A 85 15.12 0.22 9.86
CA GLY A 85 15.12 1.61 10.34
C GLY A 85 14.01 2.44 9.72
N GLY A 86 14.37 3.58 9.10
CA GLY A 86 13.41 4.46 8.41
C GLY A 86 13.78 5.92 8.53
N ASP A 87 12.88 6.80 8.05
CA ASP A 87 13.05 8.26 8.11
C ASP A 87 12.69 8.78 9.52
N ARG A 8 -11.10 14.88 14.94
CA ARG A 8 -10.14 14.30 13.96
C ARG A 8 -10.76 14.33 12.55
N PRO A 9 -10.50 15.40 11.73
CA PRO A 9 -10.78 15.38 10.28
C PRO A 9 -9.91 14.33 9.58
N LEU A 10 -10.48 13.59 8.60
CA LEU A 10 -9.80 12.45 7.92
C LEU A 10 -8.38 12.84 7.41
N PRO A 11 -7.29 12.50 8.18
CA PRO A 11 -5.95 13.02 7.94
C PRO A 11 -5.12 12.11 7.02
N VAL A 12 -5.17 12.41 5.71
CA VAL A 12 -4.30 11.76 4.72
C VAL A 12 -2.83 12.10 5.06
N CYS A 13 -2.14 11.13 5.70
CA CYS A 13 -0.74 11.29 6.14
C CYS A 13 0.16 11.70 4.95
N PRO A 14 1.11 12.69 5.13
CA PRO A 14 2.05 13.16 4.06
C PRO A 14 2.70 11.99 3.29
N ASN A 15 3.07 10.96 4.03
CA ASN A 15 3.58 9.68 3.49
C ASN A 15 3.13 8.53 4.44
N PRO A 16 1.98 7.84 4.11
CA PRO A 16 1.50 6.67 4.89
C PRO A 16 2.28 5.36 4.58
N LEU A 17 3.33 5.48 3.70
CA LEU A 17 4.22 4.37 3.25
C LEU A 17 3.53 3.47 2.21
N PHE A 18 2.35 2.97 2.59
CA PHE A 18 1.50 2.10 1.76
C PHE A 18 1.18 2.75 0.40
N VAL A 19 0.94 4.06 0.41
CA VAL A 19 0.68 4.85 -0.82
C VAL A 19 1.90 4.80 -1.77
N ARG A 20 3.10 4.90 -1.18
CA ARG A 20 4.37 4.85 -1.91
C ARG A 20 4.54 3.46 -2.57
N TRP A 21 4.32 2.40 -1.75
CA TRP A 21 4.56 1.01 -2.16
C TRP A 21 3.56 0.57 -3.23
N LEU A 22 2.28 0.92 -3.06
CA LEU A 22 1.22 0.55 -4.02
C LEU A 22 1.39 1.27 -5.37
N THR A 23 1.97 2.49 -5.34
CA THR A 23 2.25 3.27 -6.57
C THR A 23 3.44 2.67 -7.34
N GLU A 24 4.58 2.44 -6.63
CA GLU A 24 5.82 1.96 -7.26
C GLU A 24 5.65 0.52 -7.76
N TRP A 25 4.91 -0.31 -7.00
CA TRP A 25 4.62 -1.70 -7.37
C TRP A 25 3.68 -1.76 -8.58
N ARG A 26 2.71 -0.82 -8.63
CA ARG A 26 1.79 -0.68 -9.77
C ARG A 26 2.55 -0.34 -11.07
N ASP A 27 3.57 0.54 -10.91
CA ASP A 27 4.45 0.99 -12.01
C ASP A 27 5.34 -0.18 -12.49
N GLU A 28 5.88 -0.94 -11.52
CA GLU A 28 6.68 -2.15 -11.79
C GLU A 28 5.82 -3.18 -12.53
N ALA A 29 4.60 -3.40 -12.05
CA ALA A 29 3.67 -4.41 -12.60
C ALA A 29 3.16 -4.00 -14.00
N ALA A 30 3.20 -2.69 -14.30
CA ALA A 30 2.85 -2.16 -15.62
C ALA A 30 3.94 -2.48 -16.66
N SER A 31 5.21 -2.23 -16.29
CA SER A 31 6.37 -2.38 -17.19
C SER A 31 6.77 -3.87 -17.36
N ARG A 32 6.86 -4.56 -16.23
CA ARG A 32 7.35 -5.95 -16.13
C ARG A 32 6.25 -6.93 -16.60
N GLY A 33 4.99 -6.47 -16.63
CA GLY A 33 3.86 -7.25 -17.13
C GLY A 33 3.29 -8.21 -16.08
N ARG A 34 3.13 -7.70 -14.86
CA ARG A 34 2.43 -8.41 -13.76
C ARG A 34 0.96 -7.99 -13.71
N HIS A 35 0.07 -8.99 -13.62
CA HIS A 35 -1.40 -8.79 -13.53
C HIS A 35 -1.78 -8.10 -12.20
N THR A 36 -0.87 -8.18 -11.21
CA THR A 36 -1.03 -7.57 -9.88
C THR A 36 -1.08 -6.03 -9.93
N ARG A 37 -0.83 -5.42 -11.10
CA ARG A 37 -0.96 -3.95 -11.31
C ARG A 37 -2.33 -3.44 -10.83
N PHE A 38 -3.39 -4.22 -11.13
CA PHE A 38 -4.76 -3.86 -10.78
C PHE A 38 -5.05 -3.97 -9.28
N VAL A 39 -4.44 -4.94 -8.56
CA VAL A 39 -4.66 -5.08 -7.10
C VAL A 39 -3.88 -3.99 -6.33
N PHE A 40 -2.72 -3.58 -6.88
CA PHE A 40 -1.95 -2.43 -6.37
C PHE A 40 -2.73 -1.11 -6.61
N GLN A 41 -3.40 -1.05 -7.79
CA GLN A 41 -4.18 0.11 -8.24
C GLN A 41 -5.42 0.33 -7.38
N LYS A 42 -6.22 -0.74 -7.20
CA LYS A 42 -7.51 -0.65 -6.50
C LYS A 42 -7.29 -0.46 -5.00
N ALA A 43 -6.23 -1.07 -4.45
CA ALA A 43 -5.84 -0.92 -3.05
C ALA A 43 -5.38 0.52 -2.78
N LEU A 44 -4.63 1.08 -3.75
CA LEU A 44 -4.16 2.48 -3.71
C LEU A 44 -5.36 3.44 -3.66
N ARG A 45 -6.28 3.27 -4.63
CA ARG A 45 -7.49 4.12 -4.78
C ARG A 45 -8.38 4.06 -3.52
N SER A 46 -8.56 2.83 -3.00
CA SER A 46 -9.37 2.59 -1.80
C SER A 46 -8.76 3.31 -0.58
N LEU A 47 -7.42 3.30 -0.50
CA LEU A 47 -6.66 3.96 0.58
C LEU A 47 -6.84 5.49 0.50
N GLN A 48 -6.76 6.03 -0.74
CA GLN A 48 -6.84 7.48 -0.99
C GLN A 48 -8.18 8.07 -0.51
N ARG A 49 -9.26 7.29 -0.70
CA ARG A 49 -10.62 7.72 -0.30
C ARG A 49 -10.99 7.27 1.12
N TYR A 50 -10.22 6.30 1.69
CA TYR A 50 -10.51 5.73 3.02
C TYR A 50 -10.18 6.76 4.13
N PRO A 51 -11.13 7.06 5.07
CA PRO A 51 -10.95 8.11 6.11
C PRO A 51 -10.10 7.67 7.33
N LEU A 52 -9.12 6.77 7.10
CA LEU A 52 -8.23 6.25 8.15
C LEU A 52 -6.83 6.04 7.52
N PRO A 53 -5.74 6.64 8.12
CA PRO A 53 -4.36 6.47 7.62
C PRO A 53 -3.85 5.04 7.87
N LEU A 54 -3.82 4.22 6.79
CA LEU A 54 -3.37 2.81 6.86
C LEU A 54 -1.84 2.77 7.02
N ARG A 55 -1.42 2.57 8.27
CA ARG A 55 0.00 2.56 8.71
C ARG A 55 0.36 1.17 9.28
N SER A 56 -0.50 0.17 9.01
CA SER A 56 -0.30 -1.23 9.44
C SER A 56 -1.22 -2.14 8.61
N GLY A 57 -0.75 -3.39 8.35
CA GLY A 57 -1.54 -4.39 7.61
C GLY A 57 -2.77 -4.86 8.37
N LYS A 58 -2.78 -4.63 9.69
CA LYS A 58 -3.97 -4.78 10.54
C LYS A 58 -5.13 -3.92 10.00
N GLU A 59 -4.77 -2.66 9.65
CA GLU A 59 -5.72 -1.62 9.22
C GLU A 59 -6.02 -1.75 7.71
N ALA A 60 -5.12 -2.38 6.95
CA ALA A 60 -5.23 -2.50 5.49
C ALA A 60 -6.07 -3.72 5.06
N LYS A 61 -5.99 -4.82 5.85
CA LYS A 61 -6.65 -6.10 5.51
C LYS A 61 -8.19 -6.02 5.65
N ILE A 62 -8.67 -5.08 6.50
CA ILE A 62 -10.13 -4.86 6.68
C ILE A 62 -10.79 -4.38 5.37
N LEU A 63 -9.97 -3.88 4.41
CA LEU A 63 -10.40 -3.56 3.05
C LEU A 63 -10.06 -4.76 2.13
N GLN A 64 -11.08 -5.34 1.48
CA GLN A 64 -10.92 -6.54 0.63
C GLN A 64 -10.42 -6.21 -0.78
N HIS A 65 -10.29 -4.90 -1.11
CA HIS A 65 -9.58 -4.44 -2.33
C HIS A 65 -8.08 -4.72 -2.22
N PHE A 66 -7.60 -4.75 -0.95
CA PHE A 66 -6.27 -5.27 -0.61
C PHE A 66 -6.36 -6.81 -0.57
N GLY A 67 -7.01 -7.35 0.47
CA GLY A 67 -7.09 -8.79 0.68
C GLY A 67 -5.85 -9.36 1.37
N ASP A 68 -5.73 -10.70 1.40
CA ASP A 68 -4.64 -11.40 2.11
C ASP A 68 -3.26 -11.08 1.50
N ARG A 69 -3.10 -11.42 0.20
CA ARG A 69 -1.80 -11.39 -0.51
C ARG A 69 -1.18 -9.98 -0.47
N LEU A 70 -2.01 -9.00 -0.82
CA LEU A 70 -1.62 -7.58 -0.92
C LEU A 70 -1.20 -7.06 0.45
N CYS A 71 -2.10 -7.20 1.42
CA CYS A 71 -1.98 -6.55 2.73
C CYS A 71 -0.89 -7.21 3.60
N ARG A 72 -0.67 -8.50 3.38
CA ARG A 72 0.38 -9.28 4.07
C ARG A 72 1.77 -8.81 3.62
N MET A 73 1.95 -8.63 2.30
CA MET A 73 3.22 -8.13 1.73
C MET A 73 3.46 -6.68 2.13
N LEU A 74 2.37 -5.91 2.16
CA LEU A 74 2.37 -4.49 2.55
C LEU A 74 2.74 -4.36 4.05
N ASP A 75 2.29 -5.34 4.85
CA ASP A 75 2.57 -5.44 6.29
C ASP A 75 4.03 -5.90 6.55
N GLU A 76 4.56 -6.76 5.67
CA GLU A 76 5.97 -7.24 5.73
C GLU A 76 6.95 -6.09 5.44
N LYS A 77 6.56 -5.26 4.47
CA LYS A 77 7.25 -4.01 4.14
C LYS A 77 7.17 -3.03 5.31
N LEU A 78 5.95 -2.89 5.87
CA LEU A 78 5.69 -2.00 7.03
C LEU A 78 6.55 -2.44 8.22
N LYS A 79 6.71 -3.76 8.35
CA LYS A 79 7.46 -4.39 9.42
C LYS A 79 8.96 -4.11 9.23
N GLN A 80 9.46 -4.18 7.97
CA GLN A 80 10.90 -4.01 7.70
C GLN A 80 11.28 -2.54 7.87
N HIS A 81 10.31 -1.65 7.57
CA HIS A 81 10.42 -0.21 7.81
C HIS A 81 10.60 0.08 9.32
N LEU A 82 9.69 -0.48 10.14
CA LEU A 82 9.67 -0.22 11.60
C LEU A 82 10.85 -0.92 12.31
N ALA A 83 11.23 -2.11 11.84
CA ALA A 83 12.25 -2.95 12.49
C ALA A 83 13.66 -2.57 12.01
N SER A 84 13.91 -2.71 10.71
CA SER A 84 15.24 -2.47 10.12
C SER A 84 15.54 -0.96 9.97
N GLY A 85 14.49 -0.14 9.73
CA GLY A 85 14.65 1.31 9.57
C GLY A 85 14.33 2.09 10.84
N GLY A 86 13.96 1.39 11.92
CA GLY A 86 13.60 2.02 13.19
C GLY A 86 14.61 1.75 14.27
N ASP A 87 14.70 0.49 14.72
CA ASP A 87 15.60 0.05 15.80
C ASP A 87 16.49 -1.10 15.29
#